data_7UIK
#
_entry.id   7UIK
#
_cell.length_a   1.00
_cell.length_b   1.00
_cell.length_c   1.00
_cell.angle_alpha   90.00
_cell.angle_beta   90.00
_cell.angle_gamma   90.00
#
_symmetry.space_group_name_H-M   'P 1'
#
loop_
_entity.id
_entity.type
_entity.pdbx_description
1 polymer 'DNA (38-MER)'
2 polymer 'DNA (37-MER)'
3 polymer 'Regulatory protein GAL4'
4 polymer 'Mediator of RNA polymerase II transcription subunit 15'
5 polymer 'Mediator of RNA polymerase II transcription subunit 2'
6 polymer 'Mediator of RNA polymerase II transcription subunit 3'
7 polymer 'Mediator of RNA polymerase II transcription subunit 14'
8 polymer 'Mediator of RNA polymerase II transcription subunit 5'
9 polymer 'Mediator of RNA polymerase II transcription subunit 16'
10 non-polymer 'ZINC ION'
#
loop_
_entity_poly.entity_id
_entity_poly.type
_entity_poly.pdbx_seq_one_letter_code
_entity_poly.pdbx_strand_id
1 'polydeoxyribonucleotide'
;(DA)(DC)(DC)(DG)(DG)(DA)(DG)(DG)(DA)(DC)(DA)(DG)(DT)(DC)(DC)(DT)(DC)(DC)(DC)(DG)
(DA)(DC)(DT)(DG)(DA)(DC)(DT)(DG)(DA)(DC)(DG)(DT)(DC)(DG)(DT)(DA)(DC)(DG)
;
X
2 'polydeoxyribonucleotide'
;(DC)(DG)(DT)(DA)(DC)(DG)(DA)(DC)(DG)(DT)(DC)(DA)(DG)(DT)(DC)(DA)(DG)(DT)(DC)(DG)
(DG)(DG)(DA)(DG)(DG)(DA)(DC)(DT)(DG)(DT)(DC)(DC)(DT)(DC)(DC)(DG)(DG)
;
Y
3 'polypeptide(L)'
;MKLLSSIEQACDICRLKKLKCSKEKPKCAKCLKNNWECRYSPKTKRSPLTRAHLTEVESRLERLEQLFLLIFPREDLDMI
LKMDSLQDIKALLTGLFVQDNVNKDAVTDRLASVETDMPLTLRQHRISATSSSEESSNKGQRQLTVS
;
T,U
4 'polypeptide(L)'
;MSAAPVQDKDTLSNAERAKNVNGLLQVLMDINTLNGGSSDTADKIRIHAKNFEAALFAKSSSKKEYMDSMNEKVAVMRNT
YNTRKNAVTAAAANNNIKPVEQHHINNLKNSGNSANNMNVNMNLNPQMFLNQQAQARQQVAQQLRNQQQQQQQQQQQQRR
QLTPQQQQLVNQMKVAPIPKQLLQRIPNIPPNINTWQQVTALAQQKLLTPQDMEAAKEVYKIHQQLLFKARLQQQQAQAQ
AQANNNNNGLPQNGNINNNINIPQQQQMQPPNSSANNNPLQQQSSQNTVPNVLNQINQIFSPEEQRSLLQEAIETCKNFE
KTQLGSTMTEPVKQSFIRKYINQKALRKIQALRDVKNNNNANNNGSNLQRAQNVPMNIIQQQQQQNTNNNDTIATSATPN
AAAFSQQQNASSKLYQMQQQQQAQAQAQAQAQAQAQAQAQAQAAQAAQAQAQAQAQAQAQAQAQAQAQAQAQAQAQAQAQ
AHAQHQPSQQPQQAQQQPNPLHGLTPTAKDVEVIKQLSLDASKTNLRLTDVTNSLSNEEKEKIKMKLKQGQKLFVQVSNF
APQVYIITKNENFLKEVFQLRIFVKEILEKCAEGIFVVKLDTVDRLIIKYQKYWESMRIQILRRQAILRQQQQMANNNGN
PGTTSTGNNNNIATQQNMQQSLQQMQHLQQLKMQQQQQQQQQQQQQQQQQQQQQQQHIYPSSTPGVANYSAMANAPGNNI
PYMNHKNTSSMDFLNSMENTPKVPVSAAATPSLNKTINGKVNGRTKSNTIPVTSIPSTNKKLSISNAASQQPTPRSASNT
AKSTPNTNPSPLKTQTKNGTPNPNNMKTVQSPMGAQPSYNSAIIENAFRKEELLLKDLEIRKLEISSRFKHRQEIFKDSP
MDLFMSTLGDCLGIKDEEMLTSCTIPKAVVDHINGSGKRKPTKAAQRARDQDSIDISIKDNKLVMKSKFNKSNRSYSIAL
SNVAAIFKGIGGNFKDLSTLVHSSSPSTSSNMDVGNPRKRKASVLEISPQDSIASVLSPDSNIMSDSKKIKVDSPDDPFM
TKSGATTSEKQEVTNEAPFLTSGTSSEQFNVWDWNNWTSAT
;
o
5 'polypeptide(L)'
;MVVQNSPVSSVHTANFSERGSNTRTMTYKNKLTVCFDDILKVGAEMMMQQQLKNVQLDSYLVNGFSQSQQKLLKEKVKLF
HGILDDLETSLSQSSSYLETLTALGKEKEKEREEAEKKRAEQENMRKVREQEELKKRQELEEASQQQQLQQNSKEKNGLG
LNFSTTAPANTTDANGSKENYQELGSLQSSSQTQLENANAANNGAAFSPLTTTRIQSQQAQPSDVMFNDLNSMDISMFSG
LDSTGFDSTAFNATVDETKGFDDNDSGNNYNDINISSIENNINNNINSTKNGKDNNNESNKNNNGDEKNKNNNEDNENNN
NSSEKNNNNNNNNNNNNDDNGNNNNNNSGNDNNNTTNNDSNNKNNSITTGNDNENIVNNDLPTTVVSNPGDNPPPADNGE
EYLTLNDFNDLNIDWSTTGDNGELDLSGFNI
;
b
6 'polypeptide(L)'
;MDSIIPAGVKLDDLQVILAKNENETRDKVCKQINEARDEILPLRLQFNEFIQIMANIDQEGSKQADRMAKYLHIRDKILQ
LNDRFQTLSSHLEALQPLFSTVPEYLKTADNRDRSFQLLEPLSTYNKNGNAVCSTATVVSTNHSAAASTPTTTATPHANP
ITHAHSLSNPNSTATMQHNPLAGKRGPKSGSTMGTPTVHNSTAAAPIAAPKKPRKPRQTKKAKAQAQAQAQAQAQVYAQQ
STVQTPITASMAAALPNPTPSMINSVSPTNVMGTPLTNMMSPMGNAYSMGAQNQGGQVSMSQFNGSGNGSNPNTNTNSNN
TPLQSQLNLNNLTPANILNMSMNNDFQQQQQQQQQQQQPQPQYNMNMGMNNMNNGGKELDSLDLNNLELGGLNMDFL
;
c
7 'polypeptide(L)'
;MQLVVLTDVVERLHKNFESENFKIIALQPNEISFKYLSNNDEDDKDCTIKISTNDDSIKNLTVQLSPSNPQHIIQPFLDN
SKMDYHFIFSYLQFTSSLFKALKVILNERGGKFHESGSQYSTMVNIGLHNLNEYQIVYYNPQAGTKITICIELKTVLHNG
RDKIQFHIHFADVAHITTKSPAYPMMHQVRNQVFMLDTKRLGTPESVKPANASHAIRLGNGVACDPSEIEPILMEIHNIL
K
;
n
8 'polypeptide(L)'
;MEKESVYNLALKCAERQLTSMEFSNLYKEFFNEKFPSLIQEEEEDTTTTANINEVKKASDLVDTPSNNTAATADTTHLHE
ALDIVCSDFVKILNLEKPLILADYIVEVLLVNYNSDMIKCFLPKLNSVRNSLLLAHFFSKSCSFFAKLSDTLIIDQVRKD
LGNVIVPNILSLDMNSMNKELIAIVSKLLQTTLKLSPSPILLTSAGCKNGSFTLLNQLSQTNKLLFKRVSQTFEAKLHFK
DTKPFLNKDSTNEFVGSPSLTSPQYIPSPLSSTKPPGSVNSAAKYKDMKLLRYYKNIWLNNKIINWEISNPDFLSKYSAI
TSSIFQESFNSVQNLDQLLTDLIETSFTCFAQFVSNKQYHQANSNLTLLERKWVIFITKHLPLLILENSSRSPRVVTNAL
DNIDEKVVKAIRIYFTEKDDNKTNNEDLFDDYPSTSLDIRHDFIKGLIMLNLQPASVINNYLREDQMIDTSILPTRDDLF
VRNLQGIQEVVHNTNSFIISSLDTLELESITESITHDSSNGLFQVLHNFESVAPTKQREIVKAFLSIFEDAIKELNYNRI
AKICALLFFNFSHSLTTILSFSSPAALMKTLIKFVDLSRNGRNGSNGNDESSEYETINISLSFSWAILLIINLTQTYGIS
VVDVALKYPELSIKNSFIINFISNLPNVSDKYYLEESNVNDSDMLTKSHNTVQSWLCDLFVNGSITDQLIQNIETRQLAN
LIPFIVKQVLLSVEIGVLTDISSLIGGFEYFLQPLLLVGLIKTFYWLEQFLSCVKNDTISEDILQGIFNLLNTLFNPVTL
NEDSKAFHTAVLRLNAIPLLKVLRKFRVQSQSNYGIYSSDAQGDPNLEPLIAKLVAVLNVSPVYDVDPRIINSENDYSRK
QLGYGKFLILNENPINKIMTNQINSFWSLHSSTYYNLDYLFELIELVTPKSFLFDVLKTLEYKLATYGVPGSENKRGSLD
SEHVFDYFFYFLVLYDVKTAEEASQLIEYMENDAKKSKGDVDIKGEDLHEKNDSAEVRQETQPKAEATQDDDFDMLFGEN
DTSTQAYEEEEENEDNDGNNRTNNVPMIKAEETPSKTNKISILKRHSFAVLLHERKLLNDLALENGEITKTENEKFISYH
DKYLCMLKTCVF
;
e
9 'polypeptide(L)'
;MMLGEHLMSWSKTGIIAYSDSQSSNANICLTFLESINGINWRFHTPQKYVLHPQLHEVQYQESSSTLSTHSTTTSVNGST
TAGVGSTPNFGGNSNKSPPQFFYNISSIHWNNWFSLPGDMLAVCDELGNMTMLITGQRPDRATTYEKLTMVFQDNVYKIY
NHVMPLKPVDKLKPMNIERKQTRKEYNTSILEFRWLTSSKSVIVSQFCAFDSSSNTYRSRAQQVPPYGVYHPPFIKYACL
AIRKNGQIDFWYQFSNSKDHKKITLQLLDTSNQRFKDLQWLEFARITPMNDDQCMLITTYSKLSKNISFYKLHVNWNLNA
TKPNVLNDPSLKIQFILSTTLDPTDDEGHVLKLENLHVVSKSSIEKDPSPEILVLYNVCDTSKSLVKRYRLAPTQLSAEY
LVILKPDLNIDRNNSTNQIFQSRRYNLRRHSDIVLDKKVTLITSEMFDAFVSFYFEDGTIESYNQNDWKLETERLISQSQ
LGKFKNIIASPLSAGFNYGKLPLPPSVEWMKVSPSMCGVIVKQYNKKWPQFYAAVQKNYADPEKDSINATALAFGYVKSL
HKQISAEDLTIAAKTHILRISFLDRKRAKEFITTLLKSLYSFFNISPDAPKEIMDKIITSRPLQKIMLLQLELGSCFSQE
NIEEMARVILYLKNVLFAFNGVARNFHFAIEQISNNSNQQQNPKLFQTIFSKQDLIHSLIPVAKWFVKFITYLTQEILIL
INDPTNKEYTLVHGIFGAKMSRTLILSILNEIKKVTQIVAKFPETSYPILNESSTFLKLVLSESPVDFEKFETFLVDVNN
KFIALCEQQPSQEREFSLLVKAEIPPEYAKVGDFLLQYANNAVISHANAAAVYFADTSGLKISNSEFFNPEIFHLLQPLE
EGLIIDTDKLPIKNRTSKSFSKLLYDDVTCDKLSVSEISDGKLKRCSRCGSVTRAGNIISSDKTIVPTSIQTKRWPTMYT
RLCICSGMLFEMDG
;
p
#
loop_
_chem_comp.id
_chem_comp.type
_chem_comp.name
_chem_comp.formula
DA DNA linking 2'-DEOXYADENOSINE-5'-MONOPHOSPHATE 'C10 H14 N5 O6 P'
DC DNA linking 2'-DEOXYCYTIDINE-5'-MONOPHOSPHATE 'C9 H14 N3 O7 P'
DG DNA linking 2'-DEOXYGUANOSINE-5'-MONOPHOSPHATE 'C10 H14 N5 O7 P'
DT DNA linking THYMIDINE-5'-MONOPHOSPHATE 'C10 H15 N2 O8 P'
ZN non-polymer 'ZINC ION' 'Zn 2'
#
# COMPACT_ATOMS: atom_id res chain seq x y z
N GLU C 8 55.27 -29.11 -65.36
CA GLU C 8 54.71 -28.28 -64.26
C GLU C 8 54.36 -29.13 -63.03
N GLN C 9 53.43 -30.07 -63.18
CA GLN C 9 53.29 -31.10 -62.17
C GLN C 9 54.56 -31.92 -62.18
N ALA C 10 55.06 -32.17 -60.99
CA ALA C 10 56.21 -33.03 -60.77
C ALA C 10 55.69 -34.41 -60.45
N CYS C 11 56.55 -35.43 -60.46
CA CYS C 11 56.10 -36.82 -60.35
C CYS C 11 56.04 -37.23 -58.88
N ASP C 12 55.11 -38.15 -58.55
CA ASP C 12 54.83 -38.61 -57.18
C ASP C 12 56.13 -38.66 -56.35
N ILE C 13 57.09 -39.36 -56.95
CA ILE C 13 58.37 -39.64 -56.35
C ILE C 13 59.24 -38.38 -56.29
N CYS C 14 59.59 -37.78 -57.44
CA CYS C 14 60.35 -36.53 -57.36
C CYS C 14 59.66 -35.66 -56.29
N ARG C 15 58.32 -35.74 -56.23
CA ARG C 15 57.49 -34.98 -55.26
C ARG C 15 57.91 -35.40 -53.81
N LEU C 16 57.92 -36.70 -53.49
CA LEU C 16 58.31 -37.10 -52.17
C LEU C 16 59.79 -36.94 -51.90
N LYS C 17 60.61 -37.10 -52.93
CA LYS C 17 62.01 -36.97 -52.71
C LYS C 17 62.45 -35.53 -52.82
N LYS C 18 61.59 -34.71 -53.37
CA LYS C 18 61.90 -33.31 -53.51
C LYS C 18 63.08 -32.95 -54.45
N LEU C 19 63.27 -33.66 -55.54
CA LEU C 19 64.34 -33.29 -56.49
C LEU C 19 63.65 -32.72 -57.66
N LYS C 20 64.43 -32.18 -58.60
CA LYS C 20 63.86 -31.50 -59.75
C LYS C 20 63.25 -32.59 -60.57
N CYS C 21 62.07 -32.40 -61.13
CA CYS C 21 61.52 -33.42 -61.99
C CYS C 21 61.77 -33.08 -63.47
N SER C 22 62.16 -34.07 -64.31
CA SER C 22 62.31 -33.81 -65.74
C SER C 22 60.91 -33.61 -66.35
N LYS C 23 59.93 -34.34 -65.76
CA LYS C 23 58.48 -34.25 -66.08
C LYS C 23 57.97 -35.02 -67.34
N GLU C 24 58.92 -35.61 -68.10
CA GLU C 24 58.60 -36.32 -69.34
C GLU C 24 57.59 -37.45 -69.04
N LYS C 25 56.68 -37.67 -69.99
CA LYS C 25 55.65 -38.70 -69.82
C LYS C 25 55.94 -39.82 -70.85
N PRO C 26 55.66 -41.10 -70.50
CA PRO C 26 55.01 -41.66 -69.28
C PRO C 26 55.94 -41.88 -68.09
N LYS C 27 57.16 -42.36 -68.34
CA LYS C 27 58.20 -42.45 -67.31
C LYS C 27 59.20 -41.25 -67.42
N CYS C 28 59.59 -40.62 -66.29
CA CYS C 28 60.54 -39.47 -66.28
C CYS C 28 61.99 -39.81 -65.88
N ALA C 29 62.94 -38.89 -66.15
CA ALA C 29 64.36 -38.95 -65.70
C ALA C 29 64.71 -40.14 -64.78
N LYS C 30 64.84 -39.86 -63.48
CA LYS C 30 65.04 -40.88 -62.42
C LYS C 30 64.16 -42.12 -62.57
N CYS C 31 62.83 -41.92 -62.66
CA CYS C 31 61.87 -43.04 -62.66
C CYS C 31 62.19 -44.01 -63.85
N LEU C 32 62.76 -43.50 -64.94
CA LEU C 32 63.21 -44.39 -65.98
C LEU C 32 64.50 -45.04 -65.53
N LYS C 33 65.44 -44.20 -65.09
CA LYS C 33 66.75 -44.64 -64.60
C LYS C 33 66.59 -45.75 -63.60
N ASN C 34 66.29 -45.40 -62.37
CA ASN C 34 66.20 -46.36 -61.27
C ASN C 34 65.09 -47.36 -61.46
N ASN C 35 64.62 -47.42 -62.70
CA ASN C 35 63.56 -48.30 -63.15
C ASN C 35 62.48 -48.23 -62.09
N TRP C 36 61.83 -47.06 -62.03
CA TRP C 36 60.91 -46.72 -60.97
C TRP C 36 59.44 -46.55 -61.42
N GLU C 37 58.54 -46.81 -60.46
CA GLU C 37 57.10 -46.76 -60.65
C GLU C 37 56.58 -45.27 -60.72
N CYS C 38 56.76 -44.63 -61.89
CA CYS C 38 56.58 -43.16 -62.10
C CYS C 38 55.15 -42.70 -62.26
N ARG C 39 54.56 -42.14 -61.20
CA ARG C 39 53.20 -41.59 -61.34
C ARG C 39 53.05 -40.09 -61.20
N TYR C 40 52.20 -39.54 -62.05
CA TYR C 40 51.67 -38.18 -61.95
C TYR C 40 50.26 -38.23 -61.35
N SER C 41 50.19 -38.43 -60.04
CA SER C 41 48.91 -38.57 -59.37
C SER C 41 48.03 -37.31 -59.46
N PRO C 42 46.70 -37.50 -59.65
CA PRO C 42 45.80 -36.35 -59.85
C PRO C 42 45.69 -35.40 -58.66
N LYS C 43 45.45 -34.17 -59.04
CA LYS C 43 45.41 -32.95 -58.20
C LYS C 43 44.40 -33.01 -57.05
N THR C 44 44.93 -33.18 -55.84
CA THR C 44 44.17 -33.62 -54.65
C THR C 44 43.25 -32.48 -53.92
N LYS C 45 41.91 -32.62 -53.97
CA LYS C 45 41.07 -31.52 -53.47
C LYS C 45 40.87 -31.24 -51.99
N ARG C 46 40.76 -29.93 -51.78
CA ARG C 46 40.76 -29.31 -50.52
C ARG C 46 39.45 -28.54 -50.51
N SER C 47 39.03 -28.04 -49.40
CA SER C 47 37.80 -27.34 -49.56
C SER C 47 38.25 -25.95 -49.89
N PRO C 48 37.38 -25.23 -50.45
CA PRO C 48 37.78 -23.87 -50.95
C PRO C 48 38.24 -22.98 -49.82
N LEU C 49 39.37 -22.33 -49.95
CA LEU C 49 39.63 -21.38 -49.01
C LEU C 49 38.94 -20.07 -49.44
N THR C 50 37.66 -19.83 -49.15
CA THR C 50 37.25 -18.49 -49.39
C THR C 50 36.68 -17.88 -48.11
N ARG C 51 36.37 -16.60 -48.02
CA ARG C 51 35.86 -16.11 -46.78
C ARG C 51 34.54 -16.70 -46.54
N ALA C 52 33.80 -16.99 -47.62
CA ALA C 52 32.33 -17.32 -47.49
C ALA C 52 32.26 -18.71 -46.97
N HIS C 53 33.26 -19.50 -47.33
CA HIS C 53 33.20 -20.82 -46.89
C HIS C 53 33.75 -20.96 -45.53
N LEU C 54 34.89 -20.30 -45.17
CA LEU C 54 35.24 -20.20 -43.75
C LEU C 54 34.04 -19.85 -42.91
N THR C 55 33.23 -18.90 -43.35
CA THR C 55 32.16 -18.39 -42.53
C THR C 55 31.03 -19.40 -42.48
N GLU C 56 30.71 -20.10 -43.55
CA GLU C 56 29.65 -21.11 -43.48
C GLU C 56 30.14 -22.12 -42.45
N VAL C 57 31.39 -22.56 -42.51
CA VAL C 57 31.77 -23.56 -41.61
C VAL C 57 31.80 -22.95 -40.20
N GLU C 58 32.34 -21.77 -40.00
CA GLU C 58 32.19 -21.22 -38.66
C GLU C 58 30.70 -21.07 -38.20
N SER C 59 29.71 -20.88 -39.08
CA SER C 59 28.44 -20.83 -38.48
C SER C 59 27.99 -22.21 -38.10
N ARG C 60 28.43 -23.28 -38.76
CA ARG C 60 27.91 -24.50 -38.32
C ARG C 60 28.55 -24.82 -36.96
N LEU C 61 29.85 -24.63 -36.86
CA LEU C 61 30.54 -25.01 -35.72
C LEU C 61 29.94 -24.30 -34.53
N GLU C 62 29.62 -22.98 -34.64
CA GLU C 62 29.02 -22.29 -33.53
C GLU C 62 27.72 -22.93 -33.11
N ARG C 63 26.93 -23.39 -34.04
CA ARG C 63 25.68 -23.86 -33.57
C ARG C 63 25.91 -25.14 -32.84
N LEU C 64 26.74 -26.03 -33.37
CA LEU C 64 26.99 -27.25 -32.57
C LEU C 64 27.69 -26.86 -31.32
N GLU C 65 28.56 -25.86 -31.32
CA GLU C 65 29.23 -25.61 -30.11
C GLU C 65 28.22 -25.26 -28.95
N GLN C 66 27.18 -24.53 -29.36
CA GLN C 66 26.12 -24.06 -28.46
C GLN C 66 25.27 -25.25 -27.98
N LEU C 67 24.90 -26.13 -28.92
CA LEU C 67 24.15 -27.33 -28.59
C LEU C 67 24.95 -28.15 -27.62
N PHE C 68 26.26 -28.27 -27.79
CA PHE C 68 27.00 -28.98 -26.77
C PHE C 68 27.22 -28.24 -25.52
N LEU C 69 27.06 -26.91 -25.41
CA LEU C 69 27.19 -26.37 -24.08
C LEU C 69 26.07 -26.88 -23.25
N LEU C 70 24.89 -27.07 -23.80
CA LEU C 70 23.82 -27.62 -23.02
C LEU C 70 23.96 -29.13 -22.79
N ILE C 71 24.57 -29.88 -23.71
CA ILE C 71 24.61 -31.36 -23.41
C ILE C 71 25.64 -31.50 -22.33
N PHE C 72 26.83 -30.91 -22.54
CA PHE C 72 27.80 -31.03 -21.54
C PHE C 72 28.05 -29.71 -20.82
N PRO C 73 27.18 -29.35 -19.85
CA PRO C 73 27.53 -28.10 -19.17
C PRO C 73 28.89 -28.19 -18.40
N ARG C 74 29.22 -29.44 -17.98
CA ARG C 74 30.43 -29.78 -17.24
C ARG C 74 31.45 -30.54 -18.10
N GLU C 75 32.36 -29.71 -18.61
CA GLU C 75 33.78 -29.97 -18.90
C GLU C 75 34.26 -31.24 -19.54
N ASP C 76 35.56 -31.15 -19.72
CA ASP C 76 36.37 -31.55 -20.82
C ASP C 76 35.73 -32.30 -21.97
N LEU C 77 34.73 -31.65 -22.54
CA LEU C 77 34.20 -32.00 -23.83
C LEU C 77 35.38 -32.33 -24.76
N ASP C 78 36.49 -31.64 -24.50
CA ASP C 78 37.70 -31.88 -25.25
C ASP C 78 38.31 -33.25 -24.93
N MET C 79 37.95 -33.80 -23.78
CA MET C 79 38.51 -35.09 -23.41
C MET C 79 37.82 -36.00 -24.37
N ILE C 80 36.48 -35.91 -24.35
CA ILE C 80 35.63 -36.71 -25.22
C ILE C 80 35.98 -36.52 -26.67
N LEU C 81 36.21 -35.28 -27.10
CA LEU C 81 36.42 -35.05 -28.50
C LEU C 81 37.66 -35.74 -29.04
N LYS C 82 38.56 -36.12 -28.15
CA LYS C 82 39.79 -36.80 -28.56
C LYS C 82 39.73 -38.34 -28.66
N MET C 83 38.69 -38.91 -28.09
CA MET C 83 38.58 -40.31 -28.12
C MET C 83 38.14 -40.75 -29.52
N ASP C 84 38.44 -42.03 -29.77
CA ASP C 84 38.46 -42.63 -31.09
C ASP C 84 37.63 -43.87 -30.99
N SER C 85 37.44 -44.40 -29.81
CA SER C 85 36.62 -45.56 -29.77
C SER C 85 35.09 -45.31 -29.62
N LEU C 86 34.30 -45.91 -30.48
CA LEU C 86 32.89 -45.81 -30.44
C LEU C 86 32.26 -46.50 -29.22
N GLN C 87 32.44 -47.81 -29.01
CA GLN C 87 32.00 -48.37 -27.73
C GLN C 87 32.41 -47.35 -26.66
N ASP C 88 33.70 -46.99 -26.56
CA ASP C 88 34.16 -46.29 -25.37
C ASP C 88 33.37 -45.03 -25.18
N ILE C 89 33.28 -44.25 -26.26
CA ILE C 89 32.60 -43.02 -26.17
C ILE C 89 31.15 -43.26 -25.72
N LYS C 90 30.59 -44.39 -26.11
CA LYS C 90 29.19 -44.57 -25.83
C LYS C 90 29.07 -45.09 -24.40
N ALA C 91 30.15 -45.62 -23.84
CA ALA C 91 30.07 -46.25 -22.50
C ALA C 91 30.00 -45.04 -21.60
N LEU C 92 30.83 -44.08 -21.98
CA LEU C 92 31.01 -42.86 -21.30
C LEU C 92 29.72 -42.13 -21.24
N LEU C 93 29.13 -41.91 -22.38
CA LEU C 93 28.00 -41.04 -22.40
C LEU C 93 26.88 -41.63 -21.60
N THR C 94 26.82 -42.93 -21.51
CA THR C 94 25.69 -43.47 -20.78
C THR C 94 25.75 -43.16 -19.30
N GLY C 95 26.87 -42.54 -18.88
CA GLY C 95 26.91 -41.60 -17.72
C GLY C 95 26.40 -40.19 -18.10
N LEU C 96 25.14 -40.18 -18.56
CA LEU C 96 24.31 -38.96 -18.80
C LEU C 96 23.43 -38.69 -17.55
N GLU D 8 45.37 5.23 -47.45
CA GLU D 8 44.39 4.31 -48.06
C GLU D 8 42.95 4.35 -47.52
N GLN D 9 42.78 4.41 -46.19
CA GLN D 9 41.44 4.21 -45.57
C GLN D 9 40.50 5.36 -45.84
N ALA D 10 39.32 5.03 -46.33
CA ALA D 10 38.30 6.00 -46.57
C ALA D 10 37.50 6.18 -45.29
N CYS D 11 36.91 7.38 -45.18
CA CYS D 11 36.15 7.75 -44.03
C CYS D 11 34.85 6.97 -44.04
N ASP D 12 34.26 6.79 -42.85
CA ASP D 12 33.06 5.95 -42.69
C ASP D 12 31.90 6.21 -43.65
N ILE D 13 31.70 7.49 -43.90
CA ILE D 13 30.58 7.98 -44.66
C ILE D 13 30.87 7.77 -46.17
N CYS D 14 32.02 8.26 -46.65
CA CYS D 14 32.40 7.92 -48.01
C CYS D 14 32.32 6.39 -48.25
N ARG D 15 32.71 5.56 -47.25
CA ARG D 15 32.67 4.11 -47.45
C ARG D 15 31.21 3.79 -47.66
N LEU D 16 30.35 4.34 -46.81
CA LEU D 16 29.00 3.88 -46.80
C LEU D 16 28.37 4.36 -48.08
N LYS D 17 28.84 5.49 -48.58
CA LYS D 17 28.21 6.02 -49.76
C LYS D 17 28.87 5.58 -51.07
N LYS D 18 30.13 5.15 -50.97
CA LYS D 18 30.87 4.67 -52.15
C LYS D 18 31.35 5.75 -53.16
N LEU D 19 31.67 6.91 -52.63
CA LEU D 19 32.26 7.99 -53.41
C LEU D 19 33.72 8.17 -52.95
N LYS D 20 34.58 8.64 -53.88
CA LYS D 20 35.96 8.99 -53.58
C LYS D 20 36.06 9.83 -52.29
N CYS D 21 36.97 9.43 -51.41
CA CYS D 21 37.26 10.20 -50.22
C CYS D 21 38.57 11.04 -50.39
N SER D 22 38.58 12.30 -49.92
CA SER D 22 39.83 13.08 -50.01
C SER D 22 40.88 12.54 -49.04
N LYS D 23 40.38 12.09 -47.88
CA LYS D 23 41.14 11.27 -46.91
C LYS D 23 42.08 12.07 -46.00
N GLU D 24 42.04 13.40 -46.13
CA GLU D 24 42.94 14.34 -45.44
C GLU D 24 42.81 14.33 -43.90
N LYS D 25 43.49 15.24 -43.20
CA LYS D 25 43.43 15.24 -41.71
C LYS D 25 43.21 16.60 -41.02
N PRO D 26 42.15 16.71 -40.18
CA PRO D 26 41.34 15.63 -39.60
C PRO D 26 40.26 15.12 -40.57
N LYS D 27 39.25 15.95 -40.85
CA LYS D 27 38.15 15.64 -41.76
C LYS D 27 38.61 15.50 -43.23
N CYS D 28 37.64 15.65 -44.14
CA CYS D 28 37.84 15.49 -45.58
C CYS D 28 36.71 16.22 -46.35
N ALA D 29 36.94 16.47 -47.64
CA ALA D 29 36.08 17.34 -48.47
C ALA D 29 34.56 17.24 -48.23
N LYS D 30 33.95 16.07 -48.44
CA LYS D 30 32.48 16.01 -48.34
C LYS D 30 31.89 15.98 -46.89
N CYS D 31 32.61 15.38 -45.93
CA CYS D 31 32.17 15.49 -44.53
C CYS D 31 32.32 16.99 -44.11
N LEU D 32 33.45 17.60 -44.47
CA LEU D 32 33.73 19.02 -44.16
C LEU D 32 32.71 19.99 -44.79
N LYS D 33 32.73 20.02 -46.13
CA LYS D 33 31.73 20.68 -46.96
C LYS D 33 30.36 20.36 -46.43
N ASN D 34 29.85 19.19 -46.80
CA ASN D 34 28.45 18.85 -46.63
C ASN D 34 27.94 19.02 -45.21
N ASN D 35 28.87 19.25 -44.30
CA ASN D 35 28.61 19.37 -42.87
C ASN D 35 28.21 18.07 -42.17
N TRP D 36 29.22 17.21 -41.97
CA TRP D 36 29.12 15.90 -41.29
C TRP D 36 30.37 15.56 -40.42
N GLU D 37 30.20 14.73 -39.39
CA GLU D 37 31.31 14.34 -38.50
C GLU D 37 32.07 13.14 -39.11
N CYS D 38 33.21 13.44 -39.75
CA CYS D 38 34.00 12.49 -40.51
C CYS D 38 34.77 11.59 -39.58
N ARG D 39 34.61 10.28 -39.73
CA ARG D 39 35.43 9.32 -38.96
C ARG D 39 36.16 8.25 -39.76
N TYR D 40 37.35 7.91 -39.23
CA TYR D 40 38.07 6.69 -39.62
C TYR D 40 38.00 5.59 -38.49
N SER D 41 36.94 4.77 -38.60
CA SER D 41 36.79 3.51 -37.83
C SER D 41 37.97 2.53 -37.98
N PRO D 42 38.38 1.83 -36.90
CA PRO D 42 39.29 0.66 -36.93
C PRO D 42 38.83 -0.39 -37.90
N LYS D 43 39.78 -1.05 -38.55
CA LYS D 43 39.47 -2.23 -39.39
C LYS D 43 38.74 -3.24 -38.51
N THR D 44 37.81 -3.95 -39.10
CA THR D 44 37.08 -4.98 -38.38
C THR D 44 37.93 -6.28 -38.19
N LYS D 45 38.05 -6.76 -36.95
CA LYS D 45 38.72 -8.06 -36.68
C LYS D 45 37.91 -9.22 -37.29
N ARG D 46 38.57 -10.02 -38.12
CA ARG D 46 37.89 -11.16 -38.71
C ARG D 46 38.74 -12.37 -38.43
N SER D 47 38.26 -13.57 -38.71
CA SER D 47 39.17 -14.71 -38.39
C SER D 47 40.16 -14.86 -39.52
N PRO D 48 41.34 -15.35 -39.24
CA PRO D 48 42.32 -15.50 -40.35
C PRO D 48 41.84 -16.48 -41.38
N LEU D 49 41.98 -16.17 -42.66
CA LEU D 49 41.59 -17.03 -43.67
C LEU D 49 42.91 -17.70 -44.08
N THR D 50 43.36 -18.63 -43.27
CA THR D 50 44.46 -19.47 -43.64
C THR D 50 43.95 -20.92 -43.77
N ARG D 51 44.80 -21.78 -44.21
CA ARG D 51 44.36 -23.02 -44.47
C ARG D 51 44.38 -23.74 -43.15
N ALA D 52 45.38 -23.40 -42.30
CA ALA D 52 45.52 -24.09 -40.93
C ALA D 52 44.23 -23.69 -40.22
N HIS D 53 43.80 -22.46 -40.37
CA HIS D 53 42.63 -22.18 -39.61
C HIS D 53 41.37 -22.71 -40.15
N LEU D 54 41.11 -22.68 -41.45
CA LEU D 54 39.98 -23.41 -41.95
C LEU D 54 39.98 -24.88 -41.54
N THR D 55 41.13 -25.54 -41.58
CA THR D 55 41.20 -26.91 -41.10
C THR D 55 40.94 -27.08 -39.59
N GLU D 56 41.44 -26.20 -38.73
CA GLU D 56 41.01 -26.27 -37.29
C GLU D 56 39.51 -26.35 -37.23
N VAL D 57 38.85 -25.41 -37.87
CA VAL D 57 37.47 -25.30 -37.78
C VAL D 57 36.76 -26.43 -38.56
N GLU D 58 37.16 -26.91 -39.74
CA GLU D 58 36.40 -27.94 -40.33
C GLU D 58 36.61 -29.19 -39.50
N SER D 59 37.75 -29.37 -38.88
CA SER D 59 37.90 -30.67 -38.34
C SER D 59 37.26 -30.78 -36.93
N ARG D 60 37.01 -29.65 -36.29
CA ARG D 60 36.30 -29.69 -34.99
C ARG D 60 34.85 -29.75 -35.34
N LEU D 61 34.42 -29.06 -36.34
CA LEU D 61 33.03 -29.25 -36.63
C LEU D 61 32.85 -30.67 -36.94
N GLU D 62 33.75 -31.31 -37.61
CA GLU D 62 33.43 -32.73 -37.99
C GLU D 62 33.35 -33.58 -36.74
N ARG D 63 34.24 -33.37 -35.80
CA ARG D 63 34.23 -34.26 -34.66
C ARG D 63 33.02 -33.99 -33.76
N LEU D 64 32.45 -32.77 -33.82
CA LEU D 64 31.24 -32.54 -32.97
C LEU D 64 30.16 -33.17 -33.69
N GLU D 65 30.18 -33.10 -35.02
CA GLU D 65 29.14 -33.92 -35.71
C GLU D 65 29.28 -35.39 -35.41
N GLN D 66 30.47 -35.92 -35.23
CA GLN D 66 30.56 -37.40 -35.09
C GLN D 66 29.99 -37.77 -33.71
N LEU D 67 30.29 -36.94 -32.70
CA LEU D 67 29.83 -37.22 -31.39
C LEU D 67 28.32 -37.03 -31.36
N PHE D 68 27.83 -36.02 -32.08
CA PHE D 68 26.39 -35.72 -32.03
C PHE D 68 25.56 -36.95 -32.48
N LEU D 69 26.06 -37.67 -33.46
CA LEU D 69 25.45 -38.80 -34.01
C LEU D 69 25.48 -40.03 -33.12
N LEU D 70 26.24 -40.04 -32.04
CA LEU D 70 26.13 -41.16 -31.10
C LEU D 70 25.01 -40.83 -30.15
N ILE D 71 24.59 -39.58 -30.17
CA ILE D 71 23.56 -39.28 -29.24
C ILE D 71 22.27 -39.15 -29.90
N PHE D 72 22.22 -38.60 -31.10
CA PHE D 72 20.87 -38.38 -31.67
C PHE D 72 20.82 -38.62 -33.11
N PRO D 73 19.64 -38.62 -33.67
CA PRO D 73 19.54 -39.08 -34.99
C PRO D 73 20.13 -38.15 -36.00
N ARG D 74 20.45 -38.67 -37.15
CA ARG D 74 21.08 -37.77 -38.14
C ARG D 74 20.12 -36.66 -38.55
N GLU D 75 18.86 -37.01 -38.80
CA GLU D 75 17.89 -35.97 -39.10
C GLU D 75 18.01 -34.78 -38.15
N ASP D 76 18.35 -34.99 -36.87
CA ASP D 76 18.51 -33.83 -36.02
C ASP D 76 19.76 -33.08 -36.36
N LEU D 77 20.86 -33.76 -36.69
CA LEU D 77 22.05 -33.03 -37.05
C LEU D 77 21.75 -31.89 -38.01
N ASP D 78 20.94 -32.21 -39.01
CA ASP D 78 20.73 -31.34 -40.12
C ASP D 78 19.87 -30.15 -39.69
N MET D 79 19.00 -30.35 -38.70
CA MET D 79 18.23 -29.27 -38.27
C MET D 79 19.14 -28.24 -37.52
N ILE D 80 20.02 -28.71 -36.63
CA ILE D 80 20.73 -27.80 -35.82
C ILE D 80 21.66 -27.08 -36.64
N LEU D 81 22.29 -27.81 -37.56
CA LEU D 81 23.36 -27.23 -38.35
C LEU D 81 22.72 -26.00 -39.04
N LYS D 82 21.41 -26.00 -39.24
CA LYS D 82 20.87 -24.73 -39.66
C LYS D 82 20.25 -23.75 -38.68
N MET D 83 20.31 -23.88 -37.36
CA MET D 83 19.37 -23.02 -36.64
C MET D 83 20.12 -21.81 -36.31
N ASP D 84 19.47 -20.66 -36.45
CA ASP D 84 20.04 -19.41 -35.91
C ASP D 84 19.51 -18.97 -34.54
N SER D 85 18.47 -19.61 -33.99
CA SER D 85 17.87 -19.04 -32.80
C SER D 85 18.35 -19.81 -31.60
N LEU D 86 18.79 -19.12 -30.54
CA LEU D 86 19.18 -19.86 -29.38
C LEU D 86 18.00 -20.62 -28.69
N GLN D 87 16.72 -20.10 -28.67
CA GLN D 87 15.56 -20.90 -28.16
C GLN D 87 15.45 -22.22 -29.02
N ASP D 88 15.62 -22.11 -30.31
CA ASP D 88 15.42 -23.29 -31.06
C ASP D 88 16.53 -24.28 -30.72
N ILE D 89 17.78 -23.85 -30.55
CA ILE D 89 18.79 -24.85 -30.26
C ILE D 89 18.43 -25.46 -28.92
N LYS D 90 17.79 -24.75 -28.02
CA LYS D 90 17.62 -25.38 -26.73
C LYS D 90 16.42 -26.32 -26.66
N ALA D 91 15.38 -25.93 -27.37
CA ALA D 91 14.12 -26.70 -27.43
C ALA D 91 14.38 -28.06 -28.11
N LEU D 92 15.25 -28.01 -29.10
CA LEU D 92 15.66 -29.18 -29.81
C LEU D 92 16.12 -30.23 -28.83
N LEU D 93 16.76 -29.75 -27.79
CA LEU D 93 17.47 -30.59 -26.91
C LEU D 93 16.49 -31.06 -25.91
N THR D 94 15.49 -30.24 -25.61
CA THR D 94 14.41 -30.51 -24.67
C THR D 94 13.44 -31.58 -25.13
N GLY D 95 13.07 -31.61 -26.42
CA GLY D 95 12.40 -32.77 -26.98
C GLY D 95 13.33 -33.98 -26.93
N LEU D 96 14.51 -33.82 -26.31
CA LEU D 96 15.45 -34.93 -25.96
C LEU D 96 15.67 -35.90 -27.09
N PHE E 848 -21.98 1.06 -43.84
CA PHE E 848 -22.43 2.15 -42.98
C PHE E 848 -23.23 3.16 -43.78
N ARG E 849 -24.35 2.70 -44.34
CA ARG E 849 -25.18 3.57 -45.17
C ARG E 849 -26.01 4.54 -44.33
N LYS E 850 -26.23 4.26 -43.05
CA LYS E 850 -27.07 5.11 -42.22
C LYS E 850 -26.48 6.50 -42.07
N GLU E 851 -25.22 6.59 -41.66
CA GLU E 851 -24.58 7.89 -41.51
C GLU E 851 -24.46 8.61 -42.85
N GLU E 852 -24.20 7.86 -43.92
CA GLU E 852 -24.12 8.47 -45.25
C GLU E 852 -25.44 9.11 -45.64
N LEU E 853 -26.56 8.42 -45.38
CA LEU E 853 -27.86 9.00 -45.76
C LEU E 853 -28.25 10.14 -44.83
N LEU E 854 -27.87 10.08 -43.55
CA LEU E 854 -28.08 11.24 -42.67
C LEU E 854 -27.32 12.46 -43.17
N LEU E 855 -26.05 12.29 -43.53
CA LEU E 855 -25.29 13.46 -43.98
C LEU E 855 -25.79 13.97 -45.34
N LYS E 856 -26.19 13.06 -46.22
CA LYS E 856 -26.78 13.47 -47.49
C LYS E 856 -28.07 14.26 -47.26
N ASP E 857 -28.91 13.79 -46.33
CA ASP E 857 -30.14 14.51 -46.01
C ASP E 857 -29.83 15.88 -45.41
N LEU E 858 -28.79 15.96 -44.59
CA LEU E 858 -28.41 17.26 -44.02
C LEU E 858 -27.95 18.24 -45.10
N GLU E 859 -27.14 17.76 -46.05
CA GLU E 859 -26.71 18.64 -47.13
C GLU E 859 -27.89 19.07 -48.00
N ILE E 860 -28.80 18.14 -48.30
CA ILE E 860 -29.99 18.50 -49.04
C ILE E 860 -30.82 19.53 -48.28
N ARG E 861 -30.94 19.35 -46.96
CA ARG E 861 -31.67 20.30 -46.14
C ARG E 861 -31.05 21.69 -46.17
N LYS E 862 -29.72 21.76 -46.08
CA LYS E 862 -29.09 23.08 -46.05
C LYS E 862 -29.21 23.78 -47.40
N LEU E 863 -29.07 23.04 -48.51
CA LEU E 863 -29.26 23.68 -49.81
C LEU E 863 -30.71 24.08 -50.03
N GLU E 864 -31.65 23.26 -49.55
CA GLU E 864 -33.06 23.63 -49.64
C GLU E 864 -33.36 24.88 -48.84
N ILE E 865 -32.77 25.01 -47.65
CA ILE E 865 -32.96 26.21 -46.83
C ILE E 865 -32.34 27.42 -47.53
N SER E 866 -31.19 27.23 -48.18
CA SER E 866 -30.57 28.32 -48.92
C SER E 866 -31.50 28.84 -50.01
N SER E 867 -31.99 27.93 -50.86
CA SER E 867 -32.94 28.31 -51.89
C SER E 867 -34.19 28.92 -51.28
N ARG E 868 -34.62 28.39 -50.13
CA ARG E 868 -35.83 28.86 -49.47
C ARG E 868 -35.70 30.33 -49.09
N PHE E 869 -34.61 30.70 -48.42
CA PHE E 869 -34.54 32.08 -47.96
C PHE E 869 -34.20 33.02 -49.11
N LYS E 870 -33.42 32.56 -50.10
CA LYS E 870 -33.14 33.45 -51.23
C LYS E 870 -34.41 33.73 -52.04
N HIS E 871 -35.32 32.76 -52.11
CA HIS E 871 -36.61 33.00 -52.78
C HIS E 871 -37.53 33.83 -51.89
N ARG E 872 -37.49 33.60 -50.58
CA ARG E 872 -38.41 34.26 -49.66
C ARG E 872 -38.08 35.75 -49.54
N GLN E 873 -36.79 36.10 -49.50
CA GLN E 873 -36.41 37.50 -49.34
C GLN E 873 -36.88 38.35 -50.51
N GLU E 874 -37.13 37.75 -51.67
CA GLU E 874 -37.58 38.51 -52.82
C GLU E 874 -39.09 38.41 -53.04
N ILE E 875 -39.72 37.29 -52.69
CA ILE E 875 -41.16 37.19 -52.94
C ILE E 875 -41.94 38.11 -52.00
N PHE E 876 -41.51 38.23 -50.74
CA PHE E 876 -42.21 39.04 -49.76
C PHE E 876 -41.32 40.17 -49.24
N LYS E 877 -40.59 40.81 -50.15
CA LYS E 877 -39.70 41.90 -49.74
C LYS E 877 -40.47 43.10 -49.19
N ASP E 878 -41.71 43.30 -49.66
CA ASP E 878 -42.48 44.48 -49.29
C ASP E 878 -43.07 44.40 -47.89
N SER E 879 -43.16 43.21 -47.30
CA SER E 879 -43.83 43.01 -46.01
C SER E 879 -42.86 42.38 -45.02
N PRO E 880 -42.19 43.18 -44.19
CA PRO E 880 -41.34 42.60 -43.13
C PRO E 880 -42.11 41.72 -42.16
N MET E 881 -43.36 42.08 -41.85
CA MET E 881 -44.20 41.22 -41.03
C MET E 881 -44.39 39.85 -41.65
N ASP E 882 -44.70 39.80 -42.93
CA ASP E 882 -44.96 38.52 -43.58
C ASP E 882 -43.70 37.67 -43.61
N LEU E 883 -42.55 38.26 -43.94
CA LEU E 883 -41.30 37.53 -43.95
C LEU E 883 -40.96 36.99 -42.57
N PHE E 884 -41.10 37.83 -41.53
CA PHE E 884 -40.82 37.40 -40.17
C PHE E 884 -41.71 36.22 -39.78
N MET E 885 -43.02 36.37 -39.96
CA MET E 885 -43.93 35.32 -39.51
C MET E 885 -43.76 34.05 -40.33
N SER E 886 -43.48 34.18 -41.64
CA SER E 886 -43.29 33.01 -42.47
C SER E 886 -42.04 32.24 -42.07
N THR E 887 -40.90 32.93 -41.93
CA THR E 887 -39.68 32.25 -41.55
C THR E 887 -39.76 31.69 -40.13
N LEU E 888 -40.47 32.38 -39.24
CA LEU E 888 -40.61 31.89 -37.87
C LEU E 888 -41.52 30.67 -37.80
N GLY E 889 -42.61 30.67 -38.58
CA GLY E 889 -43.46 29.50 -38.64
C GLY E 889 -42.76 28.30 -39.26
N ASP E 890 -41.96 28.54 -40.30
CA ASP E 890 -41.19 27.45 -40.89
C ASP E 890 -40.07 26.98 -39.95
N CYS E 891 -39.56 27.86 -39.08
CA CYS E 891 -38.70 27.40 -38.00
C CYS E 891 -39.46 26.52 -37.02
N LEU E 892 -40.72 26.87 -36.75
CA LEU E 892 -41.57 25.99 -35.95
C LEU E 892 -41.85 24.68 -36.68
N GLY E 893 -42.09 24.75 -37.98
CA GLY E 893 -42.43 23.59 -38.77
C GLY E 893 -43.87 23.58 -39.25
N ILE E 894 -44.42 24.76 -39.50
CA ILE E 894 -45.81 24.89 -39.91
C ILE E 894 -45.89 24.77 -41.43
N LYS E 895 -46.83 23.94 -41.91
CA LYS E 895 -47.09 23.85 -43.33
C LYS E 895 -47.65 25.16 -43.85
N ASP E 896 -47.28 25.51 -45.09
CA ASP E 896 -47.71 26.79 -45.65
C ASP E 896 -49.21 26.88 -45.88
N GLU E 897 -49.91 25.75 -45.89
CA GLU E 897 -51.34 25.75 -46.15
C GLU E 897 -52.16 26.13 -44.91
N GLU E 898 -51.54 26.23 -43.74
CA GLU E 898 -52.24 26.55 -42.50
C GLU E 898 -52.08 28.00 -42.07
N MET E 899 -50.88 28.56 -42.21
CA MET E 899 -50.64 29.93 -41.77
C MET E 899 -51.39 30.93 -42.64
N LEU E 900 -51.67 32.10 -42.06
CA LEU E 900 -52.45 33.14 -42.71
C LEU E 900 -51.58 34.30 -43.13
N THR E 901 -51.98 34.97 -44.21
CA THR E 901 -51.25 36.09 -44.78
C THR E 901 -52.08 37.36 -44.66
N SER E 902 -51.43 38.45 -44.21
CA SER E 902 -52.12 39.73 -44.10
C SER E 902 -52.29 40.41 -45.45
N CYS E 903 -51.32 40.26 -46.35
CA CYS E 903 -51.34 40.92 -47.65
C CYS E 903 -51.63 39.92 -48.76
N THR E 904 -52.09 40.45 -49.89
CA THR E 904 -52.41 39.66 -51.07
C THR E 904 -51.35 39.89 -52.14
N ILE E 905 -50.82 38.81 -52.68
CA ILE E 905 -49.77 38.87 -53.70
C ILE E 905 -50.40 39.09 -55.07
N PRO E 906 -49.69 39.70 -56.02
CA PRO E 906 -50.24 39.84 -57.37
C PRO E 906 -50.39 38.50 -58.07
N LYS E 907 -51.35 38.44 -58.99
CA LYS E 907 -51.65 37.22 -59.72
C LYS E 907 -50.75 37.02 -60.94
N ALA E 908 -49.99 38.03 -61.35
CA ALA E 908 -49.12 37.88 -62.51
C ALA E 908 -48.02 36.87 -62.26
N VAL E 909 -47.40 36.91 -61.07
CA VAL E 909 -46.36 35.95 -60.73
C VAL E 909 -46.94 34.55 -60.64
N VAL E 910 -48.19 34.43 -60.14
CA VAL E 910 -48.84 33.13 -60.07
C VAL E 910 -49.07 32.57 -61.46
N ASP E 911 -49.55 33.41 -62.39
CA ASP E 911 -49.77 32.96 -63.75
C ASP E 911 -48.46 32.56 -64.43
N HIS E 912 -47.40 33.35 -64.22
CA HIS E 912 -46.15 33.09 -64.92
C HIS E 912 -45.39 31.90 -64.34
N ILE E 913 -45.50 31.66 -63.03
CA ILE E 913 -44.72 30.59 -62.41
C ILE E 913 -45.19 29.22 -62.91
N ASN E 914 -46.47 29.09 -63.24
CA ASN E 914 -47.02 27.85 -63.77
C ASN E 914 -47.16 27.86 -65.29
N GLY E 915 -47.63 28.97 -65.85
CA GLY E 915 -47.77 29.10 -67.29
C GLY E 915 -48.98 28.42 -67.89
N SER E 916 -49.85 27.82 -67.07
CA SER E 916 -51.02 27.14 -67.58
C SER E 916 -52.05 28.09 -68.19
N GLY E 917 -51.89 29.40 -67.98
CA GLY E 917 -52.80 30.37 -68.56
C GLY E 917 -52.61 30.56 -70.05
N LYS E 918 -52.98 31.75 -70.55
CA LYS E 918 -52.88 32.02 -71.98
C LYS E 918 -51.44 32.01 -72.45
N ARG E 919 -50.51 32.56 -71.66
CA ARG E 919 -49.10 32.61 -72.04
C ARG E 919 -48.44 31.29 -71.69
N LYS E 920 -47.82 30.66 -72.68
CA LYS E 920 -47.13 29.41 -72.45
C LYS E 920 -45.85 29.64 -71.65
N PRO E 921 -45.50 28.73 -70.74
CA PRO E 921 -44.23 28.86 -70.02
C PRO E 921 -43.05 28.75 -70.98
N THR E 922 -42.01 29.54 -70.71
CA THR E 922 -40.83 29.53 -71.55
C THR E 922 -40.03 28.25 -71.34
N LYS E 923 -39.46 27.74 -72.44
CA LYS E 923 -38.58 26.58 -72.33
C LYS E 923 -37.33 26.91 -71.51
N ALA E 924 -36.82 28.14 -71.66
CA ALA E 924 -35.74 28.60 -70.79
C ALA E 924 -36.21 28.64 -69.34
N ALA E 925 -37.44 29.10 -69.11
CA ALA E 925 -37.99 29.06 -67.75
C ALA E 925 -38.15 27.63 -67.26
N GLN E 926 -38.50 26.71 -68.17
CA GLN E 926 -38.58 25.30 -67.79
C GLN E 926 -37.22 24.78 -67.35
N ARG E 927 -36.16 25.10 -68.10
CA ARG E 927 -34.82 24.69 -67.70
C ARG E 927 -34.43 25.33 -66.37
N ALA E 928 -34.80 26.59 -66.17
CA ALA E 928 -34.48 27.27 -64.92
C ALA E 928 -35.15 26.61 -63.73
N ARG E 929 -36.45 26.30 -63.85
CA ARG E 929 -37.13 25.62 -62.76
C ARG E 929 -36.68 24.18 -62.61
N ASP E 930 -36.11 23.58 -63.65
CA ASP E 930 -35.53 22.24 -63.51
C ASP E 930 -34.22 22.30 -62.73
N GLN E 931 -33.38 23.30 -62.99
CA GLN E 931 -32.09 23.36 -62.31
C GLN E 931 -32.22 23.77 -60.85
N ASP E 932 -33.27 24.50 -60.50
CA ASP E 932 -33.51 24.83 -59.10
C ASP E 932 -33.92 23.58 -58.33
N SER E 933 -33.55 23.54 -57.05
CA SER E 933 -33.73 22.36 -56.22
C SER E 933 -35.12 22.26 -55.60
N ILE E 934 -35.94 23.31 -55.68
CA ILE E 934 -37.25 23.34 -55.05
C ILE E 934 -38.30 23.59 -56.12
N ASP E 935 -39.34 22.77 -56.12
CA ASP E 935 -40.52 23.01 -56.96
C ASP E 935 -41.38 24.07 -56.30
N ILE E 936 -41.57 25.20 -56.98
CA ILE E 936 -42.25 26.35 -56.41
C ILE E 936 -43.46 26.68 -57.27
N SER E 937 -44.61 26.89 -56.62
CA SER E 937 -45.84 27.27 -57.28
C SER E 937 -46.80 27.80 -56.22
N ILE E 938 -47.69 28.70 -56.64
CA ILE E 938 -48.62 29.36 -55.74
C ILE E 938 -50.04 28.98 -56.15
N LYS E 939 -50.83 28.51 -55.18
CA LYS E 939 -52.22 28.13 -55.42
C LYS E 939 -53.10 28.94 -54.48
N ASP E 940 -53.94 29.81 -55.05
CA ASP E 940 -54.90 30.62 -54.30
C ASP E 940 -54.20 31.46 -53.23
N ASN E 941 -53.32 32.35 -53.71
CA ASN E 941 -52.58 33.31 -52.90
C ASN E 941 -51.69 32.66 -51.86
N LYS E 942 -51.44 31.35 -51.96
CA LYS E 942 -50.54 30.67 -51.04
C LYS E 942 -49.68 29.70 -51.83
N LEU E 943 -48.37 29.73 -51.54
CA LEU E 943 -47.43 28.83 -52.17
C LEU E 943 -47.46 27.46 -51.50
N VAL E 944 -46.81 26.49 -52.13
CA VAL E 944 -46.75 25.12 -51.65
C VAL E 944 -45.29 24.71 -51.52
N MET E 945 -44.96 24.04 -50.42
CA MET E 945 -43.61 23.57 -50.15
C MET E 945 -43.67 22.12 -49.72
N LYS E 946 -42.97 21.25 -50.45
CA LYS E 946 -42.96 19.83 -50.15
C LYS E 946 -41.56 19.27 -50.39
N SER E 947 -41.09 18.45 -49.45
CA SER E 947 -39.78 17.82 -49.61
C SER E 947 -39.84 16.76 -50.70
N LYS E 948 -38.77 16.69 -51.50
CA LYS E 948 -38.72 15.78 -52.63
C LYS E 948 -38.10 14.43 -52.29
N PHE E 949 -37.32 14.34 -51.22
CA PHE E 949 -36.69 13.09 -50.81
C PHE E 949 -37.44 12.38 -49.68
N ASN E 950 -37.86 13.12 -48.66
CA ASN E 950 -38.54 12.56 -47.51
C ASN E 950 -39.99 13.03 -47.50
N LYS E 951 -40.92 12.09 -47.66
CA LYS E 951 -42.34 12.40 -47.66
C LYS E 951 -42.96 12.43 -46.27
N SER E 952 -42.21 12.10 -45.23
CA SER E 952 -42.73 12.12 -43.88
C SER E 952 -42.81 13.55 -43.36
N ASN E 953 -43.37 13.69 -42.17
CA ASN E 953 -43.54 15.00 -41.53
C ASN E 953 -42.20 15.47 -40.99
N ARG E 954 -41.40 16.09 -41.86
CA ARG E 954 -40.08 16.59 -41.48
C ARG E 954 -40.26 17.78 -40.53
N SER E 955 -39.99 17.55 -39.25
CA SER E 955 -40.10 18.61 -38.26
C SER E 955 -38.91 19.55 -38.35
N TYR E 956 -39.19 20.84 -38.49
CA TYR E 956 -38.16 21.86 -38.59
C TYR E 956 -37.91 22.57 -37.26
N SER E 957 -38.56 22.13 -36.19
CA SER E 957 -38.45 22.80 -34.91
C SER E 957 -37.04 22.66 -34.34
N ILE E 958 -36.64 23.66 -33.55
CA ILE E 958 -35.32 23.67 -32.94
C ILE E 958 -35.42 23.32 -31.47
N TYR F 28 -39.34 62.91 -37.16
CA TYR F 28 -39.64 61.96 -36.10
C TYR F 28 -40.65 60.91 -36.58
N LYS F 29 -41.46 61.28 -37.57
CA LYS F 29 -42.43 60.35 -38.12
C LYS F 29 -41.75 59.16 -38.79
N ASN F 30 -40.66 59.41 -39.52
CA ASN F 30 -39.95 58.32 -40.18
C ASN F 30 -39.11 57.52 -39.20
N LYS F 31 -38.59 58.18 -38.16
CA LYS F 31 -37.72 57.49 -37.21
C LYS F 31 -38.47 56.36 -36.48
N LEU F 32 -39.70 56.63 -36.06
CA LEU F 32 -40.47 55.60 -35.35
C LEU F 32 -40.83 54.44 -36.27
N THR F 33 -41.09 54.71 -37.55
CA THR F 33 -41.40 53.64 -38.48
C THR F 33 -40.18 52.77 -38.75
N VAL F 34 -39.03 53.39 -39.04
CA VAL F 34 -37.84 52.63 -39.39
C VAL F 34 -37.31 51.86 -38.20
N CYS F 35 -37.43 52.44 -37.00
CA CYS F 35 -36.88 51.77 -35.81
C CYS F 35 -37.56 50.44 -35.55
N PHE F 36 -38.89 50.39 -35.69
CA PHE F 36 -39.57 49.11 -35.57
C PHE F 36 -39.37 48.24 -36.79
N ASP F 37 -39.10 48.84 -37.95
CA ASP F 37 -38.72 48.05 -39.11
C ASP F 37 -37.29 47.53 -38.96
N ASP F 38 -36.40 48.33 -38.36
CA ASP F 38 -35.01 47.92 -38.21
C ASP F 38 -34.83 46.87 -37.12
N ILE F 39 -35.62 46.93 -36.05
CA ILE F 39 -35.49 45.92 -35.00
C ILE F 39 -35.83 44.55 -35.56
N LEU F 40 -36.75 44.48 -36.53
CA LEU F 40 -36.96 43.23 -37.26
C LEU F 40 -35.85 43.00 -38.27
N LYS F 41 -35.34 44.08 -38.88
CA LYS F 41 -34.21 43.96 -39.79
C LYS F 41 -32.96 43.52 -39.05
N VAL F 42 -32.72 44.07 -37.86
CA VAL F 42 -31.57 43.64 -37.05
C VAL F 42 -31.70 42.16 -36.70
N GLY F 43 -32.92 41.74 -36.33
CA GLY F 43 -33.15 40.34 -36.05
C GLY F 43 -33.16 39.46 -37.29
N ALA F 44 -33.35 40.05 -38.47
CA ALA F 44 -33.44 39.25 -39.69
C ALA F 44 -32.20 38.38 -39.88
N GLU F 45 -31.02 38.97 -39.68
CA GLU F 45 -29.79 38.17 -39.70
C GLU F 45 -29.65 37.30 -38.46
N MET F 46 -30.32 37.66 -37.35
CA MET F 46 -30.24 36.85 -36.14
C MET F 46 -30.95 35.51 -36.33
N MET F 47 -32.15 35.53 -36.91
CA MET F 47 -32.81 34.27 -37.23
C MET F 47 -32.33 33.67 -38.55
N MET F 48 -31.60 34.43 -39.36
CA MET F 48 -31.02 33.86 -40.58
C MET F 48 -30.06 32.74 -40.23
N GLN F 49 -29.11 33.02 -39.34
CA GLN F 49 -28.22 31.96 -38.83
C GLN F 49 -29.03 30.88 -38.11
N GLN F 50 -30.05 31.30 -37.37
CA GLN F 50 -30.98 30.33 -36.77
C GLN F 50 -31.68 29.51 -37.83
N GLN F 51 -32.10 30.14 -38.93
CA GLN F 51 -32.77 29.43 -40.01
C GLN F 51 -31.84 28.45 -40.71
N GLY F 64 -25.05 29.18 -31.53
CA GLY F 64 -25.33 30.25 -30.58
C GLY F 64 -25.65 31.57 -31.25
N PHE F 65 -25.54 32.65 -30.48
CA PHE F 65 -25.82 34.00 -30.97
C PHE F 65 -24.53 34.79 -31.10
N SER F 66 -24.43 35.58 -32.16
CA SER F 66 -23.27 36.43 -32.37
C SER F 66 -23.36 37.67 -31.47
N GLN F 67 -22.23 38.03 -30.87
CA GLN F 67 -22.20 39.19 -29.98
C GLN F 67 -22.48 40.49 -30.73
N SER F 68 -22.07 40.57 -31.99
CA SER F 68 -22.33 41.78 -32.77
C SER F 68 -23.83 42.01 -32.95
N GLN F 69 -24.58 40.96 -33.28
CA GLN F 69 -26.02 41.10 -33.43
C GLN F 69 -26.69 41.44 -32.10
N GLN F 70 -26.22 40.84 -31.00
CA GLN F 70 -26.80 41.12 -29.70
C GLN F 70 -26.59 42.58 -29.30
N LYS F 71 -25.37 43.10 -29.50
CA LYS F 71 -25.12 44.50 -29.16
C LYS F 71 -25.84 45.43 -30.12
N LEU F 72 -26.02 45.02 -31.38
CA LEU F 72 -26.81 45.82 -32.32
C LEU F 72 -28.25 45.93 -31.84
N LEU F 73 -28.82 44.81 -31.39
CA LEU F 73 -30.18 44.84 -30.84
C LEU F 73 -30.25 45.71 -29.59
N LYS F 74 -29.26 45.61 -28.72
CA LYS F 74 -29.23 46.41 -27.50
C LYS F 74 -29.20 47.90 -27.83
N GLU F 75 -28.33 48.31 -28.74
CA GLU F 75 -28.26 49.72 -29.08
C GLU F 75 -29.51 50.17 -29.82
N LYS F 76 -30.13 49.29 -30.62
CA LYS F 76 -31.37 49.65 -31.29
C LYS F 76 -32.48 49.91 -30.29
N VAL F 77 -32.65 49.04 -29.29
CA VAL F 77 -33.72 49.23 -28.33
C VAL F 77 -33.45 50.46 -27.46
N LYS F 78 -32.19 50.66 -27.07
CA LYS F 78 -31.89 51.82 -26.23
C LYS F 78 -32.10 53.12 -27.00
N LEU F 79 -31.76 53.15 -28.30
CA LEU F 79 -31.99 54.36 -29.07
C LEU F 79 -33.48 54.57 -29.33
N PHE F 80 -34.26 53.49 -29.48
CA PHE F 80 -35.70 53.63 -29.57
C PHE F 80 -36.26 54.30 -28.32
N HIS F 81 -35.84 53.83 -27.16
CA HIS F 81 -36.28 54.45 -25.91
C HIS F 81 -35.83 55.90 -25.83
N GLY F 82 -34.59 56.19 -26.24
CA GLY F 82 -34.09 57.55 -26.20
C GLY F 82 -34.85 58.50 -27.10
N ILE F 83 -35.17 58.07 -28.32
CA ILE F 83 -35.90 58.93 -29.23
C ILE F 83 -37.34 59.09 -28.75
N LEU F 84 -37.92 58.08 -28.12
CA LEU F 84 -39.24 58.25 -27.52
C LEU F 84 -39.20 59.32 -26.43
N ASP F 85 -38.19 59.28 -25.58
CA ASP F 85 -38.05 60.30 -24.54
C ASP F 85 -37.84 61.68 -25.15
N ASP F 86 -37.02 61.76 -26.19
CA ASP F 86 -36.78 63.05 -26.84
C ASP F 86 -38.06 63.61 -27.46
N LEU F 87 -38.86 62.75 -28.09
CA LEU F 87 -40.12 63.20 -28.66
C LEU F 87 -41.07 63.66 -27.56
N GLU F 88 -41.09 62.96 -26.41
CA GLU F 88 -41.92 63.40 -25.31
C GLU F 88 -41.50 64.78 -24.80
N THR F 89 -40.18 64.99 -24.66
CA THR F 89 -39.70 66.29 -24.21
C THR F 89 -40.03 67.39 -25.22
N SER F 90 -39.90 67.09 -26.52
CA SER F 90 -40.24 68.08 -27.54
C SER F 90 -41.72 68.41 -27.49
N LEU F 91 -42.58 67.40 -27.29
CA LEU F 91 -44.01 67.65 -27.17
C LEU F 91 -44.31 68.52 -25.96
N SER F 92 -43.66 68.25 -24.83
CA SER F 92 -43.90 69.07 -23.64
C SER F 92 -43.47 70.50 -23.86
N GLN F 93 -42.30 70.71 -24.49
CA GLN F 93 -41.83 72.07 -24.75
C GLN F 93 -42.75 72.80 -25.72
N SER F 94 -43.21 72.11 -26.77
CA SER F 94 -44.13 72.73 -27.71
C SER F 94 -45.44 73.08 -27.03
N SER F 95 -45.93 72.21 -26.15
CA SER F 95 -47.16 72.52 -25.42
C SER F 95 -46.98 73.77 -24.56
N SER F 96 -45.89 73.83 -23.79
CA SER F 96 -45.65 74.98 -22.93
C SER F 96 -45.56 76.26 -23.74
N TYR F 97 -44.87 76.21 -24.89
CA TYR F 97 -44.89 77.34 -25.80
C TYR F 97 -46.31 77.68 -26.23
N LEU F 98 -47.16 76.66 -26.42
CA LEU F 98 -48.53 76.92 -26.81
C LEU F 98 -49.26 77.74 -25.75
N GLU F 99 -49.20 77.31 -24.49
CA GLU F 99 -49.92 78.10 -23.47
C GLU F 99 -49.31 79.48 -23.30
N THR F 100 -47.97 79.60 -23.36
CA THR F 100 -47.40 80.92 -23.12
C THR F 100 -47.73 81.90 -24.24
N LEU F 101 -47.72 81.42 -25.50
CA LEU F 101 -48.12 82.30 -26.61
C LEU F 101 -49.61 82.63 -26.56
N THR F 102 -50.46 81.66 -26.20
CA THR F 102 -51.89 81.95 -26.11
C THR F 102 -52.16 82.97 -25.00
N ALA F 103 -51.49 82.83 -23.87
CA ALA F 103 -51.64 83.81 -22.80
C ALA F 103 -51.13 85.18 -23.24
N LEU F 104 -50.00 85.23 -23.92
CA LEU F 104 -49.46 86.50 -24.40
C LEU F 104 -50.04 86.84 -25.77
N MET G 1 -58.56 64.77 -38.53
CA MET G 1 -59.82 64.87 -39.24
C MET G 1 -60.14 66.32 -39.61
N ASP G 2 -60.90 66.99 -38.75
CA ASP G 2 -61.26 68.37 -39.00
C ASP G 2 -60.03 69.27 -38.97
N SER G 3 -59.96 70.18 -39.93
CA SER G 3 -58.84 71.12 -40.05
C SER G 3 -59.26 72.45 -39.46
N ILE G 4 -59.11 72.57 -38.13
CA ILE G 4 -59.44 73.83 -37.46
C ILE G 4 -58.51 74.93 -37.92
N ILE G 5 -57.23 74.62 -38.07
CA ILE G 5 -56.21 75.61 -38.49
C ILE G 5 -56.04 75.46 -39.99
N PRO G 6 -56.38 76.48 -40.79
CA PRO G 6 -56.17 76.39 -42.24
C PRO G 6 -54.69 76.35 -42.59
N ALA G 7 -54.40 75.72 -43.72
CA ALA G 7 -53.03 75.63 -44.19
C ALA G 7 -52.64 76.89 -44.96
N GLY G 8 -51.39 77.34 -44.75
CA GLY G 8 -50.87 78.50 -45.45
C GLY G 8 -51.21 79.84 -44.82
N VAL G 9 -51.85 79.86 -43.66
CA VAL G 9 -52.23 81.09 -43.00
C VAL G 9 -51.08 81.55 -42.11
N LYS G 10 -50.94 82.87 -41.98
CA LYS G 10 -49.85 83.46 -41.22
C LYS G 10 -50.08 83.30 -39.72
N LEU G 11 -49.01 83.54 -38.95
CA LEU G 11 -49.08 83.39 -37.50
C LEU G 11 -49.99 84.43 -36.86
N ASP G 12 -49.91 85.69 -37.32
CA ASP G 12 -50.70 86.75 -36.72
C ASP G 12 -52.18 86.54 -36.95
N ASP G 13 -52.56 86.08 -38.15
CA ASP G 13 -53.96 85.76 -38.41
C ASP G 13 -54.44 84.65 -37.49
N LEU G 14 -53.60 83.65 -37.26
CA LEU G 14 -53.95 82.59 -36.33
C LEU G 14 -54.10 83.12 -34.91
N GLN G 15 -53.26 84.08 -34.51
CA GLN G 15 -53.41 84.70 -33.20
C GLN G 15 -54.75 85.41 -33.08
N VAL G 16 -55.13 86.16 -34.13
CA VAL G 16 -56.41 86.87 -34.13
C VAL G 16 -57.57 85.89 -34.03
N ILE G 17 -57.50 84.79 -34.80
CA ILE G 17 -58.55 83.78 -34.73
C ILE G 17 -58.61 83.15 -33.35
N LEU G 18 -57.45 82.84 -32.77
CA LEU G 18 -57.39 82.17 -31.47
C LEU G 18 -57.91 83.07 -30.35
N ALA G 19 -57.77 84.39 -30.50
CA ALA G 19 -58.18 85.31 -29.46
C ALA G 19 -59.68 85.24 -29.17
N LYS G 20 -60.48 84.73 -30.10
CA LYS G 20 -61.93 84.65 -29.96
C LYS G 20 -62.37 83.19 -29.93
N ASN G 21 -63.69 82.99 -29.94
CA ASN G 21 -64.41 81.72 -29.96
C ASN G 21 -64.40 81.00 -28.61
N GLU G 22 -63.97 81.65 -27.54
CA GLU G 22 -63.99 81.07 -26.19
C GLU G 22 -63.22 79.76 -26.08
N ASN G 23 -62.15 79.63 -26.88
CA ASN G 23 -61.09 78.63 -26.66
C ASN G 23 -61.58 77.20 -26.78
N GLU G 24 -62.55 76.95 -27.67
CA GLU G 24 -62.93 75.57 -27.93
C GLU G 24 -61.79 74.80 -28.57
N THR G 25 -61.04 75.44 -29.47
CA THR G 25 -59.88 74.81 -30.06
C THR G 25 -58.74 74.66 -29.05
N ARG G 26 -58.62 75.60 -28.10
CA ARG G 26 -57.67 75.42 -27.01
C ARG G 26 -58.01 74.19 -26.18
N ASP G 27 -59.30 74.01 -25.88
CA ASP G 27 -59.72 72.82 -25.15
C ASP G 27 -59.41 71.55 -25.94
N LYS G 28 -59.69 71.58 -27.25
CA LYS G 28 -59.43 70.41 -28.08
C LYS G 28 -57.95 70.06 -28.12
N VAL G 29 -57.09 71.06 -28.31
CA VAL G 29 -55.66 70.78 -28.40
C VAL G 29 -55.11 70.37 -27.03
N CYS G 30 -55.67 70.93 -25.94
CA CYS G 30 -55.26 70.49 -24.61
C CYS G 30 -55.62 69.02 -24.40
N LYS G 31 -56.82 68.62 -24.81
CA LYS G 31 -57.20 67.22 -24.72
C LYS G 31 -56.28 66.34 -25.55
N GLN G 32 -55.94 66.80 -26.76
CA GLN G 32 -55.07 66.02 -27.64
C GLN G 32 -53.67 65.84 -27.05
N ILE G 33 -53.08 66.92 -26.53
CA ILE G 33 -51.75 66.79 -25.92
C ILE G 33 -51.83 65.95 -24.66
N ASN G 34 -52.92 66.04 -23.90
CA ASN G 34 -53.06 65.22 -22.70
C ASN G 34 -53.14 63.74 -23.06
N GLU G 35 -53.90 63.39 -24.09
CA GLU G 35 -53.99 61.98 -24.47
C GLU G 35 -52.70 61.49 -25.08
N ALA G 36 -51.96 62.36 -25.78
CA ALA G 36 -50.64 61.97 -26.27
C ALA G 36 -49.70 61.67 -25.12
N ARG G 37 -49.70 62.53 -24.09
CA ARG G 37 -48.85 62.30 -22.92
C ARG G 37 -49.25 61.03 -22.18
N ASP G 38 -50.56 60.77 -22.07
CA ASP G 38 -51.02 59.56 -21.41
C ASP G 38 -50.90 58.32 -22.28
N GLU G 39 -50.61 58.49 -23.58
CA GLU G 39 -50.36 57.36 -24.48
C GLU G 39 -48.88 57.02 -24.58
N ILE G 40 -48.00 58.01 -24.31
CA ILE G 40 -46.57 57.77 -24.44
C ILE G 40 -46.13 56.62 -23.53
N LEU G 41 -46.54 56.66 -22.26
CA LEU G 41 -46.10 55.63 -21.31
C LEU G 41 -46.59 54.22 -21.64
N PRO G 42 -47.88 53.99 -21.92
CA PRO G 42 -48.31 52.61 -22.20
C PRO G 42 -47.61 51.99 -23.38
N LEU G 43 -47.23 52.77 -24.39
CA LEU G 43 -46.47 52.23 -25.50
C LEU G 43 -45.14 51.67 -25.02
N ARG G 44 -44.44 52.42 -24.16
CA ARG G 44 -43.19 51.92 -23.58
C ARG G 44 -43.43 50.66 -22.77
N LEU G 45 -44.49 50.64 -21.95
CA LEU G 45 -44.76 49.49 -21.10
C LEU G 45 -45.01 48.24 -21.93
N GLN G 46 -45.87 48.34 -22.95
CA GLN G 46 -46.17 47.18 -23.76
C GLN G 46 -44.99 46.78 -24.65
N PHE G 47 -44.15 47.75 -25.04
CA PHE G 47 -42.96 47.40 -25.82
C PHE G 47 -41.98 46.60 -24.96
N ASN G 48 -41.82 47.01 -23.70
CA ASN G 48 -41.00 46.23 -22.78
C ASN G 48 -41.60 44.84 -22.56
N GLU G 49 -42.94 44.76 -22.48
CA GLU G 49 -43.58 43.46 -22.36
C GLU G 49 -43.30 42.58 -23.58
N PHE G 50 -43.34 43.16 -24.77
CA PHE G 50 -43.01 42.42 -25.98
C PHE G 50 -41.57 41.93 -25.97
N ILE G 51 -40.65 42.78 -25.52
CA ILE G 51 -39.24 42.35 -25.39
C ILE G 51 -39.12 41.19 -24.41
N GLN G 52 -39.83 41.27 -23.29
CA GLN G 52 -39.79 40.19 -22.31
C GLN G 52 -40.34 38.90 -22.89
N ILE G 53 -41.42 39.00 -23.67
CA ILE G 53 -42.00 37.81 -24.31
C ILE G 53 -41.00 37.20 -25.28
N MET G 54 -40.35 38.04 -26.09
CA MET G 54 -39.39 37.55 -27.07
C MET G 54 -38.22 36.88 -26.37
N ALA G 55 -37.72 37.47 -25.29
CA ALA G 55 -36.57 36.91 -24.59
C ALA G 55 -36.91 35.57 -23.95
N ASN G 56 -38.14 35.41 -23.46
CA ASN G 56 -38.57 34.19 -22.77
C ASN G 56 -39.25 33.20 -23.71
N ILE G 57 -38.89 33.20 -25.00
CA ILE G 57 -39.53 32.30 -25.96
C ILE G 57 -39.19 30.85 -25.68
N ASP G 58 -38.07 30.56 -25.02
CA ASP G 58 -37.64 29.20 -24.73
C ASP G 58 -38.18 28.68 -23.41
N GLN G 59 -39.29 29.24 -22.91
CA GLN G 59 -39.88 28.83 -21.65
C GLN G 59 -41.39 28.70 -21.82
N GLU G 60 -41.98 27.84 -20.99
CA GLU G 60 -43.43 27.62 -20.98
C GLU G 60 -43.95 27.18 -22.34
N GLY G 61 -43.16 26.38 -23.05
CA GLY G 61 -43.60 25.81 -24.30
C GLY G 61 -43.39 24.32 -24.39
N SER G 62 -44.48 23.56 -24.50
CA SER G 62 -44.41 22.10 -24.59
C SER G 62 -45.28 21.50 -25.67
N LYS G 63 -46.31 22.20 -26.15
CA LYS G 63 -47.20 21.69 -27.19
C LYS G 63 -47.17 22.61 -28.40
N GLN G 64 -47.38 22.00 -29.58
CA GLN G 64 -47.26 22.76 -30.82
C GLN G 64 -48.37 23.81 -30.93
N ALA G 65 -49.58 23.44 -30.50
CA ALA G 65 -50.69 24.39 -30.45
C ALA G 65 -50.39 25.55 -29.51
N ASP G 66 -49.56 25.32 -28.49
CA ASP G 66 -49.10 26.43 -27.66
C ASP G 66 -48.33 27.44 -28.49
N ARG G 67 -47.47 26.96 -29.39
CA ARG G 67 -46.80 27.87 -30.32
C ARG G 67 -47.81 28.57 -31.24
N MET G 68 -48.79 27.83 -31.76
CA MET G 68 -49.84 28.51 -32.54
C MET G 68 -50.45 29.67 -31.77
N ALA G 69 -50.90 29.41 -30.54
CA ALA G 69 -51.56 30.45 -29.75
C ALA G 69 -50.62 31.61 -29.45
N LYS G 70 -49.40 31.31 -29.01
CA LYS G 70 -48.48 32.38 -28.62
C LYS G 70 -48.08 33.25 -29.80
N TYR G 71 -47.78 32.63 -30.95
CA TYR G 71 -47.35 33.44 -32.08
C TYR G 71 -48.51 34.15 -32.76
N LEU G 72 -49.73 33.59 -32.73
CA LEU G 72 -50.88 34.38 -33.14
C LEU G 72 -51.06 35.59 -32.22
N HIS G 73 -50.86 35.38 -30.91
CA HIS G 73 -50.95 36.50 -29.97
C HIS G 73 -49.93 37.58 -30.30
N ILE G 74 -48.69 37.19 -30.58
CA ILE G 74 -47.67 38.21 -30.85
C ILE G 74 -47.93 38.90 -32.18
N ARG G 75 -48.41 38.17 -33.20
CA ARG G 75 -48.73 38.83 -34.46
C ARG G 75 -49.86 39.82 -34.26
N ASP G 76 -50.84 39.49 -33.41
CA ASP G 76 -51.86 40.45 -33.06
C ASP G 76 -51.26 41.65 -32.31
N LYS G 77 -50.27 41.39 -31.46
CA LYS G 77 -49.62 42.46 -30.70
C LYS G 77 -49.01 43.49 -31.64
N ILE G 78 -48.17 43.05 -32.57
CA ILE G 78 -47.63 43.98 -33.55
C ILE G 78 -48.73 44.54 -34.46
N LEU G 79 -49.86 43.84 -34.60
CA LEU G 79 -50.99 44.43 -35.31
C LEU G 79 -51.48 45.71 -34.61
N GLN G 80 -51.75 45.63 -33.30
CA GLN G 80 -52.14 46.89 -32.66
C GLN G 80 -50.97 47.85 -32.54
N LEU G 81 -49.73 47.36 -32.62
CA LEU G 81 -48.60 48.28 -32.68
C LEU G 81 -48.65 49.15 -33.93
N ASN G 82 -48.88 48.54 -35.09
CA ASN G 82 -48.99 49.33 -36.31
C ASN G 82 -50.23 50.21 -36.29
N ASP G 83 -51.32 49.70 -35.71
CA ASP G 83 -52.53 50.53 -35.57
C ASP G 83 -52.26 51.75 -34.70
N ARG G 84 -51.56 51.56 -33.58
CA ARG G 84 -51.22 52.67 -32.69
C ARG G 84 -50.25 53.64 -33.36
N PHE G 85 -49.33 53.12 -34.17
CA PHE G 85 -48.45 53.99 -34.94
C PHE G 85 -49.26 54.87 -35.89
N GLN G 86 -50.25 54.29 -36.56
CA GLN G 86 -51.12 55.08 -37.43
C GLN G 86 -51.91 56.11 -36.63
N THR G 87 -52.42 55.72 -35.46
CA THR G 87 -53.19 56.67 -34.64
C THR G 87 -52.33 57.83 -34.17
N LEU G 88 -51.11 57.56 -33.72
CA LEU G 88 -50.23 58.65 -33.30
C LEU G 88 -49.78 59.50 -34.47
N SER G 89 -49.63 58.90 -35.66
CA SER G 89 -49.37 59.69 -36.85
C SER G 89 -50.52 60.65 -37.13
N SER G 90 -51.75 60.15 -37.01
CA SER G 90 -52.92 61.02 -37.18
C SER G 90 -52.94 62.11 -36.13
N HIS G 91 -52.60 61.78 -34.89
CA HIS G 91 -52.57 62.77 -33.81
C HIS G 91 -51.54 63.86 -34.09
N LEU G 92 -50.35 63.48 -34.56
CA LEU G 92 -49.32 64.47 -34.80
C LEU G 92 -49.62 65.31 -36.03
N GLU G 93 -50.22 64.71 -37.07
CA GLU G 93 -50.57 65.51 -38.24
C GLU G 93 -51.74 66.42 -37.96
N ALA G 94 -52.61 66.06 -37.01
CA ALA G 94 -53.66 66.97 -36.57
C ALA G 94 -53.06 68.20 -35.91
N LEU G 95 -52.01 68.03 -35.11
CA LEU G 95 -51.31 69.15 -34.50
C LEU G 95 -50.22 69.72 -35.39
N GLN G 96 -50.01 69.16 -36.57
CA GLN G 96 -49.00 69.69 -37.49
C GLN G 96 -49.26 71.14 -37.88
N PRO G 97 -50.49 71.56 -38.24
CA PRO G 97 -50.70 73.00 -38.51
C PRO G 97 -50.41 73.88 -37.31
N LEU G 98 -50.71 73.40 -36.10
CA LEU G 98 -50.40 74.19 -34.91
C LEU G 98 -48.89 74.33 -34.72
N PHE G 99 -48.15 73.24 -34.92
CA PHE G 99 -46.70 73.29 -34.79
C PHE G 99 -46.04 74.05 -35.92
N SER G 100 -46.73 74.22 -37.05
CA SER G 100 -46.14 74.89 -38.20
C SER G 100 -45.82 76.36 -37.92
N THR G 101 -46.47 76.96 -36.94
CA THR G 101 -46.19 78.36 -36.59
C THR G 101 -44.88 78.51 -35.83
N VAL G 102 -44.42 77.47 -35.14
CA VAL G 102 -43.20 77.58 -34.35
C VAL G 102 -41.97 77.89 -35.22
N PRO G 103 -41.71 77.20 -36.33
CA PRO G 103 -40.56 77.59 -37.15
C PRO G 103 -40.63 79.02 -37.66
N GLU G 104 -41.82 79.48 -38.06
CA GLU G 104 -41.95 80.86 -38.54
C GLU G 104 -41.68 81.85 -37.42
N TYR G 105 -42.22 81.60 -36.22
CA TYR G 105 -41.97 82.48 -35.09
C TYR G 105 -40.49 82.51 -34.73
N LEU G 106 -39.85 81.35 -34.73
CA LEU G 106 -38.42 81.30 -34.40
C LEU G 106 -37.58 82.03 -35.44
N LYS G 107 -37.88 81.84 -36.73
CA LYS G 107 -37.08 82.49 -37.76
C LYS G 107 -37.33 84.00 -37.80
N THR G 108 -38.55 84.44 -37.49
CA THR G 108 -38.82 85.88 -37.43
C THR G 108 -38.14 86.49 -36.20
N ALA G 109 -38.12 85.78 -35.09
CA ALA G 109 -37.45 86.27 -33.88
C ALA G 109 -35.93 86.19 -33.99
N ASP G 110 -35.40 85.48 -34.98
CA ASP G 110 -33.95 85.36 -35.14
C ASP G 110 -33.36 86.68 -35.64
N MET H 1 -56.77 38.70 10.69
CA MET H 1 -55.91 38.37 9.55
C MET H 1 -55.22 39.62 9.01
N GLN H 2 -55.95 40.73 8.91
CA GLN H 2 -55.33 41.97 8.46
C GLN H 2 -54.20 42.39 9.39
N LEU H 3 -54.43 42.32 10.70
CA LEU H 3 -53.41 42.71 11.65
C LEU H 3 -52.21 41.77 11.60
N VAL H 4 -52.46 40.46 11.42
CA VAL H 4 -51.36 39.50 11.37
C VAL H 4 -50.49 39.74 10.15
N VAL H 5 -51.11 39.95 8.99
CA VAL H 5 -50.33 40.21 7.78
C VAL H 5 -49.61 41.54 7.88
N LEU H 6 -50.24 42.54 8.51
CA LEU H 6 -49.56 43.82 8.72
C LEU H 6 -48.35 43.66 9.63
N THR H 7 -48.48 42.86 10.68
CA THR H 7 -47.35 42.61 11.58
C THR H 7 -46.23 41.88 10.85
N ASP H 8 -46.58 40.91 10.01
CA ASP H 8 -45.56 40.22 9.22
C ASP H 8 -44.85 41.17 8.28
N VAL H 9 -45.60 42.06 7.62
CA VAL H 9 -44.99 43.04 6.73
C VAL H 9 -44.07 43.98 7.51
N VAL H 10 -44.51 44.41 8.70
CA VAL H 10 -43.70 45.31 9.52
C VAL H 10 -42.41 44.62 9.96
N GLU H 11 -42.50 43.35 10.35
CA GLU H 11 -41.31 42.59 10.74
C GLU H 11 -40.35 42.44 9.58
N ARG H 12 -40.88 42.13 8.39
CA ARG H 12 -40.01 42.00 7.21
C ARG H 12 -39.35 43.32 6.87
N LEU H 13 -40.10 44.43 6.99
CA LEU H 13 -39.52 45.74 6.75
C LEU H 13 -38.41 46.05 7.75
N HIS H 14 -38.65 45.76 9.03
CA HIS H 14 -37.63 45.99 10.04
C HIS H 14 -36.38 45.14 9.76
N LYS H 15 -36.59 43.92 9.27
CA LYS H 15 -35.46 43.09 8.86
C LYS H 15 -34.74 43.69 7.65
N ASN H 16 -35.46 44.39 6.77
CA ASN H 16 -34.90 44.89 5.53
C ASN H 16 -34.67 46.39 5.50
N PHE H 17 -35.21 47.15 6.46
CA PHE H 17 -35.08 48.60 6.45
C PHE H 17 -34.40 49.11 7.71
N GLU H 18 -33.27 48.49 8.09
CA GLU H 18 -32.57 48.90 9.30
C GLU H 18 -31.84 50.22 9.07
N SER H 19 -32.55 51.33 9.30
CA SER H 19 -31.99 52.66 9.10
C SER H 19 -32.55 53.60 10.16
N GLU H 20 -31.82 54.68 10.41
CA GLU H 20 -32.22 55.64 11.44
C GLU H 20 -33.36 56.54 11.02
N ASN H 21 -33.71 56.58 9.74
CA ASN H 21 -34.82 57.38 9.25
C ASN H 21 -36.12 56.60 9.12
N PHE H 22 -36.11 55.31 9.46
CA PHE H 22 -37.30 54.47 9.33
C PHE H 22 -38.26 54.78 10.47
N LYS H 23 -39.51 55.11 10.12
CA LYS H 23 -40.52 55.45 11.11
C LYS H 23 -41.89 55.32 10.46
N ILE H 24 -42.89 55.01 11.29
CA ILE H 24 -44.27 54.88 10.85
C ILE H 24 -45.04 56.10 11.34
N ILE H 25 -45.73 56.78 10.42
CA ILE H 25 -46.45 58.01 10.74
C ILE H 25 -47.89 57.68 11.08
N ALA H 26 -48.61 57.11 10.12
CA ALA H 26 -50.03 56.80 10.28
C ALA H 26 -50.27 55.33 9.98
N LEU H 27 -51.13 54.71 10.79
CA LEU H 27 -51.50 53.31 10.64
C LEU H 27 -52.98 53.25 10.27
N GLN H 28 -53.27 52.62 9.13
CA GLN H 28 -54.65 52.48 8.66
C GLN H 28 -54.90 51.05 8.20
N PRO H 29 -56.14 50.57 8.34
CA PRO H 29 -56.43 49.19 7.89
C PRO H 29 -56.24 48.99 6.39
N ASN H 30 -56.40 50.03 5.58
CA ASN H 30 -56.34 49.90 4.13
C ASN H 30 -55.11 50.52 3.50
N GLU H 31 -54.30 51.26 4.27
CA GLU H 31 -53.11 51.88 3.70
C GLU H 31 -52.04 52.01 4.78
N ILE H 32 -50.80 52.14 4.34
CA ILE H 32 -49.65 52.27 5.22
C ILE H 32 -48.97 53.61 4.93
N SER H 33 -48.73 54.39 5.98
CA SER H 33 -48.07 55.69 5.87
C SER H 33 -46.85 55.67 6.78
N PHE H 34 -45.69 55.39 6.20
CA PHE H 34 -44.44 55.31 6.95
C PHE H 34 -43.38 56.16 6.26
N LYS H 35 -42.43 56.65 7.06
CA LYS H 35 -41.35 57.49 6.59
C LYS H 35 -40.02 56.77 6.77
N TYR H 36 -39.25 56.67 5.70
CA TYR H 36 -37.92 56.09 5.75
C TYR H 36 -36.83 56.98 5.16
N LEU H 37 -37.20 58.16 4.66
CA LEU H 37 -36.25 59.11 4.12
C LEU H 37 -35.98 60.21 5.14
N SER H 38 -35.25 61.25 4.73
CA SER H 38 -34.88 62.35 5.59
C SER H 38 -35.79 63.56 5.42
N ASN H 39 -37.06 63.33 5.09
CA ASN H 39 -38.01 64.42 4.95
C ASN H 39 -38.33 65.02 6.31
N ASN H 40 -38.28 66.35 6.41
CA ASN H 40 -38.46 67.02 7.68
C ASN H 40 -39.93 67.05 8.12
N ASP H 41 -40.86 67.04 7.18
CA ASP H 41 -42.27 67.17 7.51
C ASP H 41 -42.75 65.92 8.25
N GLU H 42 -43.47 66.13 9.36
CA GLU H 42 -43.87 65.01 10.20
C GLU H 42 -45.02 64.21 9.57
N ASP H 43 -46.02 64.89 9.03
CA ASP H 43 -47.20 64.22 8.51
C ASP H 43 -47.08 63.83 7.04
N ASP H 44 -45.98 64.17 6.39
CA ASP H 44 -45.78 63.82 4.99
C ASP H 44 -45.26 62.39 4.91
N LYS H 45 -46.03 61.52 4.26
CA LYS H 45 -45.67 60.11 4.12
C LYS H 45 -44.76 59.94 2.89
N ASP H 46 -43.52 59.52 3.14
CA ASP H 46 -42.58 59.33 2.05
C ASP H 46 -43.03 58.21 1.12
N CYS H 47 -43.51 57.11 1.68
CA CYS H 47 -43.99 55.97 0.91
C CYS H 47 -45.37 55.57 1.41
N THR H 48 -46.29 55.35 0.48
CA THR H 48 -47.64 54.91 0.78
C THR H 48 -47.85 53.50 0.23
N ILE H 49 -48.27 52.59 1.09
CA ILE H 49 -48.52 51.21 0.71
C ILE H 49 -49.99 50.91 0.98
N LYS H 50 -50.74 50.59 -0.08
CA LYS H 50 -52.15 50.26 0.04
C LYS H 50 -52.31 48.80 0.42
N ILE H 51 -53.22 48.53 1.35
CA ILE H 51 -53.44 47.20 1.88
C ILE H 51 -54.68 46.60 1.22
N SER H 52 -54.48 45.54 0.45
CA SER H 52 -55.57 44.78 -0.17
C SER H 52 -55.48 43.36 0.37
N THR H 53 -56.27 43.06 1.39
CA THR H 53 -56.17 41.80 2.13
C THR H 53 -57.18 40.78 1.60
N ASN H 54 -56.75 39.52 1.59
CA ASN H 54 -57.58 38.39 1.23
C ASN H 54 -57.80 37.52 2.46
N ASP H 55 -58.44 36.36 2.25
CA ASP H 55 -58.75 35.46 3.36
C ASP H 55 -57.50 34.92 4.04
N ASP H 56 -56.36 34.94 3.37
CA ASP H 56 -55.12 34.40 3.94
C ASP H 56 -53.94 35.36 3.95
N SER H 57 -53.85 36.29 3.00
CA SER H 57 -52.73 37.22 2.94
C SER H 57 -53.15 38.43 2.11
N ILE H 58 -52.23 39.38 1.98
CA ILE H 58 -52.48 40.56 1.16
C ILE H 58 -52.43 40.17 -0.31
N LYS H 59 -53.48 40.54 -1.06
CA LYS H 59 -53.53 40.20 -2.47
C LYS H 59 -52.43 40.91 -3.25
N ASN H 60 -52.26 42.21 -2.99
CA ASN H 60 -51.26 43.00 -3.71
C ASN H 60 -50.80 44.14 -2.81
N LEU H 61 -49.50 44.42 -2.84
CA LEU H 61 -48.91 45.53 -2.09
C LEU H 61 -48.47 46.59 -3.10
N THR H 62 -49.37 47.54 -3.36
CA THR H 62 -49.06 48.61 -4.30
C THR H 62 -48.31 49.73 -3.59
N VAL H 63 -47.16 50.12 -4.15
CA VAL H 63 -46.32 51.15 -3.57
C VAL H 63 -46.70 52.49 -4.19
N GLN H 64 -47.12 53.43 -3.36
CA GLN H 64 -47.44 54.79 -3.78
C GLN H 64 -46.46 55.76 -3.12
N LEU H 65 -46.03 56.76 -3.88
CA LEU H 65 -45.00 57.67 -3.44
C LEU H 65 -45.49 59.10 -3.57
N SER H 66 -45.17 59.92 -2.55
CA SER H 66 -45.67 61.28 -2.50
C SER H 66 -45.07 62.13 -3.62
N PRO H 67 -45.84 63.08 -4.15
CA PRO H 67 -45.28 63.99 -5.16
C PRO H 67 -44.08 64.78 -4.67
N SER H 68 -44.08 65.18 -3.39
CA SER H 68 -42.91 65.84 -2.83
C SER H 68 -41.72 64.89 -2.79
N ASN H 69 -41.99 63.62 -2.53
CA ASN H 69 -40.93 62.61 -2.57
C ASN H 69 -40.41 62.48 -3.99
N PRO H 70 -39.09 62.60 -4.21
CA PRO H 70 -38.55 62.50 -5.57
C PRO H 70 -38.69 61.13 -6.19
N GLN H 71 -39.14 60.12 -5.45
CA GLN H 71 -39.22 58.76 -5.94
C GLN H 71 -40.49 58.50 -6.77
N HIS H 72 -41.38 59.48 -6.88
CA HIS H 72 -42.66 59.29 -7.54
C HIS H 72 -42.53 59.00 -9.03
N ILE H 73 -41.38 59.25 -9.64
CA ILE H 73 -41.22 59.02 -11.08
C ILE H 73 -41.13 57.55 -11.43
N ILE H 74 -40.90 56.67 -10.46
CA ILE H 74 -40.83 55.23 -10.69
C ILE H 74 -42.18 54.56 -10.40
N GLN H 75 -43.21 55.35 -10.09
CA GLN H 75 -44.51 54.79 -9.73
C GLN H 75 -45.11 53.91 -10.82
N PRO H 76 -45.20 54.32 -12.09
CA PRO H 76 -45.83 53.44 -13.09
C PRO H 76 -45.13 52.10 -13.26
N PHE H 77 -43.80 52.09 -13.19
CA PHE H 77 -43.07 50.84 -13.37
C PHE H 77 -43.31 49.88 -12.21
N LEU H 78 -43.40 50.41 -10.99
CA LEU H 78 -43.78 49.57 -9.86
C LEU H 78 -45.20 49.07 -10.00
N ASP H 79 -46.11 49.93 -10.51
CA ASP H 79 -47.51 49.53 -10.63
C ASP H 79 -47.70 48.42 -11.66
N ASN H 80 -47.06 48.54 -12.82
CA ASN H 80 -47.30 47.58 -13.90
C ASN H 80 -46.50 46.30 -13.76
N SER H 81 -45.53 46.24 -12.86
CA SER H 81 -44.69 45.07 -12.69
C SER H 81 -45.04 44.36 -11.39
N LYS H 82 -45.28 43.06 -11.47
CA LYS H 82 -45.59 42.25 -10.29
C LYS H 82 -44.29 41.61 -9.81
N MET H 83 -43.47 42.41 -9.15
CA MET H 83 -42.22 41.97 -8.56
C MET H 83 -42.42 41.65 -7.07
N ASP H 84 -41.46 40.91 -6.51
CA ASP H 84 -41.54 40.57 -5.11
C ASP H 84 -41.47 41.84 -4.25
N TYR H 85 -42.33 41.88 -3.22
CA TYR H 85 -42.36 43.05 -2.34
C TYR H 85 -41.04 43.21 -1.59
N HIS H 86 -40.43 42.10 -1.17
CA HIS H 86 -39.11 42.17 -0.54
C HIS H 86 -38.08 42.75 -1.50
N PHE H 87 -38.14 42.36 -2.78
CA PHE H 87 -37.21 42.92 -3.77
C PHE H 87 -37.46 44.41 -3.96
N ILE H 88 -38.72 44.84 -3.95
CA ILE H 88 -39.03 46.26 -4.06
C ILE H 88 -38.46 47.02 -2.86
N PHE H 89 -38.62 46.47 -1.66
CA PHE H 89 -38.05 47.11 -0.48
C PHE H 89 -36.53 47.18 -0.56
N SER H 90 -35.90 46.11 -1.05
CA SER H 90 -34.45 46.11 -1.20
C SER H 90 -34.00 47.18 -2.19
N TYR H 91 -34.72 47.31 -3.32
CA TYR H 91 -34.38 48.34 -4.30
C TYR H 91 -34.55 49.74 -3.71
N LEU H 92 -35.63 49.94 -2.95
CA LEU H 92 -35.86 51.25 -2.34
C LEU H 92 -34.75 51.60 -1.36
N GLN H 93 -34.37 50.65 -0.49
CA GLN H 93 -33.31 50.92 0.47
C GLN H 93 -31.96 51.09 -0.22
N PHE H 94 -31.75 50.40 -1.35
CA PHE H 94 -30.50 50.50 -2.08
C PHE H 94 -30.38 51.82 -2.83
N THR H 95 -31.50 52.40 -3.25
CA THR H 95 -31.50 53.60 -4.08
C THR H 95 -31.99 54.84 -3.34
N SER H 96 -32.24 54.75 -2.04
CA SER H 96 -32.71 55.92 -1.29
C SER H 96 -31.69 57.06 -1.32
N SER H 97 -30.41 56.74 -1.18
CA SER H 97 -29.39 57.78 -1.24
C SER H 97 -29.33 58.43 -2.61
N LEU H 98 -29.47 57.64 -3.68
CA LEU H 98 -29.54 58.20 -5.02
C LEU H 98 -30.75 59.11 -5.17
N PHE H 99 -31.90 58.70 -4.62
CA PHE H 99 -33.09 59.54 -4.66
C PHE H 99 -32.87 60.86 -3.94
N LYS H 100 -32.21 60.82 -2.78
CA LYS H 100 -31.92 62.05 -2.06
C LYS H 100 -30.99 62.96 -2.86
N ALA H 101 -29.96 62.38 -3.48
CA ALA H 101 -29.03 63.17 -4.27
C ALA H 101 -29.72 63.82 -5.47
N LEU H 102 -30.55 63.06 -6.18
CA LEU H 102 -31.26 63.63 -7.32
C LEU H 102 -32.32 64.63 -6.85
N LYS H 103 -32.86 64.44 -5.64
CA LYS H 103 -33.76 65.44 -5.07
C LYS H 103 -33.04 66.77 -4.86
N VAL H 104 -31.81 66.70 -4.33
CA VAL H 104 -31.02 67.92 -4.17
C VAL H 104 -30.74 68.56 -5.52
N ILE H 105 -30.39 67.72 -6.51
CA ILE H 105 -30.09 68.24 -7.84
C ILE H 105 -31.29 68.95 -8.45
N LEU H 106 -32.48 68.34 -8.34
CA LEU H 106 -33.67 68.93 -8.93
C LEU H 106 -34.16 70.13 -8.14
N ASN H 107 -33.94 70.16 -6.82
CA ASN H 107 -34.32 71.32 -6.03
C ASN H 107 -33.38 72.48 -6.25
N GLU H 108 -32.15 72.23 -6.70
CA GLU H 108 -31.26 73.32 -7.06
C GLU H 108 -31.84 74.15 -8.20
N ARG H 109 -32.36 73.49 -9.23
CA ARG H 109 -33.00 74.20 -10.32
C ARG H 109 -34.41 74.66 -9.96
N GLY H 110 -35.12 73.90 -9.13
CA GLY H 110 -36.48 74.21 -8.76
C GLY H 110 -36.64 75.33 -7.76
N GLY H 111 -35.54 75.94 -7.32
CA GLY H 111 -35.65 77.05 -6.39
C GLY H 111 -36.40 78.22 -7.01
N LYS H 112 -37.09 78.97 -6.16
CA LYS H 112 -37.91 80.08 -6.62
C LYS H 112 -37.00 81.27 -6.98
N PHE H 113 -37.62 82.41 -7.28
CA PHE H 113 -36.89 83.59 -7.72
C PHE H 113 -35.94 84.09 -6.63
N HIS H 114 -34.64 84.04 -6.90
CA HIS H 114 -33.62 84.49 -5.97
C HIS H 114 -33.09 85.88 -6.30
N GLU H 115 -33.86 86.67 -7.06
CA GLU H 115 -33.49 88.04 -7.45
C GLU H 115 -32.18 88.08 -8.24
N SER H 116 -31.91 87.02 -9.02
CA SER H 116 -30.73 86.94 -9.86
C SER H 116 -31.16 86.69 -11.30
N GLY H 117 -30.54 87.44 -12.22
CA GLY H 117 -30.85 87.29 -13.63
C GLY H 117 -30.06 86.19 -14.30
N SER H 118 -29.78 85.11 -13.56
CA SER H 118 -29.02 83.98 -14.09
C SER H 118 -29.98 82.93 -14.64
N GLN H 119 -30.57 83.26 -15.79
CA GLN H 119 -31.48 82.36 -16.48
C GLN H 119 -30.65 81.30 -17.19
N TYR H 120 -30.31 80.24 -16.45
CA TYR H 120 -29.48 79.18 -16.99
C TYR H 120 -30.19 78.46 -18.12
N SER H 121 -29.46 78.20 -19.21
CA SER H 121 -30.03 77.53 -20.37
C SER H 121 -30.13 76.03 -20.20
N THR H 122 -29.59 75.47 -19.11
CA THR H 122 -29.59 74.03 -18.88
C THR H 122 -30.71 73.69 -17.90
N MET H 123 -31.58 72.78 -18.31
CA MET H 123 -32.64 72.27 -17.45
C MET H 123 -32.39 70.79 -17.18
N VAL H 124 -32.63 70.37 -15.94
CA VAL H 124 -32.36 69.02 -15.50
C VAL H 124 -33.68 68.27 -15.42
N ASN H 125 -33.78 67.15 -16.16
CA ASN H 125 -34.95 66.30 -16.13
C ASN H 125 -34.50 64.84 -16.13
N ILE H 126 -35.38 63.97 -15.64
CA ILE H 126 -35.07 62.56 -15.44
C ILE H 126 -35.59 61.76 -16.62
N GLY H 127 -34.70 60.99 -17.25
CA GLY H 127 -35.07 60.04 -18.28
C GLY H 127 -35.15 58.65 -17.69
N LEU H 128 -36.15 57.88 -18.13
CA LEU H 128 -36.42 56.56 -17.55
C LEU H 128 -36.58 55.54 -18.67
N HIS H 129 -35.87 54.42 -18.53
CA HIS H 129 -36.00 53.28 -19.43
C HIS H 129 -36.76 52.12 -18.79
N ASN H 130 -36.29 51.65 -17.63
CA ASN H 130 -36.96 50.60 -16.88
C ASN H 130 -36.49 50.70 -15.43
N LEU H 131 -36.81 49.67 -14.65
CA LEU H 131 -36.38 49.65 -13.25
C LEU H 131 -34.89 49.39 -13.09
N ASN H 132 -34.21 48.90 -14.13
CA ASN H 132 -32.80 48.59 -14.02
C ASN H 132 -31.90 49.81 -14.17
N GLU H 133 -32.40 50.91 -14.71
CA GLU H 133 -31.55 52.08 -14.91
C GLU H 133 -32.37 53.35 -14.76
N TYR H 134 -31.68 54.42 -14.37
CA TYR H 134 -32.25 55.75 -14.26
C TYR H 134 -31.31 56.73 -14.94
N GLN H 135 -31.84 57.57 -15.81
CA GLN H 135 -31.05 58.40 -16.70
C GLN H 135 -31.36 59.88 -16.48
N ILE H 136 -30.31 60.70 -16.51
CA ILE H 136 -30.44 62.15 -16.36
C ILE H 136 -29.82 62.80 -17.59
N VAL H 137 -30.60 63.65 -18.25
CA VAL H 137 -30.16 64.39 -19.43
C VAL H 137 -30.40 65.87 -19.21
N TYR H 138 -29.43 66.69 -19.60
CA TYR H 138 -29.47 68.12 -19.38
C TYR H 138 -29.87 68.81 -20.69
N TYR H 139 -31.04 69.43 -20.69
CA TYR H 139 -31.58 70.04 -21.90
C TYR H 139 -31.10 71.49 -22.01
N ASN H 140 -30.44 71.80 -23.12
CA ASN H 140 -30.00 73.16 -23.42
C ASN H 140 -30.52 73.57 -24.79
N PRO H 141 -31.70 74.19 -24.87
CA PRO H 141 -32.22 74.59 -26.18
C PRO H 141 -31.50 75.78 -26.77
N GLN H 142 -30.93 76.62 -25.91
CA GLN H 142 -30.21 77.80 -26.38
C GLN H 142 -28.93 77.40 -27.10
N ALA H 143 -28.15 76.51 -26.50
CA ALA H 143 -26.91 76.03 -27.10
C ALA H 143 -27.11 74.81 -27.99
N GLY H 144 -28.27 74.17 -27.93
CA GLY H 144 -28.49 72.98 -28.74
C GLY H 144 -27.59 71.82 -28.40
N THR H 145 -27.33 71.59 -27.11
CA THR H 145 -26.43 70.54 -26.68
C THR H 145 -27.12 69.67 -25.63
N LYS H 146 -26.59 68.46 -25.47
CA LYS H 146 -27.14 67.48 -24.54
C LYS H 146 -26.04 66.95 -23.64
N ILE H 147 -26.40 66.69 -22.38
CA ILE H 147 -25.48 66.14 -21.38
C ILE H 147 -26.20 64.94 -20.75
N THR H 148 -25.89 63.75 -21.23
CA THR H 148 -26.54 62.53 -20.77
C THR H 148 -25.68 61.82 -19.74
N ILE H 149 -26.29 61.47 -18.61
CA ILE H 149 -25.64 60.68 -17.56
C ILE H 149 -26.56 59.51 -17.25
N CYS H 150 -26.13 58.30 -17.59
CA CYS H 150 -26.92 57.09 -17.38
C CYS H 150 -26.41 56.36 -16.15
N ILE H 151 -27.34 55.85 -15.35
CA ILE H 151 -27.04 55.12 -14.12
C ILE H 151 -27.73 53.77 -14.24
N GLU H 152 -26.96 52.73 -14.55
CA GLU H 152 -27.49 51.38 -14.70
C GLU H 152 -27.11 50.52 -13.51
N LEU H 153 -27.81 49.38 -13.39
CA LEU H 153 -27.52 48.39 -12.35
C LEU H 153 -26.83 47.21 -13.02
N LYS H 154 -25.50 47.21 -12.98
CA LYS H 154 -24.68 46.18 -13.62
C LYS H 154 -23.99 45.34 -12.56
N THR H 155 -23.95 44.02 -12.79
CA THR H 155 -23.33 43.08 -11.87
C THR H 155 -21.85 42.93 -12.21
N VAL H 156 -21.01 42.93 -11.17
CA VAL H 156 -19.57 42.78 -11.34
C VAL H 156 -19.08 41.71 -10.37
N LEU H 157 -18.16 40.87 -10.83
CA LEU H 157 -17.59 39.82 -9.99
C LEU H 157 -16.59 40.43 -9.00
N HIS H 158 -16.77 40.10 -7.72
CA HIS H 158 -15.91 40.63 -6.67
C HIS H 158 -15.56 39.50 -5.72
N ASN H 159 -14.30 39.07 -5.74
CA ASN H 159 -13.78 38.05 -4.84
C ASN H 159 -14.60 36.77 -4.91
N GLY H 160 -14.89 36.33 -6.14
CA GLY H 160 -15.68 35.15 -6.35
C GLY H 160 -17.16 35.31 -6.12
N ARG H 161 -17.64 36.54 -5.92
CA ARG H 161 -19.04 36.83 -5.68
C ARG H 161 -19.48 37.99 -6.55
N ASP H 162 -20.71 37.92 -7.06
CA ASP H 162 -21.23 38.94 -7.94
C ASP H 162 -22.01 39.98 -7.14
N LYS H 163 -21.67 41.24 -7.36
CA LYS H 163 -22.31 42.35 -6.65
C LYS H 163 -22.87 43.35 -7.67
N ILE H 164 -23.91 44.06 -7.25
CA ILE H 164 -24.58 45.05 -8.09
C ILE H 164 -24.19 46.43 -7.60
N GLN H 165 -23.67 47.25 -8.51
CA GLN H 165 -23.22 48.60 -8.19
C GLN H 165 -23.74 49.57 -9.24
N PHE H 166 -23.90 50.83 -8.84
CA PHE H 166 -24.43 51.85 -9.73
C PHE H 166 -23.37 52.22 -10.77
N HIS H 167 -23.71 52.06 -12.04
CA HIS H 167 -22.77 52.32 -13.13
C HIS H 167 -23.03 53.72 -13.70
N ILE H 168 -22.55 54.73 -12.97
CA ILE H 168 -22.65 56.10 -13.42
C ILE H 168 -21.55 56.35 -14.45
N HIS H 169 -21.94 56.65 -15.67
CA HIS H 169 -20.96 56.86 -16.74
C HIS H 169 -21.63 57.60 -17.89
N PHE H 170 -20.79 58.08 -18.81
CA PHE H 170 -21.27 58.65 -20.05
C PHE H 170 -21.52 57.55 -21.07
N ALA H 171 -22.57 57.75 -21.87
CA ALA H 171 -22.97 56.72 -22.82
C ALA H 171 -21.94 56.58 -23.94
N ASP H 172 -22.00 55.43 -24.62
CA ASP H 172 -21.08 55.19 -25.74
C ASP H 172 -21.29 56.16 -26.88
N VAL H 173 -22.48 56.76 -27.00
CA VAL H 173 -22.69 57.79 -28.00
C VAL H 173 -21.84 59.02 -27.70
N ALA H 174 -21.50 59.24 -26.42
CA ALA H 174 -20.75 60.42 -26.01
C ALA H 174 -19.26 60.27 -26.38
N HIS H 175 -19.03 60.01 -27.67
CA HIS H 175 -17.70 60.07 -28.26
C HIS H 175 -17.44 61.49 -28.79
N ILE H 176 -17.63 62.45 -27.90
CA ILE H 176 -17.61 63.86 -28.28
C ILE H 176 -16.18 64.29 -28.59
N THR H 177 -15.97 64.85 -29.78
CA THR H 177 -14.66 65.34 -30.16
C THR H 177 -14.38 66.68 -29.47
N THR H 178 -13.14 67.16 -29.65
CA THR H 178 -12.73 68.43 -29.06
C THR H 178 -13.39 69.63 -29.72
N LYS H 179 -14.09 69.44 -30.84
CA LYS H 179 -14.65 70.53 -31.60
C LYS H 179 -16.01 71.01 -31.10
N SER H 180 -16.64 70.28 -30.19
CA SER H 180 -17.96 70.67 -29.72
C SER H 180 -17.86 71.91 -28.83
N PRO H 181 -18.76 72.89 -29.00
CA PRO H 181 -18.72 74.06 -28.12
C PRO H 181 -18.93 73.74 -26.65
N ALA H 182 -19.77 72.75 -26.35
CA ALA H 182 -20.03 72.36 -24.97
C ALA H 182 -19.04 71.31 -24.45
N TYR H 183 -18.15 70.81 -25.30
CA TYR H 183 -17.17 69.80 -24.96
C TYR H 183 -16.28 70.15 -23.76
N PRO H 184 -15.94 71.43 -23.52
CA PRO H 184 -15.11 71.74 -22.35
C PRO H 184 -15.57 71.11 -21.04
N MET H 185 -16.87 71.13 -20.74
CA MET H 185 -17.30 70.65 -19.42
C MET H 185 -17.29 69.12 -19.36
N MET H 186 -17.68 68.44 -20.45
CA MET H 186 -17.52 66.98 -20.48
C MET H 186 -16.06 66.60 -20.34
N HIS H 187 -15.17 67.32 -21.01
CA HIS H 187 -13.74 67.02 -20.94
C HIS H 187 -13.20 67.26 -19.54
N GLN H 188 -13.65 68.32 -18.88
CA GLN H 188 -13.24 68.58 -17.50
C GLN H 188 -13.72 67.47 -16.58
N VAL H 189 -14.97 67.02 -16.75
CA VAL H 189 -15.48 65.91 -15.94
C VAL H 189 -14.65 64.66 -16.17
N ARG H 190 -14.35 64.36 -17.44
CA ARG H 190 -13.55 63.18 -17.76
C ARG H 190 -12.17 63.28 -17.14
N ASN H 191 -11.52 64.43 -17.24
CA ASN H 191 -10.18 64.58 -16.70
C ASN H 191 -10.16 64.47 -15.18
N GLN H 192 -11.15 65.07 -14.52
CA GLN H 192 -11.15 65.10 -13.06
C GLN H 192 -11.77 63.87 -12.42
N VAL H 193 -12.42 63.00 -13.19
CA VAL H 193 -12.98 61.78 -12.61
C VAL H 193 -12.39 60.54 -13.27
N PHE H 194 -12.61 60.40 -14.57
CA PHE H 194 -12.22 59.20 -15.30
C PHE H 194 -10.70 59.04 -15.34
N ILE H 216 -14.03 53.75 -8.32
CA ILE H 216 -13.40 52.86 -9.28
C ILE H 216 -13.60 53.39 -10.69
N ARG H 217 -12.53 53.87 -11.31
CA ARG H 217 -12.58 54.47 -12.63
C ARG H 217 -11.74 53.66 -13.61
N LEU H 218 -12.36 53.24 -14.70
CA LEU H 218 -11.68 52.50 -15.75
C LEU H 218 -11.59 53.28 -17.06
N GLY H 219 -11.84 54.58 -17.01
CA GLY H 219 -11.76 55.42 -18.19
C GLY H 219 -13.09 55.95 -18.65
N ASN H 220 -14.13 55.10 -18.62
CA ASN H 220 -15.49 55.52 -18.96
C ASN H 220 -16.46 55.37 -17.80
N GLY H 221 -16.50 54.19 -17.18
CA GLY H 221 -17.49 53.94 -16.15
C GLY H 221 -17.00 54.26 -14.74
N VAL H 222 -17.96 54.51 -13.86
CA VAL H 222 -17.67 54.74 -12.45
C VAL H 222 -18.65 53.92 -11.60
N ALA H 223 -18.21 52.75 -11.14
CA ALA H 223 -19.00 51.95 -10.22
C ALA H 223 -18.77 52.42 -8.79
N CYS H 224 -19.85 52.57 -8.04
CA CYS H 224 -19.77 53.17 -6.72
C CYS H 224 -20.68 52.45 -5.74
N ASP H 225 -20.29 52.48 -4.48
CA ASP H 225 -21.07 51.93 -3.38
C ASP H 225 -22.21 52.89 -3.04
N PRO H 226 -23.46 52.42 -2.92
CA PRO H 226 -24.56 53.34 -2.62
C PRO H 226 -24.37 54.12 -1.34
N SER H 227 -23.62 53.60 -0.37
CA SER H 227 -23.30 54.38 0.81
C SER H 227 -22.39 55.56 0.51
N GLU H 228 -21.75 55.57 -0.67
CA GLU H 228 -20.82 56.63 -1.03
C GLU H 228 -21.18 57.30 -2.34
N ILE H 229 -22.33 56.95 -2.94
CA ILE H 229 -22.74 57.61 -4.18
C ILE H 229 -23.12 59.06 -3.93
N GLU H 230 -23.75 59.35 -2.80
CA GLU H 230 -24.28 60.70 -2.61
C GLU H 230 -23.20 61.77 -2.41
N PRO H 231 -22.04 61.48 -1.80
CA PRO H 231 -20.97 62.50 -1.84
C PRO H 231 -20.30 62.59 -3.19
N ILE H 232 -20.02 61.47 -3.84
CA ILE H 232 -19.30 61.51 -5.12
C ILE H 232 -20.16 62.13 -6.21
N LEU H 233 -21.46 61.87 -6.19
CA LEU H 233 -22.34 62.49 -7.19
C LEU H 233 -22.36 64.01 -7.03
N MET H 234 -22.37 64.50 -5.79
CA MET H 234 -22.22 65.93 -5.56
C MET H 234 -20.86 66.42 -6.00
N GLU H 235 -19.82 65.58 -5.88
CA GLU H 235 -18.52 65.94 -6.44
C GLU H 235 -18.61 66.11 -7.95
N ILE H 236 -19.34 65.21 -8.62
CA ILE H 236 -19.67 65.44 -10.03
C ILE H 236 -20.53 66.69 -10.17
N HIS H 237 -21.52 66.83 -9.29
CA HIS H 237 -22.43 67.97 -9.36
C HIS H 237 -21.76 69.26 -8.92
N ASN H 238 -20.66 69.18 -8.18
CA ASN H 238 -19.91 70.39 -7.82
C ASN H 238 -19.39 71.10 -9.06
N ILE H 239 -18.86 70.33 -10.01
CA ILE H 239 -18.49 70.89 -11.31
C ILE H 239 -19.73 71.42 -12.02
N LEU H 240 -20.83 70.67 -11.95
CA LEU H 240 -22.08 71.13 -12.55
C LEU H 240 -22.64 72.36 -11.86
N LYS H 241 -22.30 72.55 -10.58
CA LYS H 241 -22.83 73.70 -9.83
C LYS H 241 -21.72 74.39 -9.05
N ASP I 287 -19.14 -37.14 40.52
CA ASP I 287 -18.43 -37.04 41.78
C ASP I 287 -17.38 -38.15 41.87
N MET I 288 -17.81 -39.41 41.73
CA MET I 288 -16.88 -40.52 41.62
C MET I 288 -16.01 -40.39 40.38
N LYS I 289 -16.59 -39.99 39.25
CA LYS I 289 -15.80 -39.78 38.04
C LYS I 289 -14.79 -38.66 38.23
N LEU I 290 -15.20 -37.58 38.87
CA LEU I 290 -14.27 -36.50 39.19
C LEU I 290 -13.14 -37.01 40.07
N LEU I 291 -13.47 -37.79 41.09
CA LEU I 291 -12.46 -38.33 41.99
C LEU I 291 -11.47 -39.21 41.25
N ARG I 292 -11.97 -40.09 40.37
CA ARG I 292 -11.07 -41.02 39.69
C ARG I 292 -10.19 -40.30 38.68
N TYR I 293 -10.75 -39.32 37.94
CA TYR I 293 -9.93 -38.56 37.00
C TYR I 293 -8.84 -37.79 37.74
N TYR I 294 -9.22 -37.11 38.83
CA TYR I 294 -8.25 -36.34 39.60
C TYR I 294 -7.16 -37.25 40.16
N LYS I 295 -7.55 -38.41 40.70
CA LYS I 295 -6.56 -39.31 41.28
C LYS I 295 -5.63 -39.88 40.22
N ASN I 296 -6.16 -40.27 39.06
CA ASN I 296 -5.27 -40.83 38.05
C ASN I 296 -4.28 -39.78 37.55
N ILE I 297 -4.74 -38.55 37.30
CA ILE I 297 -3.80 -37.53 36.86
C ILE I 297 -2.81 -37.18 37.97
N TRP I 298 -3.25 -37.20 39.23
CA TRP I 298 -2.37 -36.91 40.35
C TRP I 298 -1.27 -37.95 40.49
N LEU I 299 -1.64 -39.23 40.43
CA LEU I 299 -0.62 -40.29 40.47
C LEU I 299 0.32 -40.19 39.28
N ASN I 300 -0.20 -39.93 38.08
CA ASN I 300 0.68 -39.84 36.92
C ASN I 300 1.69 -38.71 37.10
N ASN I 301 1.22 -37.53 37.53
CA ASN I 301 2.11 -36.40 37.72
C ASN I 301 3.15 -36.68 38.81
N LYS I 302 2.72 -37.27 39.93
CA LYS I 302 3.66 -37.52 41.02
C LYS I 302 4.68 -38.58 40.66
N ILE I 303 4.30 -39.59 39.86
CA ILE I 303 5.27 -40.58 39.39
C ILE I 303 6.27 -39.92 38.45
N ILE I 304 5.81 -39.03 37.57
CA ILE I 304 6.74 -38.34 36.68
C ILE I 304 7.71 -37.46 37.47
N ASN I 305 7.23 -36.82 38.53
CA ASN I 305 7.99 -35.81 39.25
C ASN I 305 8.98 -36.39 40.26
N TRP I 306 9.17 -37.71 40.27
CA TRP I 306 10.19 -38.37 41.09
C TRP I 306 9.96 -38.14 42.58
N GLU I 307 8.70 -37.97 42.99
CA GLU I 307 8.38 -37.68 44.39
C GLU I 307 7.92 -38.91 45.17
N ILE I 308 8.14 -40.12 44.63
CA ILE I 308 7.72 -41.33 45.35
C ILE I 308 8.48 -41.46 46.66
N SER I 309 9.78 -41.15 46.64
CA SER I 309 10.60 -41.26 47.86
C SER I 309 10.18 -40.29 48.94
N ASN I 310 9.36 -39.29 48.62
CA ASN I 310 8.87 -38.35 49.63
C ASN I 310 8.02 -39.10 50.66
N PRO I 311 8.33 -39.00 51.96
CA PRO I 311 7.48 -39.65 52.97
C PRO I 311 6.10 -39.03 53.12
N ASP I 312 5.77 -38.01 52.33
CA ASP I 312 4.46 -37.39 52.35
C ASP I 312 3.51 -37.95 51.30
N PHE I 313 3.91 -39.04 50.63
CA PHE I 313 3.07 -39.63 49.59
C PHE I 313 1.72 -40.08 50.15
N LEU I 314 1.75 -40.81 51.26
CA LEU I 314 0.50 -41.31 51.84
C LEU I 314 -0.36 -40.18 52.38
N SER I 315 0.26 -39.15 52.96
CA SER I 315 -0.50 -38.03 53.49
C SER I 315 -1.24 -37.28 52.39
N LYS I 316 -0.54 -36.99 51.29
CA LYS I 316 -1.18 -36.32 50.16
C LYS I 316 -2.25 -37.21 49.53
N TYR I 317 -1.96 -38.51 49.42
CA TYR I 317 -2.95 -39.42 48.85
C TYR I 317 -4.22 -39.47 49.70
N SER I 318 -4.06 -39.45 51.02
CA SER I 318 -5.23 -39.44 51.90
C SER I 318 -5.97 -38.11 51.84
N ALA I 319 -5.23 -37.00 51.75
CA ALA I 319 -5.85 -35.68 51.71
C ALA I 319 -6.42 -35.33 50.35
N ILE I 320 -6.19 -36.16 49.32
CA ILE I 320 -6.79 -35.93 48.01
C ILE I 320 -8.30 -35.87 48.13
N THR I 321 -8.90 -36.81 48.86
CA THR I 321 -10.35 -36.86 48.97
C THR I 321 -10.91 -35.61 49.64
N SER I 322 -10.25 -35.13 50.69
CA SER I 322 -10.72 -33.93 51.37
C SER I 322 -10.48 -32.67 50.54
N SER I 323 -9.41 -32.63 49.75
CA SER I 323 -9.12 -31.44 48.96
C SER I 323 -10.04 -31.33 47.75
N ILE I 324 -10.40 -32.47 47.14
CA ILE I 324 -11.26 -32.44 45.97
C ILE I 324 -12.63 -31.87 46.31
N PHE I 325 -13.21 -32.34 47.41
CA PHE I 325 -14.54 -31.90 47.83
C PHE I 325 -14.39 -30.67 48.71
N GLN I 326 -14.95 -29.55 48.27
CA GLN I 326 -14.85 -28.31 49.04
C GLN I 326 -15.55 -28.43 50.38
N GLU I 327 -16.70 -29.09 50.42
CA GLU I 327 -17.40 -29.32 51.67
C GLU I 327 -16.61 -30.27 52.57
N SER I 328 -16.77 -30.10 53.87
CA SER I 328 -16.05 -30.93 54.83
C SER I 328 -16.42 -32.40 54.68
N PHE I 329 -15.40 -33.26 54.65
CA PHE I 329 -15.58 -34.70 54.51
C PHE I 329 -14.76 -35.36 55.62
N ASN I 330 -15.37 -35.51 56.79
CA ASN I 330 -14.68 -36.03 57.97
C ASN I 330 -15.01 -37.51 58.16
N SER I 331 -14.35 -38.34 57.36
CA SER I 331 -14.48 -39.79 57.45
C SER I 331 -13.15 -40.39 57.89
N VAL I 332 -13.20 -41.32 58.83
CA VAL I 332 -12.00 -41.99 59.33
C VAL I 332 -11.71 -43.16 58.38
N GLN I 333 -10.82 -42.92 57.42
CA GLN I 333 -10.44 -43.96 56.47
C GLN I 333 -9.35 -44.84 57.07
N ASN I 334 -9.65 -46.13 57.22
CA ASN I 334 -8.71 -47.05 57.84
C ASN I 334 -7.56 -47.37 56.88
N LEU I 335 -6.48 -47.92 57.45
CA LEU I 335 -5.27 -48.17 56.68
C LEU I 335 -5.52 -49.14 55.54
N ASP I 336 -6.31 -50.19 55.79
CA ASP I 336 -6.63 -51.14 54.73
C ASP I 336 -7.37 -50.45 53.59
N GLN I 337 -8.24 -49.49 53.91
CA GLN I 337 -8.93 -48.75 52.86
C GLN I 337 -7.94 -47.93 52.03
N LEU I 338 -6.98 -47.28 52.67
CA LEU I 338 -5.97 -46.52 51.92
C LEU I 338 -5.16 -47.42 51.00
N LEU I 339 -4.70 -48.57 51.52
CA LEU I 339 -3.88 -49.43 50.70
C LEU I 339 -4.69 -50.04 49.55
N THR I 340 -5.96 -50.38 49.81
CA THR I 340 -6.82 -50.88 48.75
C THR I 340 -7.01 -49.82 47.67
N ASP I 341 -7.30 -48.59 48.07
CA ASP I 341 -7.49 -47.50 47.11
C ASP I 341 -6.23 -47.31 46.27
N LEU I 342 -5.07 -47.34 46.93
CA LEU I 342 -3.81 -47.24 46.19
C LEU I 342 -3.68 -48.40 45.20
N ILE I 343 -4.06 -49.60 45.61
CA ILE I 343 -3.90 -50.77 44.74
C ILE I 343 -4.74 -50.63 43.48
N GLU I 344 -6.05 -50.35 43.65
CA GLU I 344 -6.87 -50.26 42.44
C GLU I 344 -6.53 -49.03 41.63
N THR I 345 -6.14 -47.92 42.27
CA THR I 345 -5.74 -46.74 41.52
C THR I 345 -4.53 -47.03 40.65
N SER I 346 -3.51 -47.69 41.23
CA SER I 346 -2.31 -48.02 40.48
C SER I 346 -2.63 -48.99 39.34
N PHE I 347 -3.43 -50.02 39.62
CA PHE I 347 -3.73 -51.01 38.59
C PHE I 347 -4.54 -50.39 37.44
N THR I 348 -5.54 -49.56 37.77
CA THR I 348 -6.31 -48.91 36.71
C THR I 348 -5.47 -47.91 35.93
N CYS I 349 -4.58 -47.19 36.62
CA CYS I 349 -3.71 -46.26 35.92
C CYS I 349 -2.79 -46.98 34.95
N PHE I 350 -2.21 -48.11 35.39
CA PHE I 350 -1.38 -48.90 34.48
C PHE I 350 -2.21 -49.48 33.33
N ALA I 351 -3.45 -49.87 33.63
CA ALA I 351 -4.34 -50.38 32.59
C ALA I 351 -4.56 -49.32 31.51
N GLN I 352 -4.90 -48.10 31.91
CA GLN I 352 -5.10 -47.04 30.94
C GLN I 352 -3.80 -46.71 30.21
N PHE I 353 -2.68 -46.70 30.93
CA PHE I 353 -1.40 -46.38 30.32
C PHE I 353 -1.04 -47.38 29.22
N VAL I 354 -1.31 -48.66 29.45
CA VAL I 354 -0.94 -49.67 28.46
C VAL I 354 -2.01 -49.81 27.38
N SER I 355 -3.26 -49.49 27.69
CA SER I 355 -4.36 -49.63 26.73
C SER I 355 -4.59 -48.38 25.90
N ASN I 356 -3.87 -47.28 26.19
CA ASN I 356 -3.92 -46.12 25.31
C ASN I 356 -2.81 -46.10 24.27
N LYS I 357 -1.92 -47.10 24.28
CA LYS I 357 -0.74 -47.05 23.42
C LYS I 357 -1.03 -47.45 21.97
N GLN I 358 -2.10 -48.21 21.72
CA GLN I 358 -2.37 -48.64 20.36
C GLN I 358 -2.83 -47.48 19.47
N TYR I 359 -3.43 -46.45 20.06
CA TYR I 359 -3.84 -45.29 19.27
C TYR I 359 -2.70 -44.36 18.95
N HIS I 360 -1.58 -44.47 19.67
CA HIS I 360 -0.39 -43.69 19.34
C HIS I 360 0.20 -44.15 18.01
N GLN I 361 1.06 -43.32 17.45
CA GLN I 361 1.85 -43.75 16.30
C GLN I 361 2.71 -44.95 16.69
N ALA I 362 2.84 -45.91 15.76
CA ALA I 362 3.55 -47.14 16.06
C ALA I 362 5.02 -46.90 16.40
N ASN I 363 5.57 -45.76 16.03
CA ASN I 363 6.97 -45.46 16.28
C ASN I 363 7.19 -44.23 17.18
N SER I 364 6.12 -43.60 17.65
CA SER I 364 6.25 -42.49 18.61
C SER I 364 6.60 -43.08 19.98
N ASN I 365 7.85 -43.52 20.09
CA ASN I 365 8.29 -44.38 21.18
C ASN I 365 8.78 -43.54 22.35
N LEU I 366 8.10 -43.65 23.49
CA LEU I 366 8.57 -43.06 24.75
C LEU I 366 8.33 -44.09 25.85
N THR I 367 9.41 -44.62 26.42
CA THR I 367 9.32 -45.72 27.37
C THR I 367 9.89 -45.40 28.74
N LEU I 368 10.35 -44.16 28.98
CA LEU I 368 10.84 -43.81 30.31
C LEU I 368 9.73 -43.94 31.35
N LEU I 369 8.53 -43.45 31.02
CA LEU I 369 7.43 -43.54 31.96
C LEU I 369 6.94 -44.98 32.11
N GLU I 370 7.03 -45.79 31.06
CA GLU I 370 6.62 -47.19 31.18
C GLU I 370 7.52 -47.93 32.16
N ARG I 371 8.84 -47.79 32.00
CA ARG I 371 9.76 -48.36 32.96
C ARG I 371 9.57 -47.76 34.34
N LYS I 372 9.17 -46.49 34.41
CA LYS I 372 8.95 -45.84 35.70
C LYS I 372 7.74 -46.45 36.41
N TRP I 373 6.64 -46.68 35.68
CA TRP I 373 5.50 -47.39 36.23
C TRP I 373 5.90 -48.78 36.71
N VAL I 374 6.65 -49.51 35.89
CA VAL I 374 7.03 -50.87 36.27
C VAL I 374 7.86 -50.86 37.55
N ILE I 375 8.83 -49.95 37.63
CA ILE I 375 9.70 -49.86 38.80
C ILE I 375 8.88 -49.50 40.04
N PHE I 376 8.00 -48.50 39.91
CA PHE I 376 7.18 -48.11 41.05
C PHE I 376 6.32 -49.26 41.54
N ILE I 377 5.56 -49.88 40.63
CA ILE I 377 4.61 -50.90 41.02
C ILE I 377 5.31 -52.13 41.58
N THR I 378 6.51 -52.45 41.09
CA THR I 378 7.21 -53.64 41.57
C THR I 378 8.09 -53.37 42.78
N LYS I 379 8.39 -52.11 43.09
CA LYS I 379 9.38 -51.81 44.12
C LYS I 379 8.80 -51.05 45.29
N HIS I 380 8.10 -49.95 45.04
CA HIS I 380 7.66 -49.08 46.12
C HIS I 380 6.39 -49.58 46.78
N LEU I 381 5.38 -49.95 45.98
CA LEU I 381 4.14 -50.46 46.53
C LEU I 381 4.34 -51.65 47.46
N PRO I 382 5.19 -52.64 47.16
CA PRO I 382 5.50 -53.64 48.19
C PRO I 382 6.03 -53.04 49.48
N LEU I 383 6.90 -52.03 49.41
CA LEU I 383 7.38 -51.38 50.64
C LEU I 383 6.27 -50.57 51.31
N LEU I 384 5.43 -49.93 50.50
CA LEU I 384 4.29 -49.21 51.04
C LEU I 384 3.41 -50.15 51.86
N ILE I 385 3.17 -51.36 51.36
CA ILE I 385 2.44 -52.34 52.13
C ILE I 385 3.25 -52.79 53.34
N LEU I 386 4.55 -52.98 53.16
CA LEU I 386 5.38 -53.57 54.21
C LEU I 386 5.39 -52.73 55.48
N GLU I 387 5.70 -51.43 55.34
CA GLU I 387 5.63 -50.55 56.51
C GLU I 387 4.44 -49.60 56.48
N ASN I 388 3.34 -49.98 55.84
CA ASN I 388 2.10 -49.23 55.99
C ASN I 388 0.90 -50.13 56.28
N SER I 389 0.99 -51.40 55.94
CA SER I 389 -0.14 -52.30 56.14
C SER I 389 -0.04 -53.02 57.49
N SER I 390 -1.11 -53.75 57.81
CA SER I 390 -1.18 -54.58 59.00
C SER I 390 -1.02 -56.07 58.69
N ARG I 391 -0.54 -56.42 57.50
CA ARG I 391 -0.29 -57.81 57.11
C ARG I 391 -1.60 -58.62 57.10
N SER I 392 -2.63 -58.09 56.44
CA SER I 392 -3.89 -58.79 56.31
C SER I 392 -3.97 -59.46 54.95
N PRO I 393 -3.92 -60.79 54.86
CA PRO I 393 -4.05 -61.45 53.55
C PRO I 393 -5.39 -61.20 52.88
N ARG I 394 -6.46 -60.99 53.66
CA ARG I 394 -7.78 -60.82 53.08
C ARG I 394 -7.85 -59.57 52.21
N VAL I 395 -7.26 -58.47 52.67
CA VAL I 395 -7.41 -57.21 51.95
C VAL I 395 -6.72 -57.26 50.59
N VAL I 396 -5.60 -57.98 50.50
CA VAL I 396 -4.92 -58.15 49.21
C VAL I 396 -5.79 -58.95 48.26
N THR I 397 -6.43 -60.01 48.76
CA THR I 397 -7.32 -60.81 47.92
C THR I 397 -8.50 -59.98 47.42
N ASN I 398 -9.08 -59.17 48.30
CA ASN I 398 -10.18 -58.30 47.88
C ASN I 398 -9.72 -57.29 46.84
N ALA I 399 -8.53 -56.72 47.04
CA ALA I 399 -8.04 -55.71 46.12
C ALA I 399 -7.76 -56.29 44.74
N LEU I 400 -7.16 -57.47 44.68
CA LEU I 400 -6.83 -58.08 43.40
C LEU I 400 -7.97 -58.90 42.80
N ASP I 401 -9.06 -59.09 43.54
CA ASP I 401 -10.25 -59.74 43.00
C ASP I 401 -11.30 -58.76 42.49
N ASN I 402 -11.22 -57.50 42.90
CA ASN I 402 -12.20 -56.49 42.51
C ASN I 402 -11.90 -55.85 41.16
N ILE I 403 -10.77 -56.21 40.54
CA ILE I 403 -10.41 -55.61 39.27
C ILE I 403 -11.30 -56.15 38.16
N ASP I 404 -11.53 -55.32 37.13
CA ASP I 404 -12.25 -55.76 35.95
C ASP I 404 -11.36 -56.69 35.11
N GLU I 405 -12.01 -57.52 34.29
CA GLU I 405 -11.28 -58.39 33.39
C GLU I 405 -10.79 -57.68 32.13
N LYS I 406 -11.20 -56.43 31.92
CA LYS I 406 -10.76 -55.68 30.75
C LYS I 406 -9.25 -55.47 30.76
N VAL I 407 -8.68 -55.17 31.94
CA VAL I 407 -7.24 -55.00 32.04
C VAL I 407 -6.51 -56.28 31.65
N VAL I 408 -6.98 -57.41 32.15
CA VAL I 408 -6.32 -58.69 31.84
C VAL I 408 -6.44 -58.99 30.35
N LYS I 409 -7.62 -58.77 29.78
CA LYS I 409 -7.81 -59.02 28.36
C LYS I 409 -6.90 -58.13 27.51
N ALA I 410 -6.81 -56.85 27.85
CA ALA I 410 -5.95 -55.94 27.09
C ALA I 410 -4.49 -56.32 27.21
N ILE I 411 -4.03 -56.66 28.42
CA ILE I 411 -2.63 -57.03 28.61
C ILE I 411 -2.31 -58.29 27.82
N ARG I 412 -3.18 -59.30 27.90
CA ARG I 412 -2.95 -60.54 27.17
C ARG I 412 -2.96 -60.31 25.67
N ILE I 413 -3.89 -59.48 25.18
CA ILE I 413 -3.96 -59.20 23.75
C ILE I 413 -2.69 -58.50 23.29
N TYR I 414 -2.22 -57.51 24.05
CA TYR I 414 -1.01 -56.80 23.66
C TYR I 414 0.22 -57.72 23.67
N PHE I 415 0.34 -58.57 24.70
CA PHE I 415 1.46 -59.50 24.72
C PHE I 415 1.40 -60.49 23.56
N THR I 416 0.20 -60.99 23.24
CA THR I 416 0.06 -61.91 22.11
C THR I 416 0.41 -61.23 20.80
N GLU I 417 -0.01 -59.97 20.63
CA GLU I 417 0.32 -59.24 19.41
C GLU I 417 1.82 -59.00 19.31
N LYS I 418 2.47 -58.67 20.43
CA LYS I 418 3.91 -58.47 20.41
C LYS I 418 4.64 -59.76 20.08
N ASP I 419 4.19 -60.88 20.64
CA ASP I 419 4.80 -62.17 20.35
C ASP I 419 4.32 -62.71 19.00
N PRO I 433 1.88 -72.09 25.40
CA PRO I 433 2.55 -70.93 24.80
C PRO I 433 3.78 -70.49 25.57
N SER I 434 4.51 -69.51 25.05
CA SER I 434 5.66 -68.97 25.75
C SER I 434 5.21 -68.31 27.04
N THR I 435 6.05 -68.40 28.07
CA THR I 435 5.73 -67.86 29.38
C THR I 435 5.45 -66.36 29.31
N SER I 436 4.21 -65.97 29.56
CA SER I 436 3.78 -64.57 29.50
C SER I 436 3.26 -64.20 30.88
N LEU I 437 4.15 -63.74 31.74
CA LEU I 437 3.77 -63.32 33.08
C LEU I 437 3.29 -61.88 33.08
N ASP I 438 2.33 -61.58 33.95
CA ASP I 438 1.80 -60.25 34.11
C ASP I 438 2.41 -59.56 35.32
N ILE I 439 2.09 -58.28 35.48
CA ILE I 439 2.63 -57.51 36.60
C ILE I 439 2.05 -57.96 37.93
N ARG I 440 0.93 -58.68 37.91
CA ARG I 440 0.33 -59.17 39.16
C ARG I 440 1.19 -60.26 39.79
N HIS I 441 1.80 -61.11 38.98
CA HIS I 441 2.67 -62.16 39.51
C HIS I 441 3.87 -61.57 40.23
N ASP I 442 4.50 -60.55 39.66
CA ASP I 442 5.65 -59.91 40.30
C ASP I 442 5.25 -59.21 41.60
N PHE I 443 4.03 -58.67 41.66
CA PHE I 443 3.57 -58.02 42.87
C PHE I 443 3.52 -59.01 44.03
N ILE I 444 2.91 -60.19 43.80
CA ILE I 444 2.76 -61.15 44.87
C ILE I 444 4.11 -61.74 45.27
N LYS I 445 5.00 -61.95 44.30
CA LYS I 445 6.30 -62.54 44.59
C LYS I 445 7.09 -61.68 45.57
N GLY I 446 7.08 -60.36 45.38
CA GLY I 446 7.78 -59.48 46.30
C GLY I 446 7.23 -59.55 47.71
N LEU I 447 5.91 -59.68 47.84
CA LEU I 447 5.29 -59.78 49.16
C LEU I 447 5.70 -61.06 49.87
N ILE I 448 5.94 -62.14 49.12
CA ILE I 448 6.37 -63.40 49.72
C ILE I 448 7.73 -63.24 50.37
N MET I 449 8.66 -62.55 49.70
CA MET I 449 10.00 -62.39 50.22
C MET I 449 10.02 -61.58 51.50
N LEU I 450 9.03 -60.71 51.70
CA LEU I 450 8.95 -59.87 52.89
C LEU I 450 8.17 -60.53 54.03
N ASN I 451 7.81 -61.80 53.88
CA ASN I 451 7.03 -62.53 54.89
C ASN I 451 5.64 -61.92 55.08
N LEU I 452 5.15 -61.23 54.05
CA LEU I 452 3.81 -60.64 54.14
C LEU I 452 2.73 -61.71 54.05
N GLN I 453 2.87 -62.64 53.11
CA GLN I 453 1.87 -63.68 52.88
C GLN I 453 2.54 -65.04 52.82
N PRO I 454 1.84 -66.09 53.23
CA PRO I 454 2.38 -67.44 53.10
C PRO I 454 2.39 -67.89 51.65
N ALA I 455 3.14 -68.97 51.39
CA ALA I 455 3.29 -69.50 50.05
C ALA I 455 1.99 -70.07 49.49
N SER I 456 0.96 -70.27 50.32
CA SER I 456 -0.32 -70.80 49.85
C SER I 456 -1.19 -69.74 49.20
N VAL I 457 -0.77 -68.47 49.21
CA VAL I 457 -1.60 -67.41 48.66
C VAL I 457 -1.37 -67.23 47.16
N ILE I 458 -0.15 -67.48 46.67
CA ILE I 458 0.11 -67.33 45.25
C ILE I 458 -0.71 -68.32 44.44
N ASN I 459 -0.92 -69.53 44.96
CA ASN I 459 -1.71 -70.52 44.25
C ASN I 459 -3.18 -70.11 44.11
N ASN I 460 -3.66 -69.20 44.97
CA ASN I 460 -5.05 -68.76 44.86
C ASN I 460 -5.30 -67.99 43.58
N TYR I 461 -4.36 -67.12 43.19
CA TYR I 461 -4.52 -66.28 42.02
C TYR I 461 -3.94 -66.90 40.75
N LEU I 462 -3.24 -68.02 40.85
CA LEU I 462 -2.70 -68.67 39.67
C LEU I 462 -3.83 -69.27 38.83
N ARG I 463 -3.54 -69.50 37.56
CA ARG I 463 -4.50 -70.13 36.68
C ARG I 463 -4.84 -71.52 37.19
N GLU I 464 -6.09 -71.92 36.99
CA GLU I 464 -6.60 -73.15 37.59
C GLU I 464 -5.87 -74.40 37.12
N ASP I 465 -5.13 -74.31 36.01
CA ASP I 465 -4.42 -75.46 35.47
C ASP I 465 -2.94 -75.48 35.84
N GLN I 466 -2.35 -74.33 36.17
CA GLN I 466 -0.93 -74.24 36.47
C GLN I 466 -0.71 -73.69 37.88
N MET I 467 0.09 -74.40 38.66
CA MET I 467 0.53 -73.96 39.98
C MET I 467 1.98 -73.53 39.93
N ILE I 468 2.48 -73.05 41.06
CA ILE I 468 3.88 -72.70 41.24
C ILE I 468 4.40 -73.40 42.48
N ASP I 469 5.53 -74.09 42.35
CA ASP I 469 6.12 -74.79 43.48
C ASP I 469 6.55 -73.78 44.55
N THR I 470 6.20 -74.09 45.80
CA THR I 470 6.47 -73.16 46.89
C THR I 470 7.97 -73.12 47.21
N SER I 471 8.65 -74.26 47.14
CA SER I 471 10.05 -74.32 47.53
C SER I 471 10.92 -73.52 46.56
N ILE I 472 10.58 -73.52 45.27
CA ILE I 472 11.42 -72.84 44.28
C ILE I 472 11.38 -71.33 44.51
N LEU I 473 10.24 -70.79 44.89
CA LEU I 473 10.11 -69.35 45.09
C LEU I 473 10.98 -68.90 46.26
N PRO I 474 11.84 -67.89 46.08
CA PRO I 474 12.62 -67.38 47.20
C PRO I 474 11.72 -66.83 48.31
N THR I 475 12.14 -67.03 49.55
CA THR I 475 11.35 -66.59 50.70
C THR I 475 12.13 -65.71 51.67
N ARG I 476 13.45 -65.59 51.53
CA ARG I 476 14.26 -64.78 52.43
C ARG I 476 14.80 -63.56 51.68
N ASP I 477 14.98 -62.47 52.42
CA ASP I 477 15.45 -61.21 51.86
C ASP I 477 16.96 -61.02 52.05
N ASP I 478 17.71 -62.11 52.07
CA ASP I 478 19.16 -62.02 52.19
C ASP I 478 19.81 -62.05 50.82
N LEU I 479 20.90 -61.31 50.67
CA LEU I 479 21.57 -61.20 49.40
C LEU I 479 22.36 -62.48 49.10
N PHE I 480 22.17 -63.02 47.90
CA PHE I 480 22.86 -64.22 47.45
C PHE I 480 23.56 -63.94 46.13
N VAL I 481 24.86 -64.24 46.07
CA VAL I 481 25.68 -63.97 44.89
C VAL I 481 26.42 -65.24 44.51
N ARG I 482 26.55 -65.49 43.21
CA ARG I 482 27.28 -66.63 42.70
C ARG I 482 28.78 -66.33 42.75
N ASN I 483 29.53 -67.09 43.53
CA ASN I 483 30.95 -66.86 43.69
C ASN I 483 31.71 -67.44 42.50
N LEU I 484 33.05 -67.46 42.60
CA LEU I 484 33.85 -68.02 41.51
C LEU I 484 33.67 -69.52 41.40
N GLN I 485 33.35 -70.19 42.51
CA GLN I 485 33.18 -71.64 42.53
C GLN I 485 31.74 -72.08 42.35
N GLY I 486 30.81 -71.15 42.14
CA GLY I 486 29.43 -71.50 41.87
C GLY I 486 28.53 -71.62 43.09
N ILE I 487 29.04 -71.35 44.28
CA ILE I 487 28.24 -71.42 45.50
C ILE I 487 27.59 -70.06 45.75
N GLN I 488 26.29 -70.07 46.02
CA GLN I 488 25.56 -68.83 46.30
C GLN I 488 25.99 -68.32 47.67
N GLU I 489 26.87 -67.32 47.67
CA GLU I 489 27.39 -66.76 48.91
C GLU I 489 26.46 -65.68 49.43
N VAL I 490 26.39 -65.58 50.76
CA VAL I 490 25.50 -64.64 51.42
C VAL I 490 26.25 -63.35 51.69
N VAL I 491 25.75 -62.25 51.11
CA VAL I 491 26.34 -60.92 51.31
C VAL I 491 25.67 -60.33 52.54
N HIS I 492 26.25 -60.60 53.72
CA HIS I 492 25.66 -60.13 54.96
C HIS I 492 25.75 -58.61 55.10
N ASN I 493 26.84 -58.01 54.63
CA ASN I 493 27.03 -56.57 54.69
C ASN I 493 27.10 -56.00 53.28
N THR I 494 26.32 -54.95 53.04
CA THR I 494 26.21 -54.36 51.71
C THR I 494 27.32 -53.35 51.43
N ASN I 495 27.51 -52.38 52.33
CA ASN I 495 28.48 -51.32 52.09
C ASN I 495 29.90 -51.88 51.96
N SER I 496 30.26 -52.83 52.83
CA SER I 496 31.59 -53.43 52.74
C SER I 496 31.77 -54.18 51.43
N PHE I 497 30.71 -54.84 50.95
CA PHE I 497 30.80 -55.57 49.68
C PHE I 497 31.08 -54.62 48.53
N ILE I 498 30.43 -53.46 48.51
CA ILE I 498 30.61 -52.51 47.41
C ILE I 498 32.03 -51.97 47.41
N ILE I 499 32.52 -51.54 48.57
CA ILE I 499 33.84 -50.91 48.63
C ILE I 499 34.94 -51.93 48.37
N SER I 500 34.77 -53.16 48.87
CA SER I 500 35.76 -54.20 48.62
C SER I 500 35.82 -54.56 47.14
N SER I 501 34.66 -54.71 46.51
CA SER I 501 34.63 -54.98 45.07
C SER I 501 35.13 -53.78 44.28
N LEU I 502 34.79 -52.56 44.72
CA LEU I 502 35.20 -51.37 44.00
C LEU I 502 36.72 -51.21 43.99
N ASP I 503 37.37 -51.50 45.11
CA ASP I 503 38.83 -51.40 45.18
C ASP I 503 39.50 -52.37 44.22
N THR I 504 39.00 -53.60 44.15
CA THR I 504 39.56 -54.61 43.26
C THR I 504 38.92 -54.61 41.88
N LEU I 505 38.00 -53.68 41.62
CA LEU I 505 37.33 -53.63 40.32
C LEU I 505 38.31 -53.21 39.24
N GLU I 506 38.15 -53.78 38.05
CA GLU I 506 38.98 -53.47 36.90
C GLU I 506 38.13 -52.74 35.87
N LEU I 507 38.63 -51.60 35.40
CA LEU I 507 37.90 -50.81 34.42
C LEU I 507 37.82 -51.51 33.06
N GLU I 508 38.68 -52.49 32.81
CA GLU I 508 38.61 -53.23 31.56
C GLU I 508 37.41 -54.17 31.52
N SER I 509 36.90 -54.59 32.68
CA SER I 509 35.83 -55.57 32.75
C SER I 509 34.44 -54.97 32.51
N ILE I 510 34.36 -53.75 31.97
CA ILE I 510 33.07 -53.08 31.83
C ILE I 510 32.28 -53.63 30.65
N THR I 511 32.82 -53.47 29.44
CA THR I 511 32.08 -53.84 28.24
C THR I 511 32.54 -55.13 27.58
N GLU I 512 33.80 -55.52 27.76
CA GLU I 512 34.28 -56.74 27.14
C GLU I 512 33.78 -57.99 27.85
N SER I 513 33.43 -57.89 29.13
CA SER I 513 32.93 -59.03 29.89
C SER I 513 31.44 -59.24 29.57
N ILE I 514 31.19 -59.74 28.36
CA ILE I 514 29.83 -60.06 27.95
C ILE I 514 29.29 -61.23 28.75
N THR I 515 30.13 -62.23 29.01
CA THR I 515 29.71 -63.39 29.77
C THR I 515 29.40 -63.01 31.22
N HIS I 516 28.44 -63.73 31.80
CA HIS I 516 28.02 -63.47 33.18
C HIS I 516 28.94 -64.10 34.21
N ASP I 517 29.84 -65.00 33.80
CA ASP I 517 30.72 -65.69 34.73
C ASP I 517 31.96 -64.87 35.06
N SER I 518 31.75 -63.63 35.51
CA SER I 518 32.85 -62.76 35.93
C SER I 518 33.15 -63.00 37.40
N SER I 519 34.44 -62.95 37.74
CA SER I 519 34.85 -63.18 39.12
C SER I 519 34.32 -62.09 40.04
N ASN I 520 34.11 -60.88 39.52
CA ASN I 520 33.63 -59.78 40.35
C ASN I 520 32.16 -59.96 40.67
N GLY I 521 31.83 -59.95 41.96
CA GLY I 521 30.44 -60.11 42.36
C GLY I 521 29.58 -58.91 41.99
N LEU I 522 30.12 -57.70 42.15
CA LEU I 522 29.34 -56.50 41.90
C LEU I 522 28.94 -56.39 40.43
N PHE I 523 29.84 -56.73 39.51
CA PHE I 523 29.52 -56.67 38.09
C PHE I 523 28.42 -57.66 37.73
N GLN I 524 28.37 -58.80 38.42
CA GLN I 524 27.27 -59.75 38.19
C GLN I 524 25.93 -59.15 38.58
N VAL I 525 25.92 -58.29 39.60
CA VAL I 525 24.66 -57.72 40.08
C VAL I 525 24.04 -56.81 39.02
N LEU I 526 24.86 -56.03 38.32
CA LEU I 526 24.34 -55.12 37.30
C LEU I 526 23.62 -55.87 36.20
N HIS I 527 24.22 -56.95 35.70
CA HIS I 527 23.59 -57.74 34.65
C HIS I 527 22.45 -58.62 35.18
N ASN I 528 22.34 -58.78 36.49
CA ASN I 528 21.25 -59.52 37.12
C ASN I 528 20.47 -58.61 38.05
N PHE I 529 20.23 -57.37 37.60
CA PHE I 529 19.61 -56.36 38.45
C PHE I 529 18.11 -56.56 38.59
N GLU I 530 17.49 -57.32 37.69
CA GLU I 530 16.04 -57.45 37.68
C GLU I 530 15.49 -58.35 38.78
N SER I 531 16.34 -59.09 39.49
CA SER I 531 15.89 -60.07 40.48
C SER I 531 16.26 -59.70 41.91
N VAL I 532 16.61 -58.43 42.17
CA VAL I 532 17.02 -58.04 43.51
C VAL I 532 15.79 -58.00 44.43
N ALA I 533 16.02 -58.25 45.72
CA ALA I 533 14.95 -58.26 46.70
C ALA I 533 14.37 -56.85 46.84
N PRO I 534 13.10 -56.74 47.25
CA PRO I 534 12.45 -55.42 47.33
C PRO I 534 13.13 -54.47 48.31
N THR I 535 13.28 -54.89 49.57
CA THR I 535 13.79 -53.97 50.59
C THR I 535 15.29 -53.76 50.48
N LYS I 536 16.02 -54.73 49.92
CA LYS I 536 17.48 -54.63 49.90
C LYS I 536 17.98 -53.59 48.91
N GLN I 537 17.29 -53.42 47.78
CA GLN I 537 17.77 -52.47 46.77
C GLN I 537 17.73 -51.03 47.29
N ARG I 538 16.83 -50.73 48.21
CA ARG I 538 16.85 -49.41 48.84
C ARG I 538 18.14 -49.19 49.61
N GLU I 539 18.60 -50.22 50.31
CA GLU I 539 19.87 -50.13 51.01
C GLU I 539 21.03 -49.95 50.03
N ILE I 540 20.99 -50.67 48.90
CA ILE I 540 22.05 -50.56 47.92
C ILE I 540 22.10 -49.16 47.32
N VAL I 541 20.95 -48.59 46.99
CA VAL I 541 20.91 -47.24 46.45
C VAL I 541 21.42 -46.24 47.50
N LYS I 542 20.98 -46.40 48.75
CA LYS I 542 21.46 -45.53 49.82
C LYS I 542 22.94 -45.77 50.10
N ALA I 543 23.45 -46.98 49.84
CA ALA I 543 24.86 -47.25 50.04
C ALA I 543 25.72 -46.41 49.09
N PHE I 544 25.30 -46.27 47.84
CA PHE I 544 26.04 -45.44 46.89
C PHE I 544 26.09 -43.98 47.34
N LEU I 545 24.98 -43.46 47.85
CA LEU I 545 24.91 -42.05 48.19
C LEU I 545 25.90 -41.69 49.30
N SER I 546 25.90 -42.46 50.39
CA SER I 546 26.80 -42.17 51.50
C SER I 546 28.25 -42.34 51.07
N ILE I 547 28.55 -43.37 50.29
CA ILE I 547 29.91 -43.58 49.81
C ILE I 547 30.32 -42.45 48.87
N PHE I 548 29.43 -42.05 47.96
CA PHE I 548 29.78 -41.04 46.96
C PHE I 548 30.00 -39.68 47.59
N GLU I 549 29.18 -39.31 48.58
CA GLU I 549 29.37 -38.02 49.23
C GLU I 549 30.66 -37.98 50.05
N ASP I 550 31.03 -39.11 50.65
CA ASP I 550 32.28 -39.16 51.41
C ASP I 550 33.49 -39.06 50.49
N ALA I 551 33.42 -39.63 49.29
CA ALA I 551 34.53 -39.53 48.35
C ALA I 551 34.77 -38.10 47.93
N ILE I 552 33.73 -37.28 47.84
CA ILE I 552 33.91 -35.87 47.50
C ILE I 552 34.62 -35.13 48.63
N LYS I 553 34.25 -35.43 49.88
CA LYS I 553 34.87 -34.75 51.01
C LYS I 553 36.36 -35.07 51.12
N GLU I 554 36.73 -36.33 50.94
CA GLU I 554 38.11 -36.77 51.10
C GLU I 554 38.94 -36.60 49.83
N LEU I 555 38.31 -36.26 48.70
CA LEU I 555 39.00 -36.13 47.42
C LEU I 555 39.68 -37.44 47.03
N ASN I 556 38.92 -38.53 47.10
CA ASN I 556 39.41 -39.85 46.72
C ASN I 556 39.11 -40.05 45.24
N TYR I 557 40.11 -39.80 44.39
CA TYR I 557 39.88 -39.81 42.95
C TYR I 557 39.73 -41.20 42.36
N ASN I 558 40.24 -42.23 43.03
CA ASN I 558 40.18 -43.58 42.46
C ASN I 558 38.75 -44.10 42.44
N ARG I 559 38.04 -43.99 43.56
CA ARG I 559 36.69 -44.53 43.65
C ARG I 559 35.64 -43.66 42.98
N ILE I 560 35.92 -42.38 42.76
CA ILE I 560 34.94 -41.52 42.10
C ILE I 560 34.81 -41.88 40.63
N ALA I 561 35.94 -42.07 39.94
CA ALA I 561 35.90 -42.39 38.52
C ALA I 561 35.25 -43.75 38.26
N LYS I 562 35.57 -44.74 39.09
CA LYS I 562 35.02 -46.08 38.90
C LYS I 562 33.52 -46.09 39.09
N ILE I 563 33.02 -45.36 40.09
CA ILE I 563 31.58 -45.35 40.35
C ILE I 563 30.82 -44.78 39.16
N CYS I 564 31.33 -43.71 38.57
CA CYS I 564 30.64 -43.06 37.46
C CYS I 564 30.56 -43.98 36.24
N ALA I 565 31.55 -44.85 36.05
CA ALA I 565 31.53 -45.76 34.91
C ALA I 565 30.38 -46.75 35.00
N LEU I 566 30.10 -47.26 36.19
CA LEU I 566 29.00 -48.20 36.36
C LEU I 566 27.65 -47.55 36.07
N LEU I 567 27.45 -46.33 36.56
CA LEU I 567 26.15 -45.68 36.45
C LEU I 567 25.85 -45.19 35.04
N PHE I 568 26.88 -44.81 34.27
CA PHE I 568 26.65 -44.22 32.97
C PHE I 568 26.03 -45.21 31.99
N PHE I 569 26.58 -46.43 31.95
CA PHE I 569 26.19 -47.38 30.90
C PHE I 569 24.76 -47.89 31.07
N ASN I 570 24.28 -47.95 32.30
CA ASN I 570 22.90 -48.34 32.60
C ASN I 570 22.58 -49.74 32.05
N PHE I 571 23.31 -50.71 32.58
CA PHE I 571 23.06 -52.11 32.24
C PHE I 571 21.82 -52.59 32.98
N SER I 572 20.89 -53.20 32.24
CA SER I 572 19.65 -53.73 32.79
C SER I 572 18.88 -52.67 33.57
N HIS I 573 18.82 -51.47 33.00
CA HIS I 573 18.08 -50.33 33.57
C HIS I 573 18.56 -50.04 35.00
N SER I 574 19.88 -49.99 35.16
CA SER I 574 20.44 -49.71 36.49
C SER I 574 20.31 -48.24 36.85
N LEU I 575 20.56 -47.34 35.90
CA LEU I 575 20.53 -45.91 36.21
C LEU I 575 19.11 -45.42 36.45
N THR I 576 18.11 -45.98 35.75
CA THR I 576 16.75 -45.52 35.91
C THR I 576 16.25 -45.75 37.33
N THR I 577 16.58 -46.89 37.93
CA THR I 577 16.16 -47.17 39.29
C THR I 577 16.78 -46.20 40.29
N ILE I 578 17.97 -45.72 39.97
CA ILE I 578 18.67 -44.77 40.84
C ILE I 578 17.86 -43.48 40.98
N LEU I 579 17.39 -42.97 39.86
CA LEU I 579 16.60 -41.73 39.85
C LEU I 579 15.21 -41.98 40.44
N SER I 580 14.84 -43.25 40.55
CA SER I 580 13.54 -43.62 41.10
C SER I 580 13.52 -43.43 42.60
N PHE I 581 14.69 -43.57 43.23
CA PHE I 581 14.81 -43.42 44.67
C PHE I 581 15.32 -42.02 45.04
N SER I 582 16.64 -41.87 45.04
CA SER I 582 17.26 -40.59 45.37
C SER I 582 16.82 -39.49 44.40
N SER I 583 16.38 -38.37 44.94
CA SER I 583 15.93 -37.24 44.13
C SER I 583 17.08 -36.76 43.24
N PRO I 584 16.85 -36.57 41.94
CA PRO I 584 17.94 -36.13 41.06
C PRO I 584 18.51 -34.77 41.42
N ALA I 585 17.77 -33.94 42.17
CA ALA I 585 18.29 -32.64 42.56
C ALA I 585 19.47 -32.79 43.52
N ALA I 586 19.31 -33.60 44.56
CA ALA I 586 20.41 -33.81 45.52
C ALA I 586 21.60 -34.46 44.85
N LEU I 587 21.36 -35.42 43.96
CA LEU I 587 22.44 -36.03 43.19
C LEU I 587 23.14 -34.99 42.33
N MET I 588 22.38 -34.09 41.71
CA MET I 588 22.97 -33.04 40.89
C MET I 588 23.82 -32.10 41.72
N LYS I 589 23.34 -31.73 42.91
CA LYS I 589 24.01 -30.69 43.70
C LYS I 589 25.42 -31.09 44.09
N THR I 590 25.58 -32.29 44.65
CA THR I 590 26.92 -32.76 45.00
C THR I 590 27.78 -32.95 43.76
N LEU I 591 27.19 -33.49 42.69
CA LEU I 591 27.96 -33.75 41.48
C LEU I 591 28.45 -32.46 40.84
N ILE I 592 27.61 -31.41 40.81
CA ILE I 592 28.06 -30.14 40.25
C ILE I 592 28.95 -29.38 41.21
N LYS I 593 28.90 -29.68 42.50
CA LYS I 593 29.83 -29.06 43.45
C LYS I 593 31.25 -29.49 43.16
N PHE I 594 31.46 -30.77 42.85
CA PHE I 594 32.80 -31.27 42.53
C PHE I 594 33.35 -30.60 41.28
N VAL I 595 32.53 -30.49 40.24
CA VAL I 595 33.00 -29.94 38.98
C VAL I 595 33.22 -28.43 39.06
N ASP I 596 32.66 -27.78 40.09
CA ASP I 596 32.84 -26.36 40.27
C ASP I 596 33.91 -26.01 41.28
N LEU I 597 34.02 -26.77 42.37
CA LEU I 597 35.00 -26.52 43.41
C LEU I 597 36.34 -27.18 43.16
N SER I 598 36.51 -27.83 42.01
CA SER I 598 37.79 -28.44 41.68
C SER I 598 38.86 -27.42 41.30
N ARG I 599 38.47 -26.15 41.12
CA ARG I 599 39.45 -25.13 40.77
C ARG I 599 40.46 -24.91 41.90
N ASN I 600 39.98 -24.93 43.14
CA ASN I 600 40.85 -24.69 44.29
C ASN I 600 41.77 -25.87 44.59
N GLY I 601 41.50 -27.05 44.03
CA GLY I 601 42.31 -28.21 44.33
C GLY I 601 43.61 -28.32 43.54
N ARG I 602 43.77 -27.53 42.48
CA ARG I 602 44.96 -27.59 41.65
C ARG I 602 46.04 -26.60 42.07
N ASN I 603 45.78 -25.79 43.10
CA ASN I 603 46.75 -24.82 43.59
C ASN I 603 47.49 -25.30 44.84
N GLY I 604 47.28 -26.55 45.24
CA GLY I 604 47.93 -27.08 46.42
C GLY I 604 48.72 -28.35 46.13
N SER I 605 48.75 -28.77 44.87
CA SER I 605 49.46 -29.95 44.44
C SER I 605 50.63 -29.56 43.54
N ASN I 606 51.80 -30.14 43.80
CA ASN I 606 53.00 -29.90 43.03
C ASN I 606 53.44 -31.19 42.36
N GLY I 607 53.66 -31.13 41.05
CA GLY I 607 54.07 -32.30 40.29
C GLY I 607 55.56 -32.57 40.36
N ASN I 608 56.02 -33.06 41.51
CA ASN I 608 57.43 -33.35 41.72
C ASN I 608 57.63 -34.73 42.33
N ASP I 609 56.69 -35.64 42.08
CA ASP I 609 56.75 -36.99 42.63
C ASP I 609 56.41 -38.00 41.54
N GLU I 610 56.91 -39.22 41.71
CA GLU I 610 56.61 -40.28 40.75
C GLU I 610 55.17 -40.77 40.85
N SER I 611 54.44 -40.39 41.89
CA SER I 611 53.01 -40.68 41.96
C SER I 611 52.16 -39.60 41.34
N SER I 612 52.76 -38.49 40.90
CA SER I 612 52.00 -37.42 40.28
C SER I 612 51.36 -37.87 38.97
N GLU I 613 52.12 -38.55 38.12
CA GLU I 613 51.56 -39.05 36.86
C GLU I 613 50.44 -40.06 37.12
N TYR I 614 50.58 -40.88 38.17
CA TYR I 614 49.46 -41.70 38.60
C TYR I 614 48.31 -40.84 39.12
N GLU I 615 48.64 -39.79 39.88
CA GLU I 615 47.59 -38.94 40.43
C GLU I 615 46.92 -38.08 39.35
N THR I 616 47.71 -37.54 38.42
CA THR I 616 47.13 -36.69 37.37
C THR I 616 46.18 -37.50 36.49
N ILE I 617 46.56 -38.73 36.13
CA ILE I 617 45.64 -39.60 35.41
C ILE I 617 44.42 -39.91 36.27
N ASN I 618 44.64 -40.18 37.55
CA ASN I 618 43.51 -40.39 38.46
C ASN I 618 42.67 -39.12 38.59
N ILE I 619 43.30 -37.96 38.61
CA ILE I 619 42.56 -36.70 38.67
C ILE I 619 41.83 -36.45 37.35
N SER I 620 42.50 -36.69 36.22
CA SER I 620 41.90 -36.43 34.92
C SER I 620 40.67 -37.30 34.70
N LEU I 621 40.76 -38.59 35.02
CA LEU I 621 39.64 -39.49 34.78
C LEU I 621 38.49 -39.20 35.75
N SER I 622 38.81 -38.82 36.98
CA SER I 622 37.75 -38.49 37.94
C SER I 622 36.94 -37.28 37.46
N PHE I 623 37.62 -36.26 36.93
CA PHE I 623 36.93 -35.08 36.42
C PHE I 623 36.24 -35.36 35.09
N SER I 624 36.89 -36.12 34.20
CA SER I 624 36.33 -36.35 32.87
C SER I 624 35.08 -37.21 32.94
N TRP I 625 35.09 -38.25 33.77
CA TRP I 625 33.91 -39.11 33.88
C TRP I 625 32.72 -38.35 34.46
N ALA I 626 32.98 -37.49 35.46
CA ALA I 626 31.89 -36.76 36.10
C ALA I 626 31.14 -35.85 35.12
N ILE I 627 31.81 -35.42 34.05
CA ILE I 627 31.12 -34.66 33.02
C ILE I 627 30.17 -35.55 32.24
N LEU I 628 30.60 -36.78 31.91
CA LEU I 628 29.77 -37.68 31.12
C LEU I 628 28.50 -38.07 31.85
N LEU I 629 28.54 -38.08 33.18
CA LEU I 629 27.33 -38.39 33.94
C LEU I 629 26.28 -37.30 33.78
N ILE I 630 26.70 -36.05 33.70
CA ILE I 630 25.76 -34.94 33.57
C ILE I 630 25.10 -34.96 32.21
N ILE I 631 25.89 -35.15 31.15
CA ILE I 631 25.35 -35.06 29.78
C ILE I 631 24.31 -36.15 29.55
N ASN I 632 24.59 -37.36 30.00
CA ASN I 632 23.62 -38.45 29.85
C ASN I 632 22.33 -38.14 30.58
N LEU I 633 22.44 -37.59 31.80
CA LEU I 633 21.24 -37.23 32.54
C LEU I 633 20.46 -36.13 31.84
N THR I 634 21.14 -35.12 31.33
CA THR I 634 20.46 -34.01 30.68
C THR I 634 19.76 -34.44 29.40
N GLN I 635 20.42 -35.25 28.58
CA GLN I 635 19.90 -35.56 27.25
C GLN I 635 18.71 -36.51 27.32
N THR I 636 18.91 -37.72 27.87
CA THR I 636 17.89 -38.74 27.84
C THR I 636 16.92 -38.68 29.01
N TYR I 637 17.40 -38.32 30.20
CA TYR I 637 16.57 -38.36 31.40
C TYR I 637 15.81 -37.06 31.64
N GLY I 638 15.96 -36.07 30.77
CA GLY I 638 15.16 -34.85 30.85
C GLY I 638 15.35 -34.02 32.11
N ILE I 639 16.60 -33.79 32.50
CA ILE I 639 16.93 -32.91 33.61
C ILE I 639 17.70 -31.71 33.07
N SER I 640 17.48 -30.55 33.68
CA SER I 640 18.08 -29.30 33.23
C SER I 640 19.11 -28.83 34.25
N VAL I 641 20.32 -28.50 33.76
CA VAL I 641 21.38 -28.02 34.65
C VAL I 641 21.05 -26.61 35.16
N VAL I 642 20.34 -25.81 34.36
CA VAL I 642 20.05 -24.43 34.75
C VAL I 642 19.14 -24.40 35.98
N ASP I 643 18.20 -25.33 36.05
CA ASP I 643 17.20 -25.28 37.12
C ASP I 643 17.84 -25.46 38.49
N VAL I 644 18.82 -26.37 38.62
CA VAL I 644 19.38 -26.67 39.93
C VAL I 644 20.17 -25.49 40.47
N ALA I 645 20.79 -24.69 39.61
CA ALA I 645 21.52 -23.51 40.07
C ALA I 645 20.57 -22.49 40.68
N LEU I 646 19.40 -22.29 40.07
CA LEU I 646 18.44 -21.33 40.60
C LEU I 646 17.91 -21.76 41.96
N LYS I 647 17.64 -23.05 42.12
CA LYS I 647 17.08 -23.54 43.38
C LYS I 647 18.08 -23.45 44.53
N TYR I 648 19.36 -23.68 44.25
CA TYR I 648 20.38 -23.66 45.30
C TYR I 648 21.19 -22.38 45.20
N PRO I 649 21.04 -21.44 46.15
CA PRO I 649 21.75 -20.16 46.04
C PRO I 649 23.26 -20.27 46.18
N GLU I 650 23.78 -21.37 46.73
CA GLU I 650 25.22 -21.51 46.92
C GLU I 650 25.98 -21.70 45.62
N LEU I 651 25.29 -21.92 44.51
CA LEU I 651 25.93 -22.09 43.21
C LEU I 651 26.09 -20.75 42.53
N SER I 652 27.31 -20.45 42.08
CA SER I 652 27.60 -19.20 41.39
C SER I 652 27.25 -19.37 39.92
N ILE I 653 26.11 -18.82 39.52
CA ILE I 653 25.64 -18.98 38.14
C ILE I 653 26.58 -18.31 37.16
N LYS I 654 27.04 -17.10 37.48
CA LYS I 654 27.86 -16.34 36.55
C LYS I 654 29.26 -16.92 36.41
N ASN I 655 29.75 -17.61 37.43
CA ASN I 655 31.09 -18.21 37.41
C ASN I 655 31.05 -19.72 37.26
N SER I 656 29.93 -20.28 36.81
CA SER I 656 29.78 -21.72 36.64
C SER I 656 30.23 -22.12 35.25
N PHE I 657 31.31 -22.91 35.19
CA PHE I 657 31.80 -23.40 33.90
C PHE I 657 30.93 -24.52 33.36
N ILE I 658 30.32 -25.32 34.24
CA ILE I 658 29.51 -26.46 33.78
C ILE I 658 28.24 -25.97 33.09
N ILE I 659 27.66 -24.87 33.56
CA ILE I 659 26.34 -24.45 33.07
C ILE I 659 26.41 -24.04 31.61
N ASN I 660 27.38 -23.20 31.26
CA ASN I 660 27.49 -22.75 29.87
C ASN I 660 28.18 -23.77 28.97
N PHE I 661 28.81 -24.80 29.54
CA PHE I 661 29.43 -25.84 28.73
C PHE I 661 28.39 -26.73 28.08
N ILE I 662 27.38 -27.15 28.86
CA ILE I 662 26.38 -28.07 28.33
C ILE I 662 25.54 -27.41 27.25
N SER I 663 25.10 -26.17 27.48
CA SER I 663 24.24 -25.49 26.52
C SER I 663 24.96 -25.21 25.19
N ASN I 664 26.29 -25.21 25.19
CA ASN I 664 27.07 -25.04 23.97
C ASN I 664 27.84 -26.32 23.64
N LEU I 665 27.31 -27.48 24.03
CA LEU I 665 28.01 -28.74 23.82
C LEU I 665 28.24 -29.07 22.35
N PRO I 666 27.24 -29.00 21.45
CA PRO I 666 27.50 -29.40 20.06
C PRO I 666 28.20 -28.34 19.22
N ASN I 667 28.44 -27.16 19.76
CA ASN I 667 29.06 -26.06 19.00
C ASN I 667 30.38 -25.67 19.64
N VAL I 668 31.40 -25.46 18.82
CA VAL I 668 32.73 -25.11 19.28
C VAL I 668 33.14 -23.80 18.64
N SER I 669 33.79 -22.94 19.42
CA SER I 669 34.19 -21.63 18.93
C SER I 669 35.30 -21.76 17.88
N ASP I 670 35.24 -20.88 16.87
CA ASP I 670 36.27 -20.86 15.84
C ASP I 670 37.58 -20.30 16.36
N LYS I 671 37.54 -19.48 17.41
CA LYS I 671 38.73 -18.94 18.04
C LYS I 671 38.94 -19.60 19.41
N TYR I 672 40.20 -19.73 19.80
CA TYR I 672 40.56 -20.39 21.05
C TYR I 672 40.88 -19.33 22.09
N TYR I 673 40.17 -19.38 23.22
CA TYR I 673 40.36 -18.45 24.32
C TYR I 673 40.68 -19.22 25.59
N LEU I 674 41.78 -18.84 26.25
CA LEU I 674 42.13 -19.50 27.51
C LEU I 674 41.08 -19.21 28.58
N GLU I 675 40.59 -17.97 28.65
CA GLU I 675 39.55 -17.59 29.61
C GLU I 675 38.50 -16.77 28.89
N GLU I 676 37.25 -16.95 29.30
CA GLU I 676 36.13 -16.32 28.62
C GLU I 676 35.63 -15.04 29.28
N SER I 677 35.77 -14.93 30.61
CA SER I 677 35.31 -13.75 31.32
C SER I 677 36.24 -12.55 31.13
N ASN I 678 37.44 -12.75 30.59
CA ASN I 678 38.39 -11.66 30.43
C ASN I 678 38.81 -11.51 28.96
N VAL I 679 37.84 -11.56 28.05
CA VAL I 679 38.16 -11.37 26.64
C VAL I 679 38.60 -9.94 26.34
N ASN I 680 38.36 -9.01 27.25
CA ASN I 680 38.76 -7.63 27.05
C ASN I 680 40.26 -7.43 27.23
N ASP I 681 40.98 -8.44 27.73
CA ASP I 681 42.42 -8.36 27.90
C ASP I 681 43.11 -9.12 26.77
N SER I 682 44.27 -8.63 26.36
CA SER I 682 45.00 -9.21 25.24
C SER I 682 46.19 -10.07 25.66
N ASP I 683 46.56 -10.06 26.94
CA ASP I 683 47.75 -10.80 27.37
C ASP I 683 47.54 -12.31 27.23
N MET I 684 46.35 -12.81 27.58
CA MET I 684 46.12 -14.25 27.45
C MET I 684 45.98 -14.67 25.98
N LEU I 685 45.51 -13.77 25.12
CA LEU I 685 45.35 -14.11 23.71
C LEU I 685 46.70 -14.28 23.03
N THR I 686 47.75 -13.64 23.56
CA THR I 686 49.08 -13.80 22.98
C THR I 686 49.57 -15.24 23.13
N LYS I 687 49.39 -15.82 24.32
CA LYS I 687 49.79 -17.19 24.57
C LYS I 687 48.74 -18.22 24.18
N SER I 688 47.51 -17.78 23.87
CA SER I 688 46.50 -18.71 23.39
C SER I 688 46.90 -19.30 22.05
N HIS I 689 47.41 -18.46 21.13
CA HIS I 689 47.95 -18.98 19.89
C HIS I 689 49.22 -19.77 20.11
N ASN I 690 49.99 -19.43 21.15
CA ASN I 690 51.19 -20.20 21.48
C ASN I 690 50.82 -21.63 21.88
N THR I 691 49.73 -21.80 22.64
CA THR I 691 49.30 -23.12 23.05
C THR I 691 48.88 -23.96 21.85
N VAL I 692 48.21 -23.35 20.89
CA VAL I 692 47.73 -24.08 19.72
C VAL I 692 48.89 -24.63 18.91
N GLN I 693 49.91 -23.79 18.66
CA GLN I 693 51.06 -24.24 17.88
C GLN I 693 51.95 -25.16 18.69
N SER I 694 52.02 -24.99 20.01
CA SER I 694 52.82 -25.89 20.83
C SER I 694 52.25 -27.29 20.83
N TRP I 695 50.92 -27.43 20.90
CA TRP I 695 50.30 -28.75 20.93
C TRP I 695 50.31 -29.40 19.55
N LEU I 696 50.15 -28.61 18.49
CA LEU I 696 50.13 -29.18 17.15
C LEU I 696 51.49 -29.77 16.77
N CYS I 697 52.58 -29.05 17.06
CA CYS I 697 53.90 -29.54 16.70
C CYS I 697 54.30 -30.76 17.52
N ASP I 698 53.98 -30.76 18.82
CA ASP I 698 54.38 -31.86 19.68
C ASP I 698 53.63 -33.14 19.37
N LEU I 699 52.37 -33.04 18.94
CA LEU I 699 51.54 -34.21 18.74
C LEU I 699 51.53 -34.72 17.30
N PHE I 700 51.75 -33.83 16.33
CA PHE I 700 51.70 -34.22 14.93
C PHE I 700 53.07 -34.34 14.27
N VAL I 701 54.10 -33.73 14.84
CA VAL I 701 55.45 -33.78 14.30
C VAL I 701 56.42 -34.46 15.25
N ASN I 702 56.45 -34.04 16.50
CA ASN I 702 57.34 -34.67 17.48
C ASN I 702 56.90 -36.10 17.78
N GLY I 703 55.60 -36.36 17.81
CA GLY I 703 55.12 -37.68 18.12
C GLY I 703 55.19 -38.05 19.58
N SER I 704 55.27 -37.07 20.48
CA SER I 704 55.32 -37.33 21.91
C SER I 704 54.73 -36.14 22.64
N ILE I 705 54.13 -36.41 23.80
CA ILE I 705 53.51 -35.39 24.63
C ILE I 705 54.42 -35.14 25.82
N THR I 706 54.99 -33.94 25.87
CA THR I 706 55.87 -33.58 26.98
C THR I 706 55.07 -33.39 28.26
N ASP I 707 55.69 -33.74 29.38
CA ASP I 707 55.03 -33.61 30.68
C ASP I 707 54.85 -32.15 31.08
N GLN I 708 55.65 -31.24 30.54
CA GLN I 708 55.50 -29.83 30.87
C GLN I 708 54.17 -29.27 30.37
N LEU I 709 53.76 -29.68 29.16
CA LEU I 709 52.51 -29.17 28.59
C LEU I 709 51.31 -29.57 29.45
N ILE I 710 51.27 -30.82 29.91
CA ILE I 710 50.14 -31.29 30.70
C ILE I 710 50.07 -30.54 32.03
N GLN I 711 51.22 -30.35 32.69
CA GLN I 711 51.22 -29.69 33.98
C GLN I 711 50.78 -28.24 33.88
N ASN I 712 51.19 -27.54 32.82
CA ASN I 712 50.92 -26.11 32.70
C ASN I 712 49.49 -25.81 32.26
N ILE I 713 48.76 -26.80 31.74
CA ILE I 713 47.41 -26.58 31.24
C ILE I 713 46.42 -27.25 32.18
N GLU I 714 45.21 -26.71 32.21
CA GLU I 714 44.13 -27.27 33.01
C GLU I 714 43.23 -28.14 32.14
N THR I 715 42.32 -28.85 32.81
CA THR I 715 41.38 -29.72 32.10
C THR I 715 40.37 -28.91 31.28
N ARG I 716 39.97 -27.74 31.79
CA ARG I 716 38.96 -26.94 31.11
C ARG I 716 39.44 -26.48 29.75
N GLN I 717 40.71 -26.05 29.65
CA GLN I 717 41.25 -25.66 28.36
C GLN I 717 41.39 -26.86 27.42
N LEU I 718 41.69 -28.03 27.97
CA LEU I 718 41.81 -29.23 27.16
C LEU I 718 40.47 -29.60 26.53
N ALA I 719 39.38 -29.44 27.28
CA ALA I 719 38.06 -29.77 26.77
C ALA I 719 37.69 -29.00 25.52
N ASN I 720 38.27 -27.80 25.33
CA ASN I 720 38.05 -27.02 24.13
C ASN I 720 39.22 -27.07 23.15
N LEU I 721 40.43 -27.39 23.61
CA LEU I 721 41.58 -27.45 22.72
C LEU I 721 41.46 -28.62 21.76
N ILE I 722 41.09 -29.80 22.26
CA ILE I 722 40.99 -30.99 21.41
C ILE I 722 39.97 -30.81 20.28
N PRO I 723 38.74 -30.33 20.54
CA PRO I 723 37.82 -30.09 19.42
C PRO I 723 38.35 -29.08 18.42
N PHE I 724 39.11 -28.08 18.87
CA PHE I 724 39.65 -27.08 17.97
C PHE I 724 40.64 -27.72 16.99
N ILE I 725 41.59 -28.51 17.51
CA ILE I 725 42.63 -29.08 16.66
C ILE I 725 42.04 -30.08 15.68
N VAL I 726 41.15 -30.96 16.16
CA VAL I 726 40.58 -31.97 15.28
C VAL I 726 39.73 -31.32 14.20
N LYS I 727 39.03 -30.24 14.54
CA LYS I 727 38.24 -29.51 13.53
C LYS I 727 39.15 -28.90 12.47
N GLN I 728 40.27 -28.31 12.89
CA GLN I 728 41.20 -27.71 11.94
C GLN I 728 41.79 -28.78 11.02
N VAL I 729 42.21 -29.91 11.58
CA VAL I 729 42.82 -30.97 10.78
C VAL I 729 41.78 -31.57 9.84
N LEU I 730 40.60 -31.90 10.36
CA LEU I 730 39.58 -32.52 9.54
C LEU I 730 39.10 -31.60 8.42
N LEU I 731 38.93 -30.31 8.73
CA LEU I 731 38.55 -29.35 7.70
C LEU I 731 39.63 -29.23 6.65
N SER I 732 40.90 -29.18 7.08
CA SER I 732 42.01 -29.08 6.13
C SER I 732 42.06 -30.30 5.22
N VAL I 733 41.82 -31.49 5.77
CA VAL I 733 41.81 -32.71 4.97
C VAL I 733 40.70 -32.65 3.92
N GLU I 734 39.50 -32.22 4.34
CA GLU I 734 38.36 -32.20 3.43
C GLU I 734 38.59 -31.26 2.26
N ILE I 735 39.12 -30.06 2.55
CA ILE I 735 39.38 -29.10 1.48
C ILE I 735 40.52 -29.59 0.59
N GLY I 736 41.53 -30.21 1.18
CA GLY I 736 42.67 -30.70 0.42
C GLY I 736 43.98 -30.10 0.90
N VAL I 737 43.92 -29.34 1.98
CA VAL I 737 45.14 -28.75 2.55
C VAL I 737 46.07 -29.85 3.05
N LEU I 738 45.52 -30.84 3.75
CA LEU I 738 46.28 -31.97 4.25
C LEU I 738 46.01 -33.18 3.37
N THR I 739 47.09 -33.76 2.83
CA THR I 739 46.97 -34.87 1.90
C THR I 739 47.58 -36.16 2.43
N ASP I 740 48.34 -36.10 3.51
CA ASP I 740 48.96 -37.29 4.10
C ASP I 740 48.06 -37.83 5.21
N ILE I 741 47.63 -39.08 5.07
CA ILE I 741 46.71 -39.70 6.01
C ILE I 741 47.44 -40.54 7.05
N SER I 742 48.46 -41.28 6.63
CA SER I 742 49.11 -42.24 7.53
C SER I 742 49.70 -41.56 8.76
N SER I 743 50.36 -40.41 8.57
CA SER I 743 50.87 -39.67 9.72
C SER I 743 49.72 -39.17 10.61
N LEU I 744 48.58 -38.85 10.01
CA LEU I 744 47.43 -38.40 10.80
C LEU I 744 46.82 -39.55 11.58
N ILE I 745 46.77 -40.75 10.98
CA ILE I 745 46.20 -41.90 11.67
C ILE I 745 46.93 -42.16 12.97
N GLY I 746 48.26 -42.15 12.92
CA GLY I 746 49.03 -42.19 14.15
C GLY I 746 48.82 -40.96 15.01
N GLY I 747 48.62 -39.79 14.38
CA GLY I 747 48.43 -38.57 15.14
C GLY I 747 47.18 -38.59 16.00
N PHE I 748 46.07 -39.07 15.43
CA PHE I 748 44.84 -39.15 16.20
C PHE I 748 44.87 -40.24 17.27
N GLU I 749 45.87 -41.12 17.23
CA GLU I 749 45.99 -42.11 18.29
C GLU I 749 46.33 -41.47 19.64
N TYR I 750 47.04 -40.34 19.61
CA TYR I 750 47.41 -39.67 20.86
C TYR I 750 46.23 -39.01 21.57
N PHE I 751 45.06 -38.92 20.93
CA PHE I 751 43.88 -38.37 21.58
C PHE I 751 43.21 -39.38 22.51
N LEU I 752 43.66 -40.62 22.54
CA LEU I 752 43.01 -41.68 23.30
C LEU I 752 43.70 -41.97 24.63
N GLN I 753 44.76 -41.26 24.96
CA GLN I 753 45.44 -41.46 26.22
C GLN I 753 44.55 -40.99 27.38
N PRO I 754 44.73 -41.57 28.57
CA PRO I 754 43.89 -41.17 29.71
C PRO I 754 43.97 -39.70 30.05
N LEU I 755 45.12 -39.06 29.83
CA LEU I 755 45.24 -37.63 30.10
C LEU I 755 44.36 -36.82 29.16
N LEU I 756 44.27 -37.22 27.89
CA LEU I 756 43.55 -36.49 26.86
C LEU I 756 42.16 -37.07 26.61
N LEU I 757 41.58 -37.78 27.58
CA LEU I 757 40.30 -38.45 27.34
C LEU I 757 39.14 -37.46 27.34
N VAL I 758 39.24 -36.38 28.12
CA VAL I 758 38.13 -35.44 28.23
C VAL I 758 37.90 -34.68 26.93
N GLY I 759 38.89 -34.65 26.04
CA GLY I 759 38.77 -33.91 24.80
C GLY I 759 37.89 -34.58 23.76
N LEU I 760 37.48 -35.82 23.97
CA LEU I 760 36.61 -36.52 23.03
C LEU I 760 35.13 -36.22 23.23
N ILE I 761 34.76 -35.60 24.36
CA ILE I 761 33.35 -35.38 24.65
C ILE I 761 32.71 -34.48 23.60
N LYS I 762 33.38 -33.38 23.27
CA LYS I 762 32.85 -32.46 22.26
C LYS I 762 33.18 -32.88 20.85
N THR I 763 34.09 -33.84 20.66
CA THR I 763 34.49 -34.24 19.31
C THR I 763 33.34 -34.90 18.56
N PHE I 764 32.57 -35.75 19.23
CA PHE I 764 31.52 -36.53 18.57
C PHE I 764 30.29 -35.68 18.26
N TYR I 765 29.94 -34.73 19.14
CA TYR I 765 28.76 -33.91 18.90
C TYR I 765 28.89 -33.09 17.63
N TRP I 766 30.08 -32.52 17.40
CA TRP I 766 30.30 -31.71 16.19
C TRP I 766 30.24 -32.55 14.92
N LEU I 767 30.38 -33.87 15.02
CA LEU I 767 30.54 -34.69 13.84
C LEU I 767 29.31 -34.63 12.93
N GLU I 768 28.11 -34.72 13.51
CA GLU I 768 26.90 -34.73 12.69
C GLU I 768 26.71 -33.40 11.98
N GLN I 769 26.96 -32.29 12.67
CA GLN I 769 26.93 -30.99 11.99
C GLN I 769 27.96 -30.94 10.88
N PHE I 770 29.15 -31.49 11.13
CA PHE I 770 30.13 -31.68 10.07
C PHE I 770 29.62 -32.64 9.02
N LEU I 771 28.98 -33.74 9.44
CA LEU I 771 28.56 -34.77 8.49
C LEU I 771 27.33 -34.36 7.70
N SER I 772 26.41 -33.63 8.34
CA SER I 772 25.21 -33.19 7.64
C SER I 772 25.55 -32.29 6.46
N CYS I 773 26.49 -31.37 6.64
CA CYS I 773 26.99 -30.59 5.51
C CYS I 773 27.69 -31.49 4.50
N VAL I 774 28.44 -32.47 4.97
CA VAL I 774 29.13 -33.40 4.08
C VAL I 774 28.12 -34.21 3.27
N LYS I 775 27.03 -34.64 3.92
CA LYS I 775 26.03 -35.46 3.23
C LYS I 775 25.42 -34.72 2.05
N ASN I 776 25.08 -33.44 2.24
CA ASN I 776 24.50 -32.67 1.15
C ASN I 776 25.54 -32.22 0.14
N ASP I 777 26.75 -31.89 0.61
CA ASP I 777 27.80 -31.45 -0.30
C ASP I 777 28.36 -32.63 -1.10
N THR I 778 28.94 -32.31 -2.25
CA THR I 778 29.52 -33.33 -3.13
C THR I 778 30.99 -33.51 -2.77
N ILE I 779 31.31 -34.66 -2.19
CA ILE I 779 32.68 -35.01 -1.82
C ILE I 779 33.08 -36.27 -2.56
N SER I 780 34.25 -36.23 -3.20
CA SER I 780 34.75 -37.39 -3.93
C SER I 780 35.02 -38.55 -2.98
N GLU I 781 34.90 -39.77 -3.51
CA GLU I 781 35.09 -40.95 -2.68
C GLU I 781 36.52 -41.04 -2.14
N ASP I 782 37.49 -40.53 -2.89
CA ASP I 782 38.87 -40.53 -2.40
C ASP I 782 39.00 -39.69 -1.14
N ILE I 783 38.39 -38.51 -1.13
CA ILE I 783 38.33 -37.72 0.09
C ILE I 783 37.42 -38.38 1.11
N LEU I 784 36.28 -38.91 0.65
CA LEU I 784 35.32 -39.53 1.57
C LEU I 784 35.92 -40.75 2.26
N GLN I 785 36.63 -41.59 1.51
CA GLN I 785 37.29 -42.74 2.14
C GLN I 785 38.38 -42.29 3.11
N GLY I 786 39.02 -41.16 2.84
CA GLY I 786 39.95 -40.60 3.80
C GLY I 786 39.26 -40.16 5.07
N ILE I 787 38.11 -39.51 4.94
CA ILE I 787 37.36 -39.06 6.11
C ILE I 787 37.03 -40.24 7.02
N PHE I 788 36.59 -41.34 6.43
CA PHE I 788 36.32 -42.54 7.21
C PHE I 788 37.61 -43.09 7.83
N ASN I 789 38.73 -43.02 7.10
CA ASN I 789 39.99 -43.51 7.62
C ASN I 789 40.40 -42.74 8.86
N LEU I 790 40.33 -41.41 8.81
CA LEU I 790 40.60 -40.60 9.99
C LEU I 790 39.57 -40.84 11.08
N LEU I 791 38.29 -40.96 10.70
CA LEU I 791 37.24 -41.21 11.67
C LEU I 791 37.38 -42.58 12.31
N ASN I 792 37.75 -43.59 11.52
CA ASN I 792 37.83 -44.96 12.04
C ASN I 792 38.91 -45.08 13.11
N THR I 793 39.92 -44.21 13.10
CA THR I 793 40.94 -44.25 14.13
C THR I 793 40.34 -43.98 15.51
N LEU I 794 39.44 -42.99 15.60
CA LEU I 794 38.74 -42.75 16.84
C LEU I 794 37.65 -43.79 17.09
N PHE I 795 37.05 -44.33 16.02
CA PHE I 795 35.98 -45.30 16.17
C PHE I 795 36.51 -46.70 16.50
N ASN I 796 37.55 -47.14 15.78
CA ASN I 796 38.09 -48.49 15.90
C ASN I 796 39.58 -48.40 16.21
N PRO I 797 39.94 -48.13 17.45
CA PRO I 797 41.36 -48.06 17.81
C PRO I 797 42.04 -49.42 17.72
N VAL I 798 43.32 -49.40 17.35
CA VAL I 798 44.08 -50.65 17.28
C VAL I 798 44.36 -51.18 18.68
N THR I 799 44.67 -50.30 19.63
CA THR I 799 44.97 -50.68 21.00
C THR I 799 44.36 -49.67 21.95
N LEU I 800 43.98 -50.14 23.14
CA LEU I 800 43.40 -49.29 24.17
C LEU I 800 44.05 -49.57 25.51
N ASN I 801 44.28 -48.50 26.28
CA ASN I 801 44.82 -48.66 27.62
C ASN I 801 43.77 -49.24 28.55
N GLU I 802 44.22 -49.69 29.73
CA GLU I 802 43.32 -50.30 30.69
C GLU I 802 42.38 -49.30 31.36
N ASP I 803 42.58 -48.00 31.15
CA ASP I 803 41.69 -46.98 31.68
C ASP I 803 40.91 -46.24 30.60
N SER I 804 41.17 -46.52 29.32
CA SER I 804 40.55 -45.79 28.23
C SER I 804 39.58 -46.62 27.39
N LYS I 805 39.55 -47.94 27.57
CA LYS I 805 38.70 -48.77 26.72
C LYS I 805 37.22 -48.56 27.06
N ALA I 806 36.88 -48.58 28.35
CA ALA I 806 35.49 -48.35 28.74
C ALA I 806 35.08 -46.91 28.49
N PHE I 807 36.00 -45.96 28.66
CA PHE I 807 35.68 -44.56 28.39
C PHE I 807 35.36 -44.34 26.92
N HIS I 808 36.13 -44.95 26.02
CA HIS I 808 35.91 -44.74 24.59
C HIS I 808 34.54 -45.23 24.17
N THR I 809 34.13 -46.40 24.66
CA THR I 809 32.79 -46.90 24.37
C THR I 809 31.72 -45.97 24.96
N ALA I 810 31.97 -45.45 26.15
CA ALA I 810 30.98 -44.60 26.82
C ALA I 810 30.68 -43.34 26.02
N VAL I 811 31.72 -42.67 25.51
CA VAL I 811 31.51 -41.43 24.78
C VAL I 811 30.79 -41.71 23.46
N LEU I 812 31.12 -42.84 22.80
CA LEU I 812 30.44 -43.19 21.57
C LEU I 812 28.95 -43.51 21.80
N ARG I 813 28.56 -43.76 23.05
CA ARG I 813 27.18 -44.11 23.35
C ARG I 813 26.28 -42.89 23.55
N LEU I 814 26.85 -41.72 23.86
CA LEU I 814 26.03 -40.56 24.17
C LEU I 814 25.32 -40.03 22.93
N ASN I 815 26.06 -39.87 21.84
CA ASN I 815 25.55 -39.20 20.64
C ASN I 815 25.65 -40.15 19.45
N ALA I 816 25.30 -41.41 19.67
CA ALA I 816 25.35 -42.42 18.62
C ALA I 816 24.16 -42.32 17.67
N ILE I 817 22.97 -42.08 18.23
CA ILE I 817 21.74 -42.23 17.45
C ILE I 817 21.68 -41.27 16.26
N PRO I 818 21.88 -39.97 16.42
CA PRO I 818 21.91 -39.10 15.23
C PRO I 818 23.04 -39.43 14.27
N LEU I 819 24.17 -39.91 14.79
CA LEU I 819 25.28 -40.30 13.92
C LEU I 819 24.89 -41.46 13.01
N LEU I 820 24.17 -42.44 13.54
CA LEU I 820 23.77 -43.60 12.75
C LEU I 820 22.86 -43.20 11.60
N LYS I 821 21.93 -42.26 11.84
CA LYS I 821 21.01 -41.83 10.80
C LYS I 821 21.75 -41.17 9.65
N VAL I 822 22.75 -40.34 9.95
CA VAL I 822 23.49 -39.65 8.89
C VAL I 822 24.36 -40.62 8.11
N LEU I 823 25.00 -41.57 8.81
CA LEU I 823 25.91 -42.50 8.14
C LEU I 823 25.17 -43.40 7.16
N ARG I 824 23.98 -43.88 7.51
CA ARG I 824 23.24 -44.78 6.64
C ARG I 824 22.77 -44.09 5.37
N LYS I 825 22.71 -42.76 5.35
CA LYS I 825 22.26 -42.04 4.16
C LYS I 825 23.24 -42.18 2.99
N PHE I 826 24.46 -42.62 3.24
CA PHE I 826 25.45 -42.77 2.18
C PHE I 826 25.23 -44.07 1.42
N ASN I 846 34.50 -49.46 3.68
CA ASN I 846 34.86 -48.97 5.01
C ASN I 846 33.67 -48.29 5.70
N LEU I 847 32.58 -48.11 4.96
CA LEU I 847 31.37 -47.54 5.55
C LEU I 847 30.79 -48.47 6.60
N GLU I 848 30.62 -49.75 6.25
CA GLU I 848 29.99 -50.70 7.16
C GLU I 848 30.64 -50.82 8.52
N PRO I 849 31.98 -50.87 8.66
CA PRO I 849 32.56 -50.98 10.00
C PRO I 849 32.12 -49.88 10.96
N LEU I 850 31.93 -48.66 10.48
CA LEU I 850 31.48 -47.58 11.36
C LEU I 850 30.08 -47.87 11.90
N ILE I 851 29.16 -48.27 11.03
CA ILE I 851 27.84 -48.70 11.49
C ILE I 851 27.97 -49.95 12.34
N ALA I 852 28.83 -50.88 11.93
CA ALA I 852 29.03 -52.10 12.71
C ALA I 852 29.56 -51.78 14.10
N LYS I 853 30.49 -50.83 14.19
CA LYS I 853 30.96 -50.39 15.51
C LYS I 853 29.87 -49.62 16.24
N LEU I 854 29.12 -48.78 15.53
CA LEU I 854 28.06 -48.01 16.18
C LEU I 854 26.93 -48.90 16.67
N VAL I 855 26.56 -49.92 15.89
CA VAL I 855 25.53 -50.83 16.34
C VAL I 855 26.04 -51.71 17.48
N ALA I 856 27.34 -52.00 17.50
CA ALA I 856 27.91 -52.82 18.57
C ALA I 856 27.86 -52.07 19.90
N VAL I 857 28.22 -50.78 19.90
CA VAL I 857 28.16 -50.00 21.13
C VAL I 857 26.73 -49.64 21.50
N LEU I 858 25.80 -49.72 20.54
CA LEU I 858 24.39 -49.48 20.85
C LEU I 858 23.71 -50.70 21.44
N ASN I 859 24.27 -51.89 21.26
CA ASN I 859 23.66 -53.12 21.75
C ASN I 859 24.13 -53.52 23.13
N VAL I 860 25.11 -52.81 23.71
CA VAL I 860 25.65 -53.21 25.00
C VAL I 860 24.61 -53.07 26.10
N SER I 861 23.76 -52.05 26.01
CA SER I 861 22.68 -51.82 26.94
C SER I 861 21.50 -51.23 26.18
N PRO I 862 20.29 -51.38 26.70
CA PRO I 862 19.13 -50.83 26.00
C PRO I 862 19.17 -49.31 25.93
N VAL I 863 18.63 -48.77 24.84
CA VAL I 863 18.55 -47.33 24.61
C VAL I 863 17.09 -46.91 24.67
N TYR I 864 16.81 -45.86 25.44
CA TYR I 864 15.44 -45.40 25.62
C TYR I 864 14.94 -44.67 24.39
N ASP I 865 13.63 -44.85 24.12
CA ASP I 865 12.91 -44.07 23.11
C ASP I 865 13.55 -44.20 21.73
N VAL I 866 13.85 -45.43 21.35
CA VAL I 866 14.46 -45.73 20.05
C VAL I 866 13.65 -46.84 19.39
N ASP I 867 13.45 -46.72 18.09
CA ASP I 867 12.85 -47.80 17.33
C ASP I 867 13.80 -48.97 17.26
N PRO I 868 13.44 -50.15 17.79
CA PRO I 868 14.35 -51.30 17.69
C PRO I 868 14.62 -51.74 16.27
N ARG I 869 13.75 -51.39 15.32
CA ARG I 869 13.99 -51.76 13.93
C ARG I 869 15.17 -51.00 13.34
N ILE I 870 15.45 -49.80 13.82
CA ILE I 870 16.56 -49.01 13.31
C ILE I 870 17.89 -49.68 13.63
N ILE I 871 18.04 -50.16 14.87
CA ILE I 871 19.32 -50.74 15.29
C ILE I 871 19.61 -52.02 14.51
N ASN I 872 18.59 -52.79 14.16
CA ASN I 872 18.74 -54.07 13.50
C ASN I 872 18.08 -54.08 12.13
N SER I 873 18.31 -53.01 11.34
CA SER I 873 17.76 -52.90 10.00
C SER I 873 18.70 -53.44 8.93
N GLU I 874 19.56 -54.39 9.29
CA GLU I 874 20.50 -54.94 8.31
C GLU I 874 19.77 -55.65 7.17
N ASN I 875 18.74 -56.43 7.50
CA ASN I 875 17.99 -57.17 6.50
C ASN I 875 16.48 -57.07 6.64
N ASP I 876 15.97 -56.53 7.75
CA ASP I 876 14.53 -56.40 7.92
C ASP I 876 13.99 -55.27 7.05
N TYR I 877 12.93 -55.57 6.29
CA TYR I 877 12.26 -54.60 5.42
C TYR I 877 10.76 -54.74 5.65
N SER I 878 10.22 -53.96 6.58
CA SER I 878 8.82 -54.03 6.95
C SER I 878 7.94 -53.08 6.13
N ARG I 879 8.51 -52.45 5.11
CA ARG I 879 7.78 -51.50 4.25
C ARG I 879 7.21 -50.34 5.04
N LYS I 880 7.91 -49.93 6.10
CA LYS I 880 7.53 -48.78 6.89
C LYS I 880 8.79 -47.97 7.20
N GLN I 881 8.74 -46.67 6.87
CA GLN I 881 9.91 -45.82 7.07
C GLN I 881 10.19 -45.63 8.55
N LEU I 882 11.48 -45.62 8.89
CA LEU I 882 11.90 -45.55 10.28
C LEU I 882 11.81 -44.13 10.82
N GLY I 883 11.45 -44.03 12.09
CA GLY I 883 11.39 -42.75 12.78
C GLY I 883 12.41 -42.65 13.90
N TYR I 884 13.41 -41.80 13.74
CA TYR I 884 14.50 -41.70 14.70
C TYR I 884 14.15 -40.87 15.93
N GLY I 885 13.07 -40.08 15.89
CA GLY I 885 12.74 -39.18 16.96
C GLY I 885 11.68 -39.76 17.90
N LYS I 886 11.57 -39.11 19.06
CA LYS I 886 10.57 -39.52 20.05
C LYS I 886 9.16 -39.30 19.51
N PHE I 887 8.92 -38.16 18.89
CA PHE I 887 7.59 -37.77 18.43
C PHE I 887 7.62 -37.63 16.92
N LEU I 888 6.71 -38.32 16.24
CA LEU I 888 6.70 -38.41 14.79
C LEU I 888 5.31 -38.11 14.24
N ILE I 889 5.27 -37.50 13.05
CA ILE I 889 4.02 -37.06 12.44
C ILE I 889 4.04 -37.40 10.96
N LEU I 890 2.89 -37.83 10.45
CA LEU I 890 2.69 -38.12 9.03
C LEU I 890 1.64 -37.18 8.45
N ASN I 891 1.47 -37.25 7.13
CA ASN I 891 0.39 -36.50 6.48
C ASN I 891 -0.96 -37.18 6.69
N GLU I 892 -0.98 -38.51 6.75
CA GLU I 892 -2.23 -39.22 7.01
C GLU I 892 -2.77 -38.92 8.39
N ASN I 893 -1.89 -38.69 9.36
CA ASN I 893 -2.28 -38.29 10.71
C ASN I 893 -1.53 -37.01 11.04
N PRO I 894 -1.96 -35.87 10.49
CA PRO I 894 -1.22 -34.62 10.70
C PRO I 894 -1.40 -34.08 12.10
N ILE I 895 -0.80 -32.93 12.38
CA ILE I 895 -1.01 -32.28 13.67
C ILE I 895 -2.46 -31.89 13.83
N ASN I 896 -3.19 -31.67 12.74
CA ASN I 896 -4.59 -31.28 12.82
C ASN I 896 -5.44 -32.39 13.42
N LYS I 897 -5.28 -33.62 12.89
CA LYS I 897 -6.12 -34.73 13.34
C LYS I 897 -5.92 -35.03 14.81
N ILE I 898 -4.67 -35.03 15.28
CA ILE I 898 -4.41 -35.35 16.67
C ILE I 898 -4.97 -34.27 17.60
N MET I 899 -4.77 -32.99 17.26
CA MET I 899 -5.29 -31.93 18.12
C MET I 899 -6.80 -31.76 17.95
N THR I 900 -7.34 -32.07 16.76
CA THR I 900 -8.79 -32.17 16.65
C THR I 900 -9.31 -33.30 17.52
N ASN I 901 -8.56 -34.40 17.61
CA ASN I 901 -8.86 -35.43 18.61
C ASN I 901 -8.55 -34.95 20.01
N GLN I 902 -7.63 -33.99 20.16
CA GLN I 902 -7.40 -33.38 21.46
C GLN I 902 -8.55 -32.46 21.84
N ILE I 903 -9.06 -31.68 20.88
CA ILE I 903 -10.24 -30.87 21.14
C ILE I 903 -11.43 -31.74 21.50
N ASN I 904 -11.57 -32.91 20.86
CA ASN I 904 -12.59 -33.86 21.27
C ASN I 904 -12.32 -34.42 22.67
N SER I 905 -11.08 -34.37 23.13
CA SER I 905 -10.73 -34.79 24.49
C SER I 905 -10.62 -33.62 25.46
N PHE I 906 -10.19 -32.46 24.99
CA PHE I 906 -10.16 -31.28 25.85
C PHE I 906 -11.57 -30.82 26.21
N TRP I 907 -12.54 -31.13 25.36
CA TRP I 907 -13.93 -30.71 25.52
C TRP I 907 -14.84 -31.87 25.96
N SER I 908 -14.81 -32.99 25.23
CA SER I 908 -15.68 -34.12 25.52
C SER I 908 -14.94 -35.31 26.11
N LEU I 909 -13.64 -35.19 26.36
CA LEU I 909 -12.84 -36.27 26.94
C LEU I 909 -12.95 -37.56 26.11
N HIS I 910 -12.93 -37.40 24.79
CA HIS I 910 -12.96 -38.52 23.86
C HIS I 910 -11.52 -38.93 23.53
N SER I 911 -11.37 -39.78 22.52
CA SER I 911 -10.07 -40.29 22.08
C SER I 911 -9.41 -41.10 23.19
N SER I 912 -8.12 -41.40 23.04
CA SER I 912 -7.41 -42.13 24.08
C SER I 912 -6.00 -41.61 24.32
N THR I 913 -5.69 -40.38 23.88
CA THR I 913 -4.36 -39.83 24.07
C THR I 913 -4.16 -39.20 25.45
N TYR I 914 -5.21 -39.09 26.24
CA TYR I 914 -5.10 -38.51 27.57
C TYR I 914 -4.46 -39.51 28.54
N TYR I 915 -4.11 -39.00 29.73
CA TYR I 915 -3.35 -39.72 30.75
C TYR I 915 -1.98 -40.17 30.25
N ASN I 916 -1.56 -39.68 29.08
CA ASN I 916 -0.25 -39.99 28.50
C ASN I 916 0.52 -38.68 28.41
N LEU I 917 1.19 -38.33 29.50
CA LEU I 917 1.98 -37.11 29.53
C LEU I 917 3.24 -37.23 28.69
N ASP I 918 3.61 -38.43 28.25
CA ASP I 918 4.69 -38.56 27.28
C ASP I 918 4.31 -37.98 25.94
N TYR I 919 3.12 -38.34 25.43
CA TYR I 919 2.67 -37.88 24.14
C TYR I 919 2.06 -36.48 24.18
N LEU I 920 1.74 -35.97 25.37
CA LEU I 920 1.09 -34.67 25.52
C LEU I 920 2.06 -33.55 25.86
N PHE I 921 3.02 -33.81 26.76
CA PHE I 921 3.98 -32.77 27.12
C PHE I 921 4.83 -32.36 25.94
N GLU I 922 5.28 -33.35 25.14
CA GLU I 922 6.02 -33.03 23.93
C GLU I 922 5.14 -32.35 22.90
N LEU I 923 3.87 -32.75 22.81
CA LEU I 923 2.95 -32.11 21.88
C LEU I 923 2.75 -30.63 22.23
N ILE I 924 2.64 -30.32 23.51
CA ILE I 924 2.47 -28.94 23.94
C ILE I 924 3.66 -28.10 23.49
N GLU I 925 4.87 -28.61 23.71
CA GLU I 925 6.07 -27.87 23.31
C GLU I 925 6.11 -27.67 21.80
N LEU I 926 5.77 -28.70 21.03
CA LEU I 926 5.80 -28.58 19.57
C LEU I 926 4.81 -27.55 19.06
N VAL I 927 3.79 -27.21 19.84
CA VAL I 927 2.81 -26.20 19.46
C VAL I 927 2.91 -24.95 20.33
N THR I 928 3.75 -24.97 21.38
CA THR I 928 3.97 -23.90 22.35
C THR I 928 2.74 -23.70 23.22
N PRO I 929 2.92 -23.37 24.51
CA PRO I 929 1.76 -23.18 25.39
C PRO I 929 0.82 -22.09 24.93
N LYS I 930 1.33 -21.05 24.26
CA LYS I 930 0.47 -19.98 23.77
C LYS I 930 -0.55 -20.50 22.76
N SER I 931 -0.06 -21.05 21.64
CA SER I 931 -0.96 -21.55 20.61
C SER I 931 -1.77 -22.74 21.11
N PHE I 932 -1.22 -23.52 22.05
CA PHE I 932 -1.97 -24.64 22.61
C PHE I 932 -3.19 -24.15 23.38
N LEU I 933 -3.01 -23.16 24.24
CA LEU I 933 -4.13 -22.62 25.02
C LEU I 933 -5.02 -21.71 24.19
N PHE I 934 -4.45 -20.96 23.24
CA PHE I 934 -5.24 -20.03 22.44
C PHE I 934 -6.21 -20.77 21.53
N ASP I 935 -5.76 -21.88 20.93
CA ASP I 935 -6.59 -22.61 19.97
C ASP I 935 -7.66 -23.46 20.63
N VAL I 936 -7.63 -23.62 21.96
CA VAL I 936 -8.61 -24.43 22.65
C VAL I 936 -9.57 -23.60 23.51
N LEU I 937 -9.09 -22.52 24.14
CA LEU I 937 -9.95 -21.75 25.04
C LEU I 937 -11.06 -21.04 24.27
N LYS I 938 -10.71 -20.39 23.16
CA LYS I 938 -11.71 -19.69 22.36
C LYS I 938 -12.48 -20.61 21.43
N THR I 939 -11.95 -21.80 21.12
CA THR I 939 -12.70 -22.78 20.34
C THR I 939 -13.71 -23.54 21.20
N LEU I 940 -13.53 -23.53 22.51
CA LEU I 940 -14.50 -24.20 23.39
C LEU I 940 -15.89 -23.58 23.28
N GLU I 941 -15.96 -22.25 23.14
CA GLU I 941 -17.25 -21.57 23.09
C GLU I 941 -18.06 -22.04 21.90
N TYR I 942 -17.42 -22.23 20.74
CA TYR I 942 -18.15 -22.69 19.56
C TYR I 942 -18.79 -24.05 19.80
N LYS I 943 -18.05 -24.98 20.42
CA LYS I 943 -18.63 -26.28 20.75
C LYS I 943 -19.68 -26.14 21.85
N LEU I 944 -19.45 -25.26 22.82
CA LEU I 944 -20.38 -25.11 23.93
C LEU I 944 -21.68 -24.44 23.49
N ALA I 945 -21.60 -23.48 22.55
CA ALA I 945 -22.79 -22.76 22.13
C ALA I 945 -23.74 -23.61 21.30
N THR I 946 -23.24 -24.67 20.68
CA THR I 946 -24.04 -25.51 19.79
C THR I 946 -24.44 -26.84 20.41
N TYR I 947 -23.46 -27.62 20.89
CA TYR I 947 -23.76 -28.96 21.38
C TYR I 947 -24.29 -28.92 22.81
N GLY I 948 -23.52 -28.33 23.72
CA GLY I 948 -23.88 -28.28 25.13
C GLY I 948 -22.94 -29.12 25.98
N VAL I 949 -23.21 -29.09 27.28
CA VAL I 949 -22.38 -29.81 28.26
C VAL I 949 -22.70 -31.30 28.21
N PRO I 950 -21.71 -32.15 27.96
CA PRO I 950 -21.97 -33.59 27.96
C PRO I 950 -22.22 -34.11 29.37
N GLY I 951 -22.89 -35.26 29.43
CA GLY I 951 -23.23 -35.90 30.69
C GLY I 951 -24.50 -35.41 31.34
N SER I 952 -25.15 -34.39 30.78
CA SER I 952 -26.39 -33.86 31.32
C SER I 952 -27.41 -33.77 30.19
N GLU I 953 -28.62 -34.27 30.44
CA GLU I 953 -29.70 -34.21 29.45
C GLU I 953 -30.51 -32.93 29.51
N ASN I 954 -30.17 -32.03 30.43
CA ASN I 954 -30.89 -30.76 30.58
C ASN I 954 -29.90 -29.62 30.48
N LYS I 955 -30.23 -28.61 29.66
CA LYS I 955 -29.38 -27.44 29.48
C LYS I 955 -29.81 -26.33 30.44
N ARG I 956 -29.75 -26.66 31.73
CA ARG I 956 -30.16 -25.74 32.80
C ARG I 956 -29.02 -25.60 33.81
N GLY I 957 -28.68 -24.37 34.14
CA GLY I 957 -27.69 -24.09 35.16
C GLY I 957 -26.27 -24.08 34.60
N SER I 958 -25.41 -23.37 35.31
CA SER I 958 -23.99 -23.29 34.97
C SER I 958 -23.12 -24.15 35.89
N LEU I 959 -23.70 -24.73 36.94
CA LEU I 959 -22.92 -25.59 37.83
C LEU I 959 -22.43 -26.84 37.10
N ASP I 960 -23.26 -27.39 36.20
CA ASP I 960 -22.84 -28.55 35.43
C ASP I 960 -21.65 -28.22 34.54
N SER I 961 -21.66 -27.04 33.92
CA SER I 961 -20.51 -26.61 33.12
C SER I 961 -19.33 -26.20 33.99
N GLU I 962 -19.56 -25.88 35.27
CA GLU I 962 -18.47 -25.48 36.14
C GLU I 962 -17.48 -26.62 36.36
N HIS I 963 -17.99 -27.84 36.58
CA HIS I 963 -17.09 -28.97 36.80
C HIS I 963 -16.33 -29.35 35.54
N VAL I 964 -16.93 -29.13 34.36
CA VAL I 964 -16.23 -29.40 33.11
C VAL I 964 -15.04 -28.46 32.97
N PHE I 965 -15.20 -27.19 33.36
CA PHE I 965 -14.08 -26.26 33.35
C PHE I 965 -13.00 -26.67 34.34
N ASP I 966 -13.40 -27.29 35.46
CA ASP I 966 -12.42 -27.72 36.45
C ASP I 966 -11.47 -28.77 35.90
N TYR I 967 -11.94 -29.60 34.97
CA TYR I 967 -11.06 -30.60 34.36
C TYR I 967 -9.92 -29.94 33.59
N PHE I 968 -10.22 -28.86 32.86
CA PHE I 968 -9.20 -28.20 32.06
C PHE I 968 -8.22 -27.40 32.92
N PHE I 969 -8.73 -26.72 33.95
CA PHE I 969 -7.85 -25.89 34.78
C PHE I 969 -7.02 -26.72 35.75
N TYR I 970 -7.53 -27.86 36.22
CA TYR I 970 -6.74 -28.72 37.10
C TYR I 970 -5.58 -29.37 36.36
N PHE I 971 -5.77 -29.70 35.09
CA PHE I 971 -4.69 -30.28 34.30
C PHE I 971 -3.55 -29.28 34.11
N LEU I 972 -3.90 -28.01 33.87
CA LEU I 972 -2.87 -27.00 33.65
C LEU I 972 -2.06 -26.70 34.92
N VAL I 973 -2.66 -26.89 36.09
CA VAL I 973 -1.95 -26.63 37.34
C VAL I 973 -0.77 -27.58 37.50
N LEU I 974 -0.97 -28.86 37.22
CA LEU I 974 0.09 -29.84 37.43
C LEU I 974 1.26 -29.61 36.48
N TYR I 975 0.98 -29.19 35.24
CA TYR I 975 2.05 -28.89 34.29
C TYR I 975 2.90 -27.70 34.73
N ASP I 976 2.44 -26.94 35.71
CA ASP I 976 3.18 -25.79 36.23
C ASP I 976 3.83 -26.06 37.57
N VAL I 977 3.10 -26.60 38.53
CA VAL I 977 3.63 -26.89 39.85
C VAL I 977 4.19 -28.30 39.87
N LYS I 978 5.42 -28.44 40.35
CA LYS I 978 6.12 -29.73 40.34
C LYS I 978 6.49 -30.28 41.70
N THR I 979 6.49 -29.45 42.75
CA THR I 979 6.90 -29.92 44.07
C THR I 979 5.95 -29.45 45.16
N ALA I 980 6.33 -29.65 46.42
CA ALA I 980 5.46 -29.35 47.55
C ALA I 980 5.53 -27.89 47.96
N GLU I 981 6.71 -27.41 48.33
CA GLU I 981 6.85 -26.03 48.80
C GLU I 981 6.68 -25.01 47.68
N GLU I 982 6.76 -25.44 46.42
CA GLU I 982 6.62 -24.50 45.31
C GLU I 982 5.25 -23.84 45.31
N ALA I 983 4.21 -24.57 45.70
CA ALA I 983 2.85 -24.02 45.68
C ALA I 983 2.73 -22.83 46.62
N SER I 984 3.34 -22.91 47.80
CA SER I 984 3.25 -21.83 48.78
C SER I 984 3.90 -20.54 48.28
N GLN I 985 4.72 -20.62 47.23
CA GLN I 985 5.37 -19.42 46.71
C GLN I 985 4.69 -18.87 45.46
N LEU I 986 3.95 -19.71 44.72
CA LEU I 986 3.20 -19.20 43.58
C LEU I 986 1.96 -18.43 43.99
N ILE I 987 1.43 -18.68 45.19
CA ILE I 987 0.29 -17.89 45.67
C ILE I 987 0.72 -16.45 45.91
N GLU I 988 1.96 -16.24 46.35
CA GLU I 988 2.47 -14.89 46.54
C GLU I 988 2.79 -14.20 45.22
N TYR I 989 3.13 -14.97 44.19
CA TYR I 989 3.36 -14.38 42.87
C TYR I 989 2.08 -13.77 42.32
N MET I 990 0.94 -14.46 42.50
CA MET I 990 -0.33 -13.93 42.02
C MET I 990 -0.80 -12.74 42.84
N GLU I 991 -0.53 -12.74 44.15
CA GLU I 991 -1.05 -11.71 45.03
C GLU I 991 -0.42 -10.34 44.76
N ASN I 992 0.69 -10.30 44.04
CA ASN I 992 1.34 -9.02 43.71
C ASN I 992 0.79 -8.44 42.42
N ASN I 1078 10.74 -12.20 42.32
CA ASN I 1078 11.76 -12.27 41.28
C ASN I 1078 12.20 -13.71 41.05
N LYS I 1079 12.63 -14.38 42.12
CA LYS I 1079 13.17 -15.73 42.02
C LYS I 1079 12.13 -16.75 41.58
N ILE I 1080 10.84 -16.44 41.71
CA ILE I 1080 9.80 -17.44 41.46
C ILE I 1080 9.68 -17.71 39.97
N SER I 1081 9.43 -16.68 39.18
CA SER I 1081 9.16 -16.85 37.76
C SER I 1081 10.41 -17.22 36.95
N ILE I 1082 11.59 -17.18 37.56
CA ILE I 1082 12.80 -17.60 36.86
C ILE I 1082 12.74 -19.07 36.50
N LEU I 1083 12.26 -19.90 37.43
CA LEU I 1083 12.21 -21.34 37.22
C LEU I 1083 11.06 -21.77 36.30
N LYS I 1084 10.09 -20.91 36.06
CA LYS I 1084 8.85 -21.25 35.36
C LYS I 1084 8.61 -20.29 34.20
N ARG I 1085 9.64 -20.09 33.37
CA ARG I 1085 9.52 -19.15 32.25
C ARG I 1085 8.38 -19.54 31.31
N HIS I 1086 8.20 -20.83 31.07
CA HIS I 1086 7.22 -21.32 30.11
C HIS I 1086 5.91 -21.74 30.76
N SER I 1087 5.71 -21.45 32.04
CA SER I 1087 4.49 -21.84 32.72
C SER I 1087 3.30 -21.00 32.24
N PHE I 1088 2.11 -21.57 32.38
CA PHE I 1088 0.89 -20.80 32.10
C PHE I 1088 0.68 -19.70 33.11
N ALA I 1089 1.07 -19.92 34.37
CA ALA I 1089 0.82 -18.94 35.42
C ALA I 1089 1.50 -17.61 35.09
N VAL I 1090 2.70 -17.66 34.51
CA VAL I 1090 3.37 -16.42 34.10
C VAL I 1090 2.57 -15.72 33.01
N LEU I 1091 2.09 -16.49 32.02
CA LEU I 1091 1.34 -15.90 30.92
C LEU I 1091 0.05 -15.26 31.40
N LEU I 1092 -0.66 -15.94 32.30
CA LEU I 1092 -1.91 -15.39 32.83
C LEU I 1092 -1.66 -14.14 33.66
N HIS I 1093 -0.60 -14.14 34.46
CA HIS I 1093 -0.35 -13.01 35.36
C HIS I 1093 0.18 -11.79 34.60
N GLU I 1094 1.00 -12.01 33.58
CA GLU I 1094 1.54 -10.87 32.84
C GLU I 1094 0.46 -10.14 32.07
N ARG I 1095 -0.56 -10.86 31.60
CA ARG I 1095 -1.68 -10.19 30.93
C ARG I 1095 -2.62 -9.52 31.93
N LYS I 1096 -2.71 -10.07 33.14
CA LYS I 1096 -3.60 -9.49 34.15
C LYS I 1096 -3.15 -8.08 34.53
N LEU I 1097 -1.86 -7.89 34.74
CA LEU I 1097 -1.35 -6.57 35.11
C LEU I 1097 -1.40 -5.61 33.93
N LEU I 1098 -1.13 -6.11 32.72
CA LEU I 1098 -1.09 -5.24 31.56
C LEU I 1098 -2.46 -4.66 31.22
N ASN I 1099 -3.50 -5.51 31.23
CA ASN I 1099 -4.82 -5.01 30.89
C ASN I 1099 -5.40 -4.13 31.99
N ASP I 1100 -4.97 -4.34 33.25
CA ASP I 1100 -5.38 -3.46 34.33
C ASP I 1100 -4.84 -2.05 34.12
N LEU I 1101 -3.65 -1.94 33.51
CA LEU I 1101 -3.11 -0.63 33.18
C LEU I 1101 -4.00 0.10 32.18
N ALA I 1102 -4.51 -0.63 31.18
CA ALA I 1102 -5.41 -0.03 30.21
C ALA I 1102 -6.74 0.36 30.86
N LEU I 1103 -7.11 -0.31 31.94
CA LEU I 1103 -8.33 0.05 32.66
C LEU I 1103 -8.23 1.46 33.23
N GLU I 1104 -7.07 1.83 33.77
CA GLU I 1104 -6.86 3.20 34.21
C GLU I 1104 -6.93 4.17 33.04
N ASN I 1105 -6.35 3.81 31.91
CA ASN I 1105 -6.38 4.64 30.72
C ASN I 1105 -7.67 4.48 29.91
N GLY I 1106 -8.46 3.44 30.18
CA GLY I 1106 -9.77 3.30 29.57
C GLY I 1106 -9.81 3.04 28.08
N GLU I 1107 -8.93 2.17 27.57
CA GLU I 1107 -9.01 1.73 26.18
C GLU I 1107 -9.72 0.39 26.04
N ILE I 1108 -10.15 -0.22 27.14
CA ILE I 1108 -10.80 -1.53 27.11
C ILE I 1108 -12.14 -1.41 27.85
N THR I 1109 -13.17 -2.03 27.29
CA THR I 1109 -14.47 -2.04 27.93
C THR I 1109 -14.41 -2.81 29.25
N LYS I 1110 -15.24 -2.38 30.21
CA LYS I 1110 -15.24 -3.01 31.52
C LYS I 1110 -15.68 -4.47 31.46
N THR I 1111 -16.56 -4.81 30.53
CA THR I 1111 -17.01 -6.19 30.39
C THR I 1111 -15.87 -7.11 29.99
N GLU I 1112 -15.03 -6.67 29.05
CA GLU I 1112 -13.92 -7.49 28.59
C GLU I 1112 -12.90 -7.74 29.71
N ASN I 1113 -12.62 -6.71 30.52
CA ASN I 1113 -11.70 -6.88 31.63
C ASN I 1113 -12.25 -7.85 32.67
N GLU I 1114 -13.56 -7.78 32.92
CA GLU I 1114 -14.17 -8.69 33.90
C GLU I 1114 -14.09 -10.14 33.43
N LYS I 1115 -14.19 -10.36 32.12
CA LYS I 1115 -14.13 -11.73 31.61
C LYS I 1115 -12.75 -12.35 31.83
N PHE I 1116 -11.69 -11.59 31.60
CA PHE I 1116 -10.33 -12.15 31.71
C PHE I 1116 -9.99 -12.51 33.15
N ILE I 1117 -10.34 -11.66 34.11
CA ILE I 1117 -10.02 -11.93 35.50
C ILE I 1117 -10.77 -13.15 36.00
N SER I 1118 -11.88 -13.51 35.36
CA SER I 1118 -12.62 -14.70 35.75
C SER I 1118 -11.78 -15.96 35.56
N TYR I 1119 -11.02 -16.02 34.47
CA TYR I 1119 -10.09 -17.13 34.28
C TYR I 1119 -8.99 -17.10 35.32
N HIS I 1120 -8.48 -15.91 35.64
CA HIS I 1120 -7.34 -15.80 36.54
C HIS I 1120 -7.71 -16.22 37.97
N ASP I 1121 -8.84 -15.71 38.48
CA ASP I 1121 -9.21 -16.02 39.85
C ASP I 1121 -9.55 -17.50 40.02
N LYS I 1122 -10.12 -18.12 38.99
CA LYS I 1122 -10.39 -19.55 39.04
C LYS I 1122 -9.09 -20.35 39.17
N TYR I 1123 -8.05 -19.93 38.45
CA TYR I 1123 -6.75 -20.58 38.58
C TYR I 1123 -6.20 -20.46 40.00
N LEU I 1124 -6.31 -19.26 40.59
CA LEU I 1124 -5.85 -19.07 41.95
C LEU I 1124 -6.71 -19.85 42.95
N CYS I 1125 -8.03 -19.85 42.73
CA CYS I 1125 -8.94 -20.44 43.70
C CYS I 1125 -8.66 -21.93 43.90
N MET I 1126 -8.44 -22.65 42.80
CA MET I 1126 -8.09 -24.06 42.91
C MET I 1126 -6.66 -24.24 43.42
N LEU I 1127 -5.78 -23.30 43.10
CA LEU I 1127 -4.40 -23.36 43.60
C LEU I 1127 -4.36 -23.24 45.12
N LYS I 1128 -5.15 -22.33 45.69
CA LYS I 1128 -5.11 -22.12 47.13
C LYS I 1128 -5.84 -23.19 47.91
N THR I 1129 -6.93 -23.75 47.36
CA THR I 1129 -7.71 -24.73 48.10
C THR I 1129 -7.12 -26.13 48.02
N CYS I 1130 -6.23 -26.39 47.08
CA CYS I 1130 -5.62 -27.70 46.91
C CYS I 1130 -4.15 -27.64 47.32
N VAL I 1131 -3.70 -28.65 48.05
CA VAL I 1131 -2.32 -28.73 48.50
C VAL I 1131 -1.49 -29.42 47.43
N PHE I 1132 -0.35 -28.83 47.10
CA PHE I 1132 0.55 -29.37 46.09
C PHE I 1132 1.92 -29.63 46.68
N MET J 1 0.73 -12.25 23.86
CA MET J 1 0.64 -12.87 22.54
C MET J 1 1.24 -11.96 21.47
N MET J 2 1.81 -12.57 20.44
CA MET J 2 2.39 -11.80 19.34
C MET J 2 1.31 -11.11 18.54
N LEU J 3 1.58 -9.86 18.15
CA LEU J 3 0.62 -9.06 17.40
C LEU J 3 0.59 -9.49 15.93
N GLY J 4 -0.32 -8.88 15.19
CA GLY J 4 -0.54 -9.18 13.79
C GLY J 4 0.43 -8.48 12.86
N GLU J 5 1.66 -8.99 12.79
CA GLU J 5 2.71 -8.33 12.00
C GLU J 5 2.30 -8.17 10.54
N HIS J 6 1.52 -9.10 9.99
CA HIS J 6 1.13 -9.04 8.58
C HIS J 6 -0.38 -9.07 8.39
N LEU J 7 -1.14 -8.53 9.34
CA LEU J 7 -2.58 -8.41 9.15
C LEU J 7 -2.97 -7.27 8.23
N MET J 8 -2.16 -6.21 8.16
CA MET J 8 -2.48 -5.04 7.34
C MET J 8 -1.29 -4.70 6.46
N SER J 9 -1.58 -4.19 5.27
CA SER J 9 -0.56 -3.82 4.29
C SER J 9 -0.97 -2.53 3.61
N TRP J 10 -0.12 -1.50 3.74
CA TRP J 10 -0.26 -0.24 3.01
C TRP J 10 0.34 -0.42 1.63
N SER J 11 -0.52 -0.50 0.61
CA SER J 11 -0.05 -0.58 -0.75
C SER J 11 0.66 0.72 -1.13
N LYS J 12 1.61 0.61 -2.06
CA LYS J 12 2.41 1.78 -2.42
C LYS J 12 1.57 2.87 -3.06
N THR J 13 0.37 2.54 -3.54
CA THR J 13 -0.53 3.52 -4.14
C THR J 13 -1.55 4.08 -3.15
N GLY J 14 -1.43 3.75 -1.87
CA GLY J 14 -2.28 4.32 -0.84
C GLY J 14 -3.41 3.43 -0.37
N ILE J 15 -3.72 2.35 -1.08
CA ILE J 15 -4.80 1.46 -0.66
C ILE J 15 -4.39 0.73 0.61
N ILE J 16 -5.25 0.80 1.63
CA ILE J 16 -5.01 0.14 2.90
C ILE J 16 -5.91 -1.10 2.94
N ALA J 17 -5.33 -2.24 2.61
CA ALA J 17 -6.04 -3.52 2.68
C ALA J 17 -5.63 -4.21 3.97
N TYR J 18 -6.62 -4.49 4.83
CA TYR J 18 -6.35 -5.09 6.13
C TYR J 18 -7.35 -6.20 6.39
N SER J 19 -6.93 -7.15 7.23
CA SER J 19 -7.78 -8.29 7.57
C SER J 19 -8.97 -7.84 8.41
N ASP J 20 -10.12 -8.44 8.14
CA ASP J 20 -11.34 -8.16 8.88
C ASP J 20 -11.77 -9.40 9.65
N SER J 21 -12.00 -9.26 10.95
CA SER J 21 -12.33 -10.39 11.80
C SER J 21 -13.61 -10.18 12.60
N GLN J 22 -14.41 -9.16 12.27
CA GLN J 22 -15.63 -8.88 13.02
C GLN J 22 -16.89 -9.00 12.17
N SER J 23 -16.84 -8.62 10.90
CA SER J 23 -18.01 -8.72 10.04
C SER J 23 -18.30 -10.18 9.72
N SER J 24 -19.57 -10.57 9.81
CA SER J 24 -19.98 -11.94 9.53
C SER J 24 -20.15 -12.22 8.05
N ASN J 25 -20.10 -11.20 7.20
CA ASN J 25 -20.28 -11.38 5.76
C ASN J 25 -19.03 -11.03 4.96
N ALA J 26 -17.96 -10.58 5.60
CA ALA J 26 -16.74 -10.19 4.89
C ALA J 26 -15.54 -10.51 5.76
N ASN J 27 -14.40 -10.74 5.11
CA ASN J 27 -13.16 -11.02 5.78
C ASN J 27 -12.03 -10.07 5.43
N ILE J 28 -12.18 -9.25 4.39
CA ILE J 28 -11.17 -8.28 3.99
C ILE J 28 -11.84 -6.93 3.79
N CYS J 29 -11.06 -5.86 3.97
CA CYS J 29 -11.55 -4.49 3.82
C CYS J 29 -10.55 -3.67 3.02
N LEU J 30 -11.06 -2.70 2.28
CA LEU J 30 -10.24 -1.78 1.51
C LEU J 30 -10.68 -0.35 1.80
N THR J 31 -9.69 0.53 1.95
CA THR J 31 -9.96 1.94 2.24
C THR J 31 -8.73 2.75 1.87
N PHE J 32 -8.86 4.07 1.96
CA PHE J 32 -7.76 4.97 1.66
C PHE J 32 -8.07 6.34 2.25
N LEU J 33 -7.06 7.20 2.25
CA LEU J 33 -7.17 8.53 2.82
C LEU J 33 -7.73 9.51 1.80
N GLU J 34 -8.66 10.36 2.25
CA GLU J 34 -9.23 11.41 1.42
C GLU J 34 -9.36 12.68 2.24
N SER J 35 -9.37 13.81 1.55
CA SER J 35 -9.44 15.12 2.20
C SER J 35 -10.88 15.55 2.37
N ILE J 36 -11.22 16.02 3.57
CA ILE J 36 -12.60 16.42 3.87
C ILE J 36 -12.91 17.78 3.25
N ASN J 37 -12.18 18.81 3.68
CA ASN J 37 -12.44 20.17 3.24
C ASN J 37 -11.12 20.88 2.93
N GLY J 38 -10.16 20.15 2.37
CA GLY J 38 -8.85 20.70 2.07
C GLY J 38 -7.93 20.85 3.27
N ILE J 39 -8.47 20.89 4.48
CA ILE J 39 -7.67 21.03 5.69
C ILE J 39 -7.59 19.68 6.39
N ASN J 40 -8.74 19.14 6.76
CA ASN J 40 -8.82 17.89 7.49
C ASN J 40 -8.81 16.70 6.54
N TRP J 41 -8.67 15.51 7.12
CA TRP J 41 -8.62 14.27 6.37
C TRP J 41 -9.51 13.23 7.03
N ARG J 42 -9.97 12.28 6.21
CA ARG J 42 -10.75 11.15 6.71
C ARG J 42 -10.48 9.94 5.84
N PHE J 43 -10.65 8.76 6.43
CA PHE J 43 -10.53 7.52 5.68
C PHE J 43 -11.76 7.32 4.81
N HIS J 44 -11.56 6.65 3.68
CA HIS J 44 -12.68 6.39 2.77
C HIS J 44 -13.59 5.32 3.35
N THR J 45 -14.77 5.19 2.76
CA THR J 45 -15.74 4.19 3.21
C THR J 45 -15.17 2.80 2.99
N PRO J 46 -15.25 1.91 3.98
CA PRO J 46 -14.69 0.57 3.81
C PRO J 46 -15.43 -0.23 2.74
N GLN J 47 -14.67 -0.75 1.78
CA GLN J 47 -15.20 -1.61 0.73
C GLN J 47 -14.96 -3.05 1.15
N LYS J 48 -16.00 -3.69 1.70
CA LYS J 48 -15.87 -5.03 2.23
C LYS J 48 -16.04 -6.07 1.14
N TYR J 49 -15.22 -7.11 1.19
CA TYR J 49 -15.29 -8.24 0.26
C TYR J 49 -15.23 -9.54 1.05
N VAL J 50 -15.72 -10.61 0.44
CA VAL J 50 -15.71 -11.93 1.05
C VAL J 50 -14.87 -12.86 0.18
N LEU J 51 -13.98 -13.61 0.83
CA LEU J 51 -13.06 -14.52 0.15
C LEU J 51 -13.29 -15.93 0.66
N HIS J 52 -13.68 -16.84 -0.24
CA HIS J 52 -13.82 -18.25 0.07
C HIS J 52 -13.15 -19.08 -1.00
N PRO J 53 -12.75 -20.31 -0.68
CA PRO J 53 -12.02 -21.13 -1.67
C PRO J 53 -12.83 -21.44 -2.92
N GLN J 54 -14.16 -21.32 -2.87
CA GLN J 54 -15.03 -21.73 -3.97
C GLN J 54 -15.57 -20.54 -4.76
N LEU J 55 -14.79 -19.48 -4.94
CA LEU J 55 -15.18 -18.40 -5.83
C LEU J 55 -15.23 -18.84 -7.28
N HIS J 56 -14.58 -19.94 -7.64
CA HIS J 56 -14.49 -20.35 -9.04
C HIS J 56 -15.82 -20.77 -9.63
N GLU J 57 -16.83 -21.05 -8.80
CA GLU J 57 -18.14 -21.41 -9.31
C GLU J 57 -19.22 -20.50 -8.72
N GLN J 100 -21.41 -23.25 0.99
CA GLN J 100 -20.23 -22.43 0.76
C GLN J 100 -19.83 -21.66 2.01
N PHE J 101 -18.69 -22.03 2.58
CA PHE J 101 -18.18 -21.42 3.80
C PHE J 101 -16.81 -20.79 3.51
N PHE J 102 -16.57 -19.62 4.11
CA PHE J 102 -15.32 -18.91 3.94
C PHE J 102 -14.49 -18.97 5.22
N TYR J 103 -13.17 -18.87 5.07
CA TYR J 103 -12.24 -19.02 6.16
C TYR J 103 -11.51 -17.72 6.44
N ASN J 104 -10.91 -17.64 7.63
CA ASN J 104 -10.27 -16.42 8.08
C ASN J 104 -9.02 -16.12 7.25
N ILE J 105 -8.59 -14.86 7.31
CA ILE J 105 -7.43 -14.40 6.57
C ILE J 105 -6.21 -14.44 7.49
N SER J 106 -5.12 -15.04 7.00
CA SER J 106 -3.91 -15.18 7.79
C SER J 106 -2.95 -14.01 7.61
N SER J 107 -2.70 -13.61 6.36
CA SER J 107 -1.77 -12.53 6.09
C SER J 107 -2.10 -11.86 4.76
N ILE J 108 -1.76 -10.58 4.66
CA ILE J 108 -1.98 -9.78 3.46
C ILE J 108 -0.64 -9.19 3.03
N HIS J 109 -0.27 -9.42 1.78
CA HIS J 109 1.03 -8.99 1.26
C HIS J 109 0.84 -8.30 -0.09
N TRP J 110 0.84 -6.97 -0.07
CA TRP J 110 0.88 -6.20 -1.31
C TRP J 110 2.23 -6.39 -1.99
N ASN J 111 2.21 -6.43 -3.32
CA ASN J 111 3.45 -6.62 -4.07
C ASN J 111 4.18 -5.29 -4.25
N ASN J 112 4.44 -4.59 -3.14
CA ASN J 112 5.14 -3.32 -3.16
C ASN J 112 6.64 -3.47 -2.99
N TRP J 113 7.13 -4.71 -2.94
CA TRP J 113 8.55 -4.95 -2.76
C TRP J 113 9.38 -4.41 -3.94
N PHE J 114 10.55 -3.86 -3.63
CA PHE J 114 11.50 -3.34 -4.61
C PHE J 114 10.91 -2.29 -5.54
N SER J 115 10.83 -2.64 -6.81
CA SER J 115 10.31 -1.73 -7.84
C SER J 115 9.04 -2.26 -8.49
N LEU J 116 8.35 -3.18 -7.85
CA LEU J 116 7.14 -3.76 -8.41
C LEU J 116 6.03 -2.73 -8.47
N PRO J 117 5.10 -2.86 -9.42
CA PRO J 117 4.01 -1.88 -9.53
C PRO J 117 3.13 -1.79 -8.30
N GLY J 118 2.99 -2.87 -7.54
CA GLY J 118 2.24 -2.80 -6.30
C GLY J 118 0.75 -2.86 -6.43
N ASP J 119 0.24 -3.49 -7.49
CA ASP J 119 -1.21 -3.60 -7.70
C ASP J 119 -1.75 -5.00 -7.51
N MET J 120 -0.91 -6.03 -7.62
CA MET J 120 -1.35 -7.42 -7.55
C MET J 120 -1.27 -7.90 -6.10
N LEU J 121 -2.42 -8.00 -5.45
CA LEU J 121 -2.50 -8.40 -4.05
C LEU J 121 -2.78 -9.90 -3.96
N ALA J 122 -1.92 -10.62 -3.24
CA ALA J 122 -2.10 -12.05 -3.01
C ALA J 122 -2.28 -12.28 -1.51
N VAL J 123 -3.43 -12.79 -1.13
CA VAL J 123 -3.79 -13.03 0.26
C VAL J 123 -3.83 -14.53 0.52
N CYS J 124 -3.25 -14.95 1.64
CA CYS J 124 -3.22 -16.36 2.05
C CYS J 124 -4.12 -16.52 3.26
N ASP J 125 -5.08 -17.45 3.17
CA ASP J 125 -6.03 -17.68 4.24
C ASP J 125 -5.45 -18.61 5.30
N GLU J 126 -6.26 -18.92 6.31
CA GLU J 126 -5.81 -19.82 7.37
C GLU J 126 -5.74 -21.27 6.92
N LEU J 127 -6.48 -21.64 5.88
CA LEU J 127 -6.42 -23.00 5.37
C LEU J 127 -5.17 -23.24 4.53
N GLY J 128 -4.49 -22.20 4.10
CA GLY J 128 -3.31 -22.31 3.27
C GLY J 128 -3.53 -22.00 1.80
N ASN J 129 -4.77 -21.77 1.38
CA ASN J 129 -5.04 -21.41 0.00
C ASN J 129 -4.56 -19.98 -0.28
N MET J 130 -3.84 -19.82 -1.38
CA MET J 130 -3.29 -18.51 -1.77
C MET J 130 -4.20 -17.92 -2.84
N THR J 131 -4.94 -16.88 -2.46
CA THR J 131 -5.86 -16.20 -3.36
C THR J 131 -5.21 -14.93 -3.87
N MET J 132 -5.13 -14.79 -5.20
CA MET J 132 -4.46 -13.67 -5.83
C MET J 132 -5.51 -12.76 -6.46
N LEU J 133 -5.52 -11.50 -6.04
CA LEU J 133 -6.47 -10.50 -6.54
C LEU J 133 -5.70 -9.37 -7.20
N ILE J 134 -6.10 -9.02 -8.42
CA ILE J 134 -5.51 -7.92 -9.16
C ILE J 134 -6.49 -6.76 -9.17
N THR J 135 -6.00 -5.56 -8.83
CA THR J 135 -6.82 -4.36 -8.82
C THR J 135 -6.33 -3.40 -9.90
N GLY J 136 -7.24 -2.55 -10.37
CA GLY J 136 -6.93 -1.62 -11.43
C GLY J 136 -7.02 -2.19 -12.82
N GLN J 137 -7.60 -3.38 -12.99
CA GLN J 137 -7.73 -3.98 -14.30
C GLN J 137 -9.00 -4.83 -14.34
N ARG J 138 -9.62 -4.87 -15.51
CA ARG J 138 -10.82 -5.66 -15.77
C ARG J 138 -10.57 -6.51 -17.00
N PRO J 139 -11.30 -7.62 -17.15
CA PRO J 139 -11.08 -8.49 -18.31
C PRO J 139 -11.31 -7.79 -19.64
N ASP J 140 -12.21 -6.81 -19.69
CA ASP J 140 -12.55 -6.13 -20.94
C ASP J 140 -11.97 -4.73 -21.08
N ARG J 141 -11.70 -4.05 -19.97
CA ARG J 141 -11.24 -2.66 -20.03
C ARG J 141 -10.40 -2.37 -18.80
N ALA J 142 -9.98 -1.11 -18.68
CA ALA J 142 -9.22 -0.63 -17.53
C ALA J 142 -10.16 0.05 -16.54
N THR J 143 -9.89 -0.13 -15.25
CA THR J 143 -10.73 0.39 -14.19
C THR J 143 -9.88 1.08 -13.14
N THR J 144 -10.53 1.68 -12.16
CA THR J 144 -9.85 2.42 -11.10
C THR J 144 -9.21 1.43 -10.11
N TYR J 145 -8.61 1.99 -9.07
CA TYR J 145 -7.81 1.21 -8.13
C TYR J 145 -8.61 0.64 -6.97
N GLU J 146 -9.91 0.92 -6.89
CA GLU J 146 -10.75 0.41 -5.80
C GLU J 146 -11.61 -0.77 -6.23
N LYS J 147 -11.43 -1.29 -7.44
CA LYS J 147 -12.19 -2.41 -7.95
C LYS J 147 -11.26 -3.60 -8.14
N LEU J 148 -11.66 -4.76 -7.64
CA LEU J 148 -10.82 -5.95 -7.61
C LEU J 148 -11.14 -6.86 -8.78
N THR J 149 -10.23 -7.81 -9.02
CA THR J 149 -10.38 -8.81 -10.06
C THR J 149 -9.51 -10.01 -9.69
N MET J 150 -9.98 -11.21 -10.01
CA MET J 150 -9.25 -12.42 -9.71
C MET J 150 -8.36 -12.84 -10.88
N VAL J 151 -7.28 -13.55 -10.55
CA VAL J 151 -6.39 -14.15 -11.54
C VAL J 151 -6.51 -15.68 -11.53
N PHE J 152 -6.25 -16.31 -10.39
CA PHE J 152 -6.38 -17.74 -10.26
C PHE J 152 -6.54 -18.09 -8.79
N GLN J 153 -7.11 -19.27 -8.54
CA GLN J 153 -7.34 -19.77 -7.20
C GLN J 153 -6.54 -21.06 -6.99
N ASP J 154 -5.96 -21.21 -5.80
CA ASP J 154 -5.17 -22.38 -5.46
C ASP J 154 -5.87 -23.19 -4.38
N ASN J 155 -5.89 -24.51 -4.55
CA ASN J 155 -6.50 -25.41 -3.57
C ASN J 155 -5.67 -26.66 -3.34
N LYS J 158 -3.42 -28.17 -6.69
CA LYS J 158 -4.01 -27.91 -7.99
C LYS J 158 -4.33 -26.43 -8.17
N ILE J 159 -4.04 -25.91 -9.36
CA ILE J 159 -4.29 -24.50 -9.68
C ILE J 159 -4.93 -24.42 -11.05
N TYR J 160 -5.87 -23.49 -11.20
CA TYR J 160 -6.65 -23.36 -12.43
C TYR J 160 -6.89 -21.89 -12.70
N ASN J 161 -7.08 -21.57 -13.99
CA ASN J 161 -7.30 -20.20 -14.43
C ASN J 161 -8.80 -19.93 -14.51
N HIS J 162 -9.24 -18.85 -13.84
CA HIS J 162 -10.64 -18.45 -13.88
C HIS J 162 -10.70 -16.94 -13.63
N VAL J 163 -10.87 -16.17 -14.70
CA VAL J 163 -10.94 -14.71 -14.58
C VAL J 163 -12.37 -14.31 -14.23
N MET J 164 -12.52 -13.56 -13.15
CA MET J 164 -13.84 -13.13 -12.70
C MET J 164 -13.73 -11.86 -11.88
N PRO J 165 -14.47 -10.80 -12.22
CA PRO J 165 -14.39 -9.55 -11.45
C PRO J 165 -15.23 -9.64 -10.19
N LEU J 166 -14.60 -9.39 -9.05
CA LEU J 166 -15.28 -9.47 -7.76
C LEU J 166 -16.19 -8.27 -7.56
N LYS J 167 -17.16 -8.43 -6.67
CA LYS J 167 -18.14 -7.40 -6.35
C LYS J 167 -18.22 -7.20 -4.85
N PRO J 168 -18.53 -6.00 -4.39
CA PRO J 168 -18.60 -5.74 -2.95
C PRO J 168 -19.73 -6.54 -2.30
N VAL J 169 -19.55 -6.82 -1.00
CA VAL J 169 -20.52 -7.60 -0.25
C VAL J 169 -21.82 -6.84 -0.08
N ASP J 170 -21.72 -5.54 0.24
CA ASP J 170 -22.93 -4.75 0.50
C ASP J 170 -23.81 -4.67 -0.74
N LYS J 171 -23.22 -4.46 -1.91
CA LYS J 171 -24.00 -4.42 -3.14
C LYS J 171 -24.55 -5.79 -3.52
N LEU J 172 -23.81 -6.85 -3.19
CA LEU J 172 -24.22 -8.19 -3.55
C LEU J 172 -25.43 -8.62 -2.73
N LYS J 173 -26.20 -9.56 -3.28
CA LYS J 173 -27.38 -10.08 -2.61
C LYS J 173 -26.97 -10.93 -1.41
N PRO J 174 -27.85 -11.05 -0.41
CA PRO J 174 -27.54 -11.91 0.75
C PRO J 174 -27.31 -13.35 0.31
N MET J 175 -26.09 -13.84 0.56
CA MET J 175 -25.66 -15.16 0.14
C MET J 175 -25.61 -16.10 1.34
N ASN J 176 -25.57 -17.40 1.04
CA ASN J 176 -25.54 -18.43 2.08
C ASN J 176 -24.11 -18.82 2.42
N ILE J 177 -23.37 -17.84 2.94
CA ILE J 177 -21.99 -18.03 3.35
C ILE J 177 -21.86 -17.64 4.82
N GLU J 178 -21.31 -18.55 5.62
CA GLU J 178 -21.13 -18.34 7.05
C GLU J 178 -19.65 -18.40 7.40
N ARG J 179 -19.26 -17.64 8.42
CA ARG J 179 -17.86 -17.53 8.82
C ARG J 179 -17.45 -18.80 9.56
N LYS J 180 -16.97 -19.78 8.81
CA LYS J 180 -16.38 -20.97 9.40
C LYS J 180 -14.96 -20.67 9.83
N GLN J 181 -14.61 -21.02 11.06
CA GLN J 181 -13.31 -20.72 11.63
C GLN J 181 -12.42 -21.95 11.52
N THR J 182 -11.33 -21.82 10.76
CA THR J 182 -10.33 -22.88 10.63
C THR J 182 -9.31 -22.71 11.75
N ARG J 183 -9.67 -23.24 12.93
CA ARG J 183 -8.84 -23.10 14.12
C ARG J 183 -7.71 -24.11 14.17
N LYS J 184 -7.37 -24.74 13.05
CA LYS J 184 -6.33 -25.75 13.00
C LYS J 184 -5.17 -25.26 12.14
N GLU J 185 -3.95 -25.43 12.65
CA GLU J 185 -2.74 -25.02 11.93
C GLU J 185 -2.29 -26.20 11.08
N TYR J 186 -2.67 -26.18 9.81
CA TYR J 186 -2.43 -27.29 8.90
C TYR J 186 -0.98 -27.35 8.45
N ASN J 187 -0.61 -28.49 7.86
CA ASN J 187 0.70 -28.62 7.25
C ASN J 187 0.94 -27.55 6.19
N THR J 188 -0.12 -27.11 5.51
CA THR J 188 -0.02 -26.14 4.44
C THR J 188 -0.15 -24.70 4.93
N SER J 189 -0.27 -24.49 6.24
CA SER J 189 -0.36 -23.14 6.79
C SER J 189 0.89 -22.34 6.48
N ILE J 190 0.77 -21.32 5.63
CA ILE J 190 1.93 -20.55 5.20
C ILE J 190 2.43 -19.70 6.37
N LEU J 191 3.72 -19.84 6.69
CA LEU J 191 4.30 -19.05 7.77
C LEU J 191 4.68 -17.66 7.29
N GLU J 192 5.57 -17.58 6.31
CA GLU J 192 6.05 -16.31 5.78
C GLU J 192 5.91 -16.30 4.27
N PHE J 193 5.34 -15.23 3.73
CA PHE J 193 5.19 -15.04 2.30
C PHE J 193 6.20 -13.99 1.83
N ARG J 194 6.82 -14.24 0.68
CA ARG J 194 7.78 -13.30 0.12
C ARG J 194 7.57 -13.21 -1.39
N TRP J 195 7.68 -12.00 -1.91
CA TRP J 195 7.53 -11.73 -3.34
C TRP J 195 8.89 -11.71 -4.03
N LEU J 196 8.84 -11.86 -5.35
CA LEU J 196 10.04 -11.86 -6.19
C LEU J 196 10.01 -10.64 -7.10
N THR J 197 11.10 -9.89 -7.10
CA THR J 197 11.22 -8.69 -7.91
C THR J 197 11.76 -9.02 -9.30
N SER J 198 11.73 -8.04 -10.18
CA SER J 198 12.22 -8.17 -11.55
C SER J 198 13.66 -7.70 -11.63
N SER J 199 14.17 -7.59 -12.85
CA SER J 199 15.56 -7.19 -13.07
C SER J 199 15.76 -5.68 -13.04
N LYS J 200 14.70 -4.91 -12.84
CA LYS J 200 14.81 -3.46 -12.79
C LYS J 200 15.61 -3.02 -11.57
N SER J 201 16.29 -1.88 -11.72
CA SER J 201 17.09 -1.30 -10.64
C SER J 201 16.32 -0.19 -9.95
N VAL J 202 16.65 0.03 -8.67
CA VAL J 202 16.00 1.04 -7.86
C VAL J 202 17.07 2.04 -7.39
N ILE J 203 16.75 3.33 -7.51
CA ILE J 203 17.64 4.41 -7.11
C ILE J 203 17.00 5.13 -5.94
N VAL J 204 17.69 5.14 -4.80
CA VAL J 204 17.24 5.80 -3.58
C VAL J 204 18.38 6.61 -3.01
N SER J 205 18.12 7.26 -1.87
CA SER J 205 19.10 8.05 -1.16
C SER J 205 19.35 7.44 0.22
N GLN J 206 20.57 7.60 0.71
CA GLN J 206 20.97 7.01 1.98
C GLN J 206 20.84 7.98 3.15
N PHE J 207 21.43 9.16 3.06
CA PHE J 207 21.33 10.17 4.12
C PHE J 207 21.80 11.50 3.59
N CYS J 208 21.63 12.54 4.41
CA CYS J 208 22.06 13.89 4.08
C CYS J 208 22.84 14.47 5.24
N ALA J 209 23.70 15.44 4.93
CA ALA J 209 24.53 16.10 5.92
C ALA J 209 24.50 17.61 5.70
N PHE J 210 24.75 18.35 6.78
CA PHE J 210 24.74 19.81 6.74
C PHE J 210 26.12 20.30 6.33
N ASP J 211 26.19 20.94 5.17
CA ASP J 211 27.45 21.49 4.66
C ASP J 211 27.64 22.87 5.30
N SER J 212 28.45 22.91 6.36
CA SER J 212 28.68 24.16 7.07
C SER J 212 29.42 25.19 6.21
N SER J 213 30.14 24.74 5.19
CA SER J 213 30.82 25.69 4.29
C SER J 213 29.82 26.57 3.56
N SER J 214 28.75 25.98 3.03
CA SER J 214 27.70 26.72 2.34
C SER J 214 26.49 26.98 3.22
N ASN J 215 26.50 26.52 4.47
CA ASN J 215 25.38 26.67 5.41
C ASN J 215 24.09 26.10 4.84
N THR J 216 24.20 25.01 4.07
CA THR J 216 23.05 24.36 3.48
C THR J 216 23.20 22.85 3.62
N TYR J 217 22.07 22.16 3.61
CA TYR J 217 22.07 20.70 3.71
C TYR J 217 22.28 20.08 2.34
N ARG J 218 23.09 19.03 2.29
CA ARG J 218 23.42 18.34 1.05
C ARG J 218 23.13 16.85 1.20
N SER J 219 22.56 16.26 0.15
CA SER J 219 22.22 14.85 0.13
C SER J 219 22.81 14.20 -1.10
N ARG J 220 23.15 12.91 -0.96
CA ARG J 220 23.71 12.13 -2.05
C ARG J 220 22.85 10.88 -2.25
N ALA J 221 22.50 10.60 -3.50
CA ALA J 221 21.69 9.44 -3.85
C ALA J 221 22.57 8.38 -4.48
N GLN J 222 22.45 7.15 -3.99
CA GLN J 222 23.23 6.01 -4.48
C GLN J 222 22.29 4.98 -5.09
N GLN J 223 22.57 4.55 -6.31
CA GLN J 223 21.78 3.52 -6.95
C GLN J 223 21.96 2.19 -6.23
N VAL J 224 20.86 1.46 -6.07
CA VAL J 224 20.88 0.18 -5.38
C VAL J 224 20.69 -0.95 -6.40
N PRO J 225 21.74 -1.69 -6.75
CA PRO J 225 21.56 -2.82 -7.66
C PRO J 225 20.73 -3.90 -7.01
N PRO J 226 19.99 -4.68 -7.80
CA PRO J 226 19.17 -5.76 -7.22
C PRO J 226 20.03 -6.80 -6.52
N TYR J 227 19.53 -7.31 -5.40
CA TYR J 227 20.23 -8.32 -4.63
C TYR J 227 19.26 -9.43 -4.25
N GLY J 228 19.79 -10.65 -4.14
CA GLY J 228 18.98 -11.79 -3.78
C GLY J 228 18.52 -12.54 -5.02
N VAL J 229 17.21 -12.78 -5.11
CA VAL J 229 16.61 -13.52 -6.21
C VAL J 229 15.66 -12.61 -6.97
N TYR J 230 15.82 -12.54 -8.28
CA TYR J 230 14.97 -11.73 -9.14
C TYR J 230 14.48 -12.57 -10.32
N HIS J 231 13.19 -12.37 -10.71
CA HIS J 231 12.66 -13.16 -11.80
C HIS J 231 12.87 -12.47 -13.14
N PRO J 232 13.09 -13.24 -14.20
CA PRO J 232 13.39 -12.66 -15.51
C PRO J 232 12.15 -12.03 -16.14
N PRO J 233 12.32 -11.17 -17.14
CA PRO J 233 11.16 -10.51 -17.76
C PRO J 233 10.17 -11.48 -18.40
N PHE J 234 10.64 -12.59 -18.99
CA PHE J 234 9.71 -13.48 -19.67
C PHE J 234 8.78 -14.20 -18.72
N ILE J 235 9.05 -14.17 -17.42
CA ILE J 235 8.11 -14.65 -16.42
C ILE J 235 7.30 -13.46 -15.91
N LYS J 236 5.98 -13.58 -15.95
CA LYS J 236 5.12 -12.47 -15.55
C LYS J 236 5.35 -12.09 -14.09
N TYR J 237 5.44 -13.09 -13.21
CA TYR J 237 5.70 -12.85 -11.80
C TYR J 237 6.03 -14.19 -11.15
N ALA J 238 6.60 -14.10 -9.95
CA ALA J 238 6.91 -15.29 -9.16
C ALA J 238 6.80 -14.92 -7.68
N CYS J 239 6.48 -15.92 -6.86
CA CYS J 239 6.38 -15.72 -5.43
C CYS J 239 6.72 -17.02 -4.72
N LEU J 240 7.11 -16.90 -3.46
CA LEU J 240 7.54 -18.02 -2.65
C LEU J 240 6.82 -17.98 -1.31
N ALA J 241 6.42 -19.16 -0.83
CA ALA J 241 5.76 -19.28 0.46
C ALA J 241 6.30 -20.51 1.18
N ILE J 242 6.52 -20.36 2.48
CA ILE J 242 7.00 -21.45 3.32
C ILE J 242 5.85 -21.88 4.23
N ARG J 243 5.50 -23.16 4.17
CA ARG J 243 4.41 -23.68 4.97
C ARG J 243 4.95 -24.18 6.32
N LYS J 244 4.04 -24.32 7.28
CA LYS J 244 4.45 -24.63 8.63
C LYS J 244 5.05 -26.03 8.76
N ASN J 245 4.75 -26.93 7.83
CA ASN J 245 5.32 -28.27 7.86
C ASN J 245 6.66 -28.38 7.17
N GLY J 246 7.13 -27.31 6.53
CA GLY J 246 8.37 -27.32 5.80
C GLY J 246 8.21 -27.39 4.29
N GLN J 247 7.02 -27.78 3.81
CA GLN J 247 6.79 -27.82 2.38
C GLN J 247 6.85 -26.42 1.80
N ILE J 248 7.56 -26.28 0.68
CA ILE J 248 7.74 -25.00 0.02
C ILE J 248 6.92 -24.97 -1.26
N ASP J 249 6.59 -23.76 -1.71
CA ASP J 249 5.80 -23.55 -2.89
C ASP J 249 6.45 -22.48 -3.76
N PHE J 250 6.20 -22.55 -5.07
CA PHE J 250 6.76 -21.57 -5.99
C PHE J 250 5.74 -21.38 -7.12
N TRP J 251 4.89 -20.36 -6.97
CA TRP J 251 3.93 -19.99 -8.00
C TRP J 251 4.58 -19.05 -9.01
N TYR J 252 4.31 -19.30 -10.28
CA TYR J 252 4.82 -18.43 -11.33
C TYR J 252 3.89 -18.50 -12.53
N GLN J 253 3.95 -17.47 -13.37
CA GLN J 253 3.12 -17.36 -14.56
C GLN J 253 3.99 -16.94 -15.73
N PHE J 254 3.83 -17.62 -16.86
CA PHE J 254 4.56 -17.26 -18.07
C PHE J 254 3.90 -16.08 -18.76
N SER J 255 4.72 -15.12 -19.18
CA SER J 255 4.19 -13.89 -19.78
C SER J 255 3.46 -14.13 -21.09
N ASN J 256 3.71 -15.26 -21.75
CA ASN J 256 3.10 -15.56 -23.03
C ASN J 256 1.93 -16.54 -22.91
N SER J 257 1.52 -16.89 -21.69
CA SER J 257 0.45 -17.85 -21.49
C SER J 257 -0.40 -17.43 -20.31
N LYS J 258 -1.58 -18.04 -20.21
CA LYS J 258 -2.50 -17.80 -19.11
C LYS J 258 -2.44 -18.89 -18.04
N ASP J 259 -2.06 -20.10 -18.41
CA ASP J 259 -2.00 -21.21 -17.45
C ASP J 259 -0.92 -20.96 -16.42
N HIS J 260 -1.22 -21.27 -15.17
CA HIS J 260 -0.28 -21.13 -14.06
C HIS J 260 0.34 -22.47 -13.71
N LYS J 261 1.57 -22.42 -13.18
CA LYS J 261 2.30 -23.62 -12.81
C LYS J 261 2.81 -23.50 -11.38
N LYS J 262 2.87 -24.62 -10.69
CA LYS J 262 3.33 -24.68 -9.30
C LYS J 262 4.35 -25.79 -9.14
N ILE J 263 5.42 -25.50 -8.40
CA ILE J 263 6.47 -26.46 -8.09
C ILE J 263 6.65 -26.48 -6.58
N THR J 264 6.60 -27.67 -5.98
CA THR J 264 6.65 -27.81 -4.53
C THR J 264 7.73 -28.81 -4.13
N LEU J 265 8.39 -28.52 -3.01
CA LEU J 265 9.39 -29.41 -2.42
C LEU J 265 9.18 -29.45 -0.91
N GLN J 266 10.13 -30.05 -0.21
CA GLN J 266 10.14 -30.08 1.24
C GLN J 266 11.55 -29.82 1.74
N LEU J 267 11.67 -29.16 2.89
CA LEU J 267 12.97 -28.76 3.40
C LEU J 267 13.81 -29.97 3.80
N LEU J 268 13.24 -30.87 4.60
CA LEU J 268 13.97 -32.03 5.10
C LEU J 268 13.87 -33.14 4.07
N ASP J 269 14.86 -33.18 3.16
CA ASP J 269 14.86 -34.13 2.04
C ASP J 269 15.46 -35.46 2.47
N THR J 270 14.87 -36.04 3.51
CA THR J 270 15.29 -37.34 4.02
C THR J 270 14.58 -38.45 3.26
N SER J 271 15.11 -39.67 3.41
CA SER J 271 14.53 -40.82 2.75
C SER J 271 13.25 -41.31 3.41
N ASN J 272 12.89 -40.78 4.56
CA ASN J 272 11.73 -41.23 5.33
C ASN J 272 10.70 -40.12 5.40
N GLN J 273 9.44 -40.45 5.07
CA GLN J 273 8.35 -39.51 5.25
C GLN J 273 7.98 -39.31 6.72
N ARG J 274 8.53 -40.14 7.62
CA ARG J 274 8.28 -39.97 9.04
C ARG J 274 8.80 -38.64 9.55
N PHE J 275 9.98 -38.22 9.07
CA PHE J 275 10.54 -36.93 9.43
C PHE J 275 10.20 -35.83 8.44
N LYS J 276 9.69 -36.18 7.25
CA LYS J 276 9.29 -35.15 6.29
C LYS J 276 8.17 -34.29 6.85
N ASP J 277 7.21 -34.91 7.52
CA ASP J 277 6.02 -34.22 8.03
C ASP J 277 6.16 -33.84 9.50
N LEU J 278 7.39 -33.60 9.96
CA LEU J 278 7.64 -33.28 11.35
C LEU J 278 8.13 -31.86 11.59
N GLN J 279 8.64 -31.19 10.56
CA GLN J 279 9.30 -29.89 10.72
C GLN J 279 8.25 -28.82 10.97
N TRP J 280 7.82 -28.72 12.23
CA TRP J 280 6.90 -27.67 12.66
C TRP J 280 7.71 -26.44 13.05
N LEU J 281 7.88 -25.55 12.06
CA LEU J 281 8.78 -24.41 12.21
C LEU J 281 8.06 -23.32 13.00
N GLU J 282 8.63 -22.92 14.13
CA GLU J 282 8.05 -21.82 14.89
C GLU J 282 8.22 -20.49 14.16
N PHE J 283 9.44 -20.20 13.70
CA PHE J 283 9.73 -19.00 12.94
C PHE J 283 10.47 -19.40 11.68
N ALA J 284 10.02 -18.89 10.53
CA ALA J 284 10.64 -19.16 9.24
C ALA J 284 10.78 -17.84 8.49
N ARG J 285 11.90 -17.15 8.70
CA ARG J 285 12.14 -15.85 8.10
C ARG J 285 13.08 -16.01 6.92
N ILE J 286 12.67 -15.51 5.76
CA ILE J 286 13.42 -15.64 4.52
C ILE J 286 14.10 -14.30 4.24
N THR J 287 15.43 -14.29 4.30
CA THR J 287 16.20 -13.08 4.01
C THR J 287 17.09 -13.33 2.80
N PRO J 288 16.83 -12.69 1.66
CA PRO J 288 17.72 -12.86 0.50
C PRO J 288 19.12 -12.37 0.81
N MET J 289 20.11 -13.07 0.26
CA MET J 289 21.52 -12.75 0.47
C MET J 289 22.15 -12.37 -0.86
N ASN J 290 23.33 -11.76 -0.78
CA ASN J 290 24.02 -11.32 -1.99
C ASN J 290 24.43 -12.49 -2.87
N ASP J 291 24.44 -13.70 -2.34
CA ASP J 291 24.68 -14.88 -3.16
C ASP J 291 23.61 -14.98 -4.24
N ASP J 292 24.04 -15.36 -5.46
CA ASP J 292 23.14 -15.35 -6.60
C ASP J 292 22.05 -16.41 -6.44
N GLN J 293 20.80 -15.99 -6.61
CA GLN J 293 19.63 -16.87 -6.56
C GLN J 293 19.59 -17.66 -5.25
N CYS J 294 19.87 -16.98 -4.14
CA CYS J 294 19.95 -17.63 -2.84
C CYS J 294 19.10 -16.89 -1.83
N MET J 295 18.36 -17.65 -1.02
CA MET J 295 17.59 -17.10 0.09
C MET J 295 17.94 -17.89 1.35
N LEU J 296 18.31 -17.18 2.41
CA LEU J 296 18.66 -17.81 3.68
C LEU J 296 17.38 -18.07 4.47
N ILE J 297 16.94 -19.33 4.48
CA ILE J 297 15.69 -19.70 5.17
C ILE J 297 16.06 -20.00 6.61
N THR J 298 16.09 -18.95 7.43
CA THR J 298 16.43 -19.08 8.84
C THR J 298 15.22 -19.60 9.59
N THR J 299 15.27 -20.86 10.00
CA THR J 299 14.17 -21.53 10.68
C THR J 299 14.57 -21.92 12.09
N TYR J 300 13.58 -21.97 12.98
CA TYR J 300 13.78 -22.38 14.37
C TYR J 300 12.79 -23.50 14.67
N SER J 301 13.26 -24.75 14.57
CA SER J 301 12.44 -25.91 14.86
C SER J 301 12.57 -26.27 16.33
N LYS J 302 11.45 -26.24 17.06
CA LYS J 302 11.48 -26.62 18.47
C LYS J 302 11.63 -28.11 18.69
N LEU J 303 11.53 -28.92 17.63
CA LEU J 303 11.77 -30.35 17.77
C LEU J 303 13.21 -30.63 18.16
N SER J 304 14.16 -29.93 17.54
CA SER J 304 15.57 -30.08 17.84
C SER J 304 16.13 -28.93 18.67
N LYS J 305 15.32 -27.91 18.95
CA LYS J 305 15.71 -26.80 19.82
C LYS J 305 16.98 -26.10 19.33
N ASN J 306 17.08 -25.94 18.01
CA ASN J 306 18.21 -25.24 17.42
C ASN J 306 17.74 -24.35 16.28
N ILE J 307 18.45 -23.25 16.07
CA ILE J 307 18.11 -22.29 15.01
C ILE J 307 18.83 -22.78 13.75
N SER J 308 18.16 -23.63 12.99
CA SER J 308 18.74 -24.20 11.79
C SER J 308 18.74 -23.20 10.65
N PHE J 309 19.78 -23.28 9.82
CA PHE J 309 19.91 -22.42 8.65
C PHE J 309 19.87 -23.28 7.39
N TYR J 310 19.34 -22.70 6.31
CA TYR J 310 19.23 -23.39 5.03
C TYR J 310 19.60 -22.43 3.91
N LYS J 311 19.84 -23.00 2.73
CA LYS J 311 20.10 -22.22 1.54
C LYS J 311 19.25 -22.78 0.39
N LEU J 312 18.59 -21.89 -0.34
CA LEU J 312 17.72 -22.26 -1.44
C LEU J 312 18.26 -21.67 -2.74
N HIS J 313 18.36 -22.50 -3.77
CA HIS J 313 18.91 -22.09 -5.06
C HIS J 313 17.91 -22.36 -6.16
N VAL J 314 17.79 -21.42 -7.10
CA VAL J 314 16.85 -21.51 -8.21
C VAL J 314 17.59 -21.16 -9.49
N ASN J 315 17.40 -21.97 -10.53
CA ASN J 315 17.95 -21.71 -11.86
C ASN J 315 16.81 -21.23 -12.75
N TRP J 316 16.84 -19.96 -13.13
CA TRP J 316 15.75 -19.41 -13.92
C TRP J 316 15.70 -20.01 -15.32
N ASN J 317 16.84 -20.11 -15.99
CA ASN J 317 16.93 -20.66 -17.34
C ASN J 317 17.76 -21.93 -17.29
N LEU J 326 10.96 -22.28 -23.17
CA LEU J 326 10.87 -21.72 -21.83
C LEU J 326 10.66 -22.85 -20.84
N ASN J 327 11.74 -23.23 -20.15
CA ASN J 327 11.68 -24.34 -19.20
C ASN J 327 11.32 -23.83 -17.81
N ASP J 328 10.69 -24.71 -17.03
CA ASP J 328 10.34 -24.38 -15.66
C ASP J 328 11.61 -24.21 -14.82
N PRO J 329 11.66 -23.23 -13.93
CA PRO J 329 12.84 -23.06 -13.08
C PRO J 329 13.04 -24.26 -12.16
N SER J 330 14.30 -24.62 -11.94
CA SER J 330 14.66 -25.73 -11.07
C SER J 330 14.98 -25.22 -9.68
N LEU J 331 14.48 -25.92 -8.66
CA LEU J 331 14.64 -25.53 -7.27
C LEU J 331 15.57 -26.52 -6.57
N LYS J 332 16.53 -25.98 -5.81
CA LYS J 332 17.50 -26.80 -5.08
C LYS J 332 17.61 -26.28 -3.65
N ILE J 333 17.99 -27.17 -2.74
CA ILE J 333 18.10 -26.85 -1.32
C ILE J 333 19.35 -27.51 -0.76
N GLN J 334 20.02 -26.82 0.17
CA GLN J 334 21.27 -27.30 0.75
C GLN J 334 21.36 -26.85 2.19
N PHE J 335 21.43 -27.81 3.11
CA PHE J 335 21.57 -27.50 4.52
C PHE J 335 22.95 -26.91 4.80
N ILE J 336 23.00 -25.97 5.74
CA ILE J 336 24.24 -25.23 5.98
C ILE J 336 24.71 -25.34 7.44
N LEU J 337 23.89 -24.86 8.38
CA LEU J 337 24.37 -24.70 9.75
C LEU J 337 23.22 -24.78 10.73
N SER J 338 23.56 -25.05 11.99
CA SER J 338 22.60 -25.11 13.09
C SER J 338 23.30 -24.78 14.38
N THR J 339 22.70 -23.91 15.20
CA THR J 339 23.29 -23.49 16.46
C THR J 339 22.24 -23.49 17.56
N THR J 340 22.72 -23.51 18.80
CA THR J 340 21.88 -23.52 19.99
C THR J 340 21.89 -22.13 20.63
N LEU J 341 20.78 -21.81 21.32
CA LEU J 341 20.61 -20.50 21.92
C LEU J 341 21.20 -20.45 23.33
N ASP J 342 21.66 -19.25 23.70
CA ASP J 342 22.30 -19.06 24.99
C ASP J 342 21.27 -19.11 26.12
N PRO J 343 21.56 -19.83 27.22
CA PRO J 343 20.56 -19.93 28.30
C PRO J 343 20.58 -18.78 29.29
N THR J 344 21.72 -18.15 29.50
CA THR J 344 21.89 -17.17 30.57
C THR J 344 22.69 -15.98 30.07
N ASP J 345 22.60 -14.89 30.83
CA ASP J 345 23.35 -13.66 30.56
C ASP J 345 24.67 -13.69 31.32
N ASP J 346 25.35 -12.54 31.36
CA ASP J 346 26.64 -12.47 32.03
C ASP J 346 26.48 -12.47 33.56
N GLU J 347 25.46 -11.78 34.06
CA GLU J 347 25.30 -11.62 35.51
C GLU J 347 24.54 -12.77 36.16
N GLY J 348 23.98 -13.69 35.39
CA GLY J 348 23.31 -14.85 35.94
C GLY J 348 21.79 -14.85 35.86
N HIS J 349 21.20 -14.11 34.92
CA HIS J 349 19.76 -14.11 34.72
C HIS J 349 19.45 -14.89 33.44
N VAL J 350 18.50 -15.82 33.53
CA VAL J 350 18.19 -16.69 32.40
C VAL J 350 17.39 -15.92 31.36
N LEU J 351 17.37 -16.46 30.14
CA LEU J 351 16.78 -15.79 28.99
C LEU J 351 15.77 -16.69 28.31
N LYS J 352 14.78 -16.07 27.67
CA LYS J 352 13.78 -16.77 26.87
C LYS J 352 13.70 -16.11 25.50
N LEU J 353 13.74 -16.91 24.44
CA LEU J 353 13.64 -16.38 23.08
C LEU J 353 12.21 -15.93 22.82
N GLU J 354 12.01 -14.62 22.69
CA GLU J 354 10.67 -14.10 22.42
C GLU J 354 10.38 -14.05 20.92
N ASN J 355 11.36 -13.60 20.13
CA ASN J 355 11.16 -13.46 18.70
C ASN J 355 12.51 -13.65 18.00
N LEU J 356 12.45 -14.02 16.72
CA LEU J 356 13.64 -14.22 15.90
C LEU J 356 13.42 -13.46 14.60
N HIS J 357 13.83 -12.21 14.57
CA HIS J 357 13.71 -11.36 13.39
C HIS J 357 15.09 -11.15 12.79
N VAL J 358 15.26 -11.55 11.53
CA VAL J 358 16.49 -11.34 10.78
C VAL J 358 16.25 -10.24 9.76
N VAL J 359 17.17 -9.29 9.69
CA VAL J 359 16.98 -8.11 8.85
C VAL J 359 17.38 -8.44 7.42
N SER J 360 16.61 -7.91 6.47
CA SER J 360 16.93 -8.04 5.05
C SER J 360 18.01 -7.03 4.70
N LYS J 361 19.25 -7.49 4.69
CA LYS J 361 20.41 -6.61 4.53
C LYS J 361 20.97 -6.76 3.12
N SER J 362 21.20 -5.62 2.45
CA SER J 362 21.77 -5.61 1.12
C SER J 362 23.29 -5.59 1.21
N SER J 363 23.94 -5.41 0.05
CA SER J 363 25.39 -5.34 -0.01
C SER J 363 25.94 -3.94 0.26
N ILE J 364 25.07 -2.95 0.46
CA ILE J 364 25.53 -1.58 0.68
C ILE J 364 26.28 -1.47 2.00
N GLU J 365 25.77 -2.11 3.06
CA GLU J 365 26.35 -1.95 4.38
C GLU J 365 27.73 -2.58 4.45
N LYS J 366 28.49 -2.19 5.48
CA LYS J 366 29.87 -2.63 5.63
C LYS J 366 29.96 -4.16 5.70
N ASP J 367 29.17 -4.77 6.57
CA ASP J 367 29.13 -6.22 6.70
C ASP J 367 27.79 -6.73 6.20
N PRO J 368 27.71 -7.31 4.99
CA PRO J 368 26.40 -7.68 4.43
C PRO J 368 25.75 -8.87 5.11
N SER J 369 26.41 -9.52 6.06
CA SER J 369 25.82 -10.67 6.72
C SER J 369 24.55 -10.27 7.47
N PRO J 370 23.43 -10.95 7.26
CA PRO J 370 22.18 -10.54 7.91
C PRO J 370 22.28 -10.63 9.42
N GLU J 371 21.61 -9.69 10.10
CA GLU J 371 21.63 -9.63 11.56
C GLU J 371 20.52 -10.51 12.10
N ILE J 372 20.89 -11.63 12.71
CA ILE J 372 19.92 -12.51 13.38
C ILE J 372 19.70 -11.95 14.77
N LEU J 373 18.60 -11.21 14.94
CA LEU J 373 18.30 -10.54 16.22
C LEU J 373 17.43 -11.46 17.04
N VAL J 374 18.06 -12.32 17.85
CA VAL J 374 17.34 -13.20 18.76
C VAL J 374 17.04 -12.42 20.03
N LEU J 375 15.76 -12.10 20.23
CA LEU J 375 15.34 -11.32 21.38
C LEU J 375 15.23 -12.19 22.63
N TYR J 376 15.72 -11.67 23.75
CA TYR J 376 15.59 -12.33 25.04
C TYR J 376 15.07 -11.34 26.07
N ASN J 377 14.25 -11.83 26.99
CA ASN J 377 13.73 -11.02 28.09
C ASN J 377 14.14 -11.62 29.42
N VAL J 378 14.81 -10.80 30.25
CA VAL J 378 15.13 -11.22 31.61
C VAL J 378 13.85 -11.23 32.42
N CYS J 379 13.49 -12.39 32.98
CA CYS J 379 12.23 -12.52 33.66
C CYS J 379 12.18 -11.70 34.93
N ASP J 380 10.99 -11.16 35.23
CA ASP J 380 10.75 -10.30 36.39
C ASP J 380 11.62 -9.05 36.38
N THR J 381 12.13 -8.66 35.23
CA THR J 381 12.96 -7.47 35.09
C THR J 381 12.51 -6.71 33.85
N SER J 382 12.46 -5.38 33.98
CA SER J 382 12.02 -4.54 32.86
C SER J 382 13.00 -4.59 31.69
N LYS J 383 14.21 -5.08 31.90
CA LYS J 383 15.20 -5.12 30.83
C LYS J 383 14.82 -6.15 29.77
N SER J 384 15.32 -5.93 28.56
CA SER J 384 15.13 -6.86 27.45
C SER J 384 16.39 -6.84 26.59
N LEU J 385 16.99 -8.00 26.40
CA LEU J 385 18.26 -8.13 25.72
C LEU J 385 18.05 -8.59 24.28
N VAL J 386 18.79 -7.98 23.36
CA VAL J 386 18.70 -8.31 21.93
C VAL J 386 20.10 -8.69 21.50
N LYS J 387 20.40 -9.99 21.51
CA LYS J 387 21.69 -10.49 21.05
C LYS J 387 21.72 -10.52 19.53
N ARG J 388 22.86 -10.10 18.97
CA ARG J 388 23.03 -9.98 17.53
C ARG J 388 24.08 -10.97 17.05
N TYR J 389 23.74 -11.74 16.03
CA TYR J 389 24.65 -12.69 15.41
C TYR J 389 24.75 -12.40 13.92
N ARG J 390 25.87 -12.82 13.32
CA ARG J 390 26.08 -12.67 11.89
C ARG J 390 26.63 -13.97 11.34
N LEU J 391 26.19 -14.35 10.14
CA LEU J 391 26.62 -15.57 9.49
C LEU J 391 27.78 -15.27 8.56
N ALA J 392 28.92 -15.92 8.79
CA ALA J 392 30.11 -15.72 7.97
C ALA J 392 30.73 -17.06 7.63
N PRO J 393 31.39 -17.15 6.48
CA PRO J 393 32.11 -18.39 6.13
C PRO J 393 33.28 -18.63 7.06
N THR J 394 33.62 -19.91 7.22
CA THR J 394 34.77 -20.29 8.02
C THR J 394 36.03 -20.16 7.17
N GLN J 395 37.02 -19.44 7.69
CA GLN J 395 38.22 -19.10 6.94
C GLN J 395 39.42 -19.89 7.47
N LEU J 396 40.29 -20.29 6.55
CA LEU J 396 41.48 -21.06 6.88
C LEU J 396 42.66 -20.13 7.11
N SER J 397 43.66 -20.64 7.82
CA SER J 397 44.87 -19.88 8.12
C SER J 397 46.09 -20.52 7.48
N TYR J 425 30.25 -22.97 7.83
CA TYR J 425 30.26 -21.55 8.20
C TYR J 425 30.25 -21.41 9.71
N ASN J 426 30.12 -20.17 10.20
CA ASN J 426 30.12 -19.91 11.63
C ASN J 426 29.30 -18.66 11.92
N LEU J 427 28.88 -18.53 13.17
CA LEU J 427 28.15 -17.36 13.66
C LEU J 427 29.06 -16.58 14.60
N ARG J 428 29.31 -15.31 14.27
CA ARG J 428 30.15 -14.45 15.09
C ARG J 428 29.28 -13.49 15.88
N ARG J 429 29.50 -13.44 17.19
CA ARG J 429 28.75 -12.55 18.07
C ARG J 429 29.45 -11.20 18.15
N HIS J 430 28.70 -10.14 17.83
CA HIS J 430 29.27 -8.80 17.80
C HIS J 430 29.17 -8.11 19.15
N SER J 431 27.95 -7.94 19.66
CA SER J 431 27.73 -7.27 20.93
C SER J 431 26.33 -7.56 21.42
N ASP J 432 26.02 -7.07 22.61
CA ASP J 432 24.71 -7.22 23.23
C ASP J 432 24.13 -5.85 23.55
N ILE J 433 22.85 -5.68 23.30
CA ILE J 433 22.15 -4.41 23.47
C ILE J 433 21.00 -4.61 24.44
N VAL J 434 20.95 -3.78 25.48
CA VAL J 434 19.95 -3.90 26.54
C VAL J 434 18.92 -2.79 26.37
N LEU J 435 17.65 -3.17 26.42
CA LEU J 435 16.54 -2.23 26.34
C LEU J 435 15.76 -2.26 27.65
N ASP J 436 15.27 -1.09 28.06
CA ASP J 436 14.67 -0.93 29.38
C ASP J 436 13.20 -1.32 29.45
N LYS J 437 12.58 -1.65 28.32
CA LYS J 437 11.17 -2.03 28.29
C LYS J 437 10.99 -3.30 27.45
N LYS J 438 9.98 -4.08 27.83
CA LYS J 438 9.67 -5.31 27.09
C LYS J 438 9.10 -4.98 25.72
N VAL J 439 9.42 -5.80 24.73
CA VAL J 439 9.02 -5.58 23.34
C VAL J 439 7.90 -6.55 23.00
N THR J 440 6.84 -6.04 22.38
CA THR J 440 5.69 -6.84 21.99
C THR J 440 5.52 -6.98 20.48
N LEU J 441 6.31 -6.27 19.68
CA LEU J 441 6.17 -6.34 18.23
C LEU J 441 7.44 -5.79 17.59
N ILE J 442 7.84 -6.40 16.48
CA ILE J 442 8.96 -5.93 15.67
C ILE J 442 8.52 -5.88 14.22
N THR J 443 8.72 -4.74 13.57
CA THR J 443 8.41 -4.58 12.15
C THR J 443 9.59 -3.92 11.47
N SER J 444 10.04 -4.50 10.37
CA SER J 444 11.13 -3.93 9.59
C SER J 444 10.58 -3.01 8.51
N GLU J 445 11.15 -1.81 8.44
CA GLU J 445 10.72 -0.85 7.43
C GLU J 445 11.29 -1.21 6.06
N MET J 446 10.57 -0.85 5.01
CA MET J 446 10.97 -1.16 3.64
C MET J 446 11.72 0.01 3.05
N PHE J 447 12.89 -0.27 2.46
CA PHE J 447 13.75 0.74 1.85
C PHE J 447 14.20 1.81 2.82
N ASP J 448 14.11 1.53 4.13
CA ASP J 448 14.51 2.49 5.16
C ASP J 448 15.57 1.96 6.11
N ALA J 449 15.68 0.63 6.28
CA ALA J 449 16.64 0.01 7.19
C ALA J 449 16.42 0.52 8.63
N PHE J 450 15.23 0.25 9.14
CA PHE J 450 14.83 0.70 10.47
C PHE J 450 14.07 -0.43 11.16
N VAL J 451 14.59 -0.89 12.29
CA VAL J 451 13.89 -1.86 13.13
C VAL J 451 13.11 -1.09 14.20
N SER J 452 11.83 -1.41 14.32
CA SER J 452 10.92 -0.69 15.21
C SER J 452 10.60 -1.57 16.41
N PHE J 453 10.83 -1.03 17.61
CA PHE J 453 10.59 -1.75 18.86
C PHE J 453 9.33 -1.19 19.51
N TYR J 454 8.21 -1.87 19.33
CA TYR J 454 6.93 -1.45 19.88
C TYR J 454 6.86 -1.94 21.32
N PHE J 455 7.33 -1.10 22.25
CA PHE J 455 7.39 -1.47 23.65
C PHE J 455 5.98 -1.56 24.25
N GLU J 456 5.92 -1.97 25.51
CA GLU J 456 4.63 -2.18 26.16
C GLU J 456 3.93 -0.86 26.43
N ASP J 457 4.66 0.17 26.84
CA ASP J 457 4.05 1.45 27.20
C ASP J 457 3.60 2.26 25.99
N GLY J 458 3.73 1.73 24.77
CA GLY J 458 3.33 2.42 23.58
C GLY J 458 4.42 3.20 22.89
N THR J 459 5.51 3.50 23.58
CA THR J 459 6.61 4.24 22.97
C THR J 459 7.33 3.36 21.95
N ILE J 460 7.84 4.00 20.91
CA ILE J 460 8.52 3.32 19.82
C ILE J 460 9.92 3.90 19.67
N GLU J 461 10.93 3.03 19.69
CA GLU J 461 12.33 3.43 19.57
C GLU J 461 12.92 2.72 18.35
N SER J 462 12.96 3.44 17.23
CA SER J 462 13.46 2.88 15.97
C SER J 462 14.98 3.00 15.94
N TYR J 463 15.66 1.85 15.93
CA TYR J 463 17.12 1.82 15.86
C TYR J 463 17.56 1.64 14.42
N ASN J 464 18.48 2.50 13.97
CA ASN J 464 19.00 2.40 12.62
C ASN J 464 19.85 1.13 12.47
N GLN J 465 19.88 0.62 11.23
CA GLN J 465 20.64 -0.60 10.97
C GLN J 465 22.14 -0.35 10.95
N ASN J 466 22.56 0.88 10.63
CA ASN J 466 23.97 1.16 10.44
C ASN J 466 24.75 1.07 11.76
N ASP J 467 24.25 1.72 12.81
CA ASP J 467 24.96 1.81 14.07
C ASP J 467 24.13 1.48 15.30
N TRP J 468 22.84 1.19 15.12
CA TRP J 468 21.92 0.94 16.23
C TRP J 468 21.92 2.09 17.23
N LYS J 469 21.98 3.32 16.71
CA LYS J 469 21.86 4.52 17.51
C LYS J 469 20.44 5.06 17.36
N LEU J 470 19.84 5.43 18.49
CA LEU J 470 18.44 5.87 18.50
C LEU J 470 18.28 7.08 17.58
N GLU J 471 17.27 7.01 16.71
CA GLU J 471 17.10 8.05 15.70
C GLU J 471 16.55 9.34 16.31
N THR J 472 15.64 9.23 17.28
CA THR J 472 15.06 10.42 17.89
C THR J 472 16.04 11.16 18.78
N GLU J 473 17.12 10.51 19.21
CA GLU J 473 18.11 11.13 20.08
C GLU J 473 19.49 11.20 19.44
N ARG J 474 19.57 11.01 18.12
CA ARG J 474 20.87 11.03 17.46
C ARG J 474 21.48 12.43 17.45
N LEU J 475 20.64 13.46 17.33
CA LEU J 475 21.15 14.83 17.25
C LEU J 475 21.85 15.24 18.54
N ILE J 476 21.29 14.85 19.68
CA ILE J 476 21.87 15.22 20.97
C ILE J 476 23.24 14.58 21.14
N SER J 477 23.36 13.31 20.77
CA SER J 477 24.60 12.55 20.96
C SER J 477 25.51 12.56 19.74
N GLN J 478 25.15 13.30 18.69
CA GLN J 478 25.97 13.33 17.50
C GLN J 478 27.24 14.14 17.74
N SER J 479 28.37 13.62 17.26
CA SER J 479 29.62 14.37 17.27
C SER J 479 29.54 15.44 16.20
N GLN J 480 29.26 16.67 16.63
CA GLN J 480 29.04 17.76 15.67
C GLN J 480 30.30 18.07 14.88
N LEU J 481 31.46 18.07 15.53
CA LEU J 481 32.70 18.38 14.85
C LEU J 481 33.02 17.34 13.79
N GLY J 482 33.45 17.82 12.63
CA GLY J 482 33.79 16.94 11.53
C GLY J 482 33.50 17.62 10.21
N LYS J 483 33.82 16.88 9.13
CA LYS J 483 33.56 17.39 7.78
C LYS J 483 32.06 17.48 7.51
N PHE J 484 31.33 16.41 7.81
CA PHE J 484 29.88 16.36 7.63
C PHE J 484 29.22 16.48 8.99
N LYS J 485 28.35 17.47 9.14
CA LYS J 485 27.67 17.75 10.40
C LYS J 485 26.17 17.58 10.23
N ASN J 486 25.50 17.33 11.36
CA ASN J 486 24.05 17.23 11.44
C ASN J 486 23.50 16.24 10.41
N ILE J 487 23.92 14.98 10.57
CA ILE J 487 23.47 13.92 9.67
C ILE J 487 22.02 13.59 10.00
N ILE J 488 21.13 13.80 9.03
CA ILE J 488 19.70 13.58 9.20
C ILE J 488 19.23 12.61 8.12
N ALA J 489 18.45 11.61 8.52
CA ALA J 489 17.90 10.63 7.58
C ALA J 489 16.39 10.66 7.48
N SER J 490 15.70 11.15 8.49
CA SER J 490 14.24 11.16 8.52
C SER J 490 13.78 12.28 9.43
N PRO J 491 12.52 12.72 9.31
CA PRO J 491 12.01 13.75 10.24
C PRO J 491 12.01 13.30 11.69
N LEU J 492 12.08 12.00 11.96
CA LEU J 492 12.17 11.53 13.33
C LEU J 492 13.46 11.97 14.02
N SER J 493 14.52 12.22 13.23
CA SER J 493 15.77 12.68 13.83
C SER J 493 15.64 14.05 14.46
N ALA J 494 14.70 14.86 14.00
CA ALA J 494 14.55 16.21 14.54
C ALA J 494 14.04 16.19 15.98
N GLY J 495 13.17 15.23 16.30
CA GLY J 495 12.62 15.15 17.64
C GLY J 495 11.12 14.95 17.67
N PHE J 496 10.52 14.75 16.49
CA PHE J 496 9.08 14.55 16.40
C PHE J 496 8.69 13.18 16.91
N ASN J 497 8.31 13.10 18.18
CA ASN J 497 7.99 11.83 18.84
C ASN J 497 6.48 11.64 18.91
N TYR J 498 6.05 10.39 18.75
CA TYR J 498 4.63 10.07 18.83
C TYR J 498 4.11 10.27 20.25
N GLY J 499 2.81 10.51 20.35
CA GLY J 499 2.17 10.72 21.64
C GLY J 499 1.90 9.41 22.35
N LYS J 500 1.05 9.50 23.37
CA LYS J 500 0.68 8.34 24.17
C LYS J 500 -0.23 7.43 23.34
N LEU J 501 0.36 6.39 22.76
CA LEU J 501 -0.40 5.47 21.94
C LEU J 501 -1.25 4.55 22.81
N PRO J 502 -2.35 4.02 22.27
CA PRO J 502 -3.17 3.08 23.05
C PRO J 502 -2.39 1.81 23.38
N LEU J 503 -2.73 1.24 24.52
CA LEU J 503 -2.00 0.09 25.03
C LEU J 503 -2.21 -1.12 24.11
N PRO J 504 -1.19 -1.94 23.89
CA PRO J 504 -1.29 -3.06 22.94
C PRO J 504 -2.41 -4.03 23.28
N PRO J 505 -2.71 -4.30 24.57
CA PRO J 505 -3.85 -5.21 24.84
C PRO J 505 -5.15 -4.81 24.18
N SER J 506 -5.46 -3.51 24.11
CA SER J 506 -6.67 -3.08 23.45
C SER J 506 -6.52 -3.00 21.93
N VAL J 507 -5.30 -3.04 21.43
CA VAL J 507 -5.03 -2.82 20.01
C VAL J 507 -5.02 -4.14 19.27
N GLU J 508 -5.77 -4.21 18.17
CA GLU J 508 -5.74 -5.40 17.33
C GLU J 508 -4.41 -5.52 16.60
N TRP J 509 -3.93 -4.43 16.01
CA TRP J 509 -2.64 -4.43 15.33
C TRP J 509 -2.18 -2.99 15.13
N MET J 510 -0.87 -2.79 15.14
CA MET J 510 -0.24 -1.52 14.86
C MET J 510 0.64 -1.63 13.64
N LYS J 511 0.96 -0.49 13.05
CA LYS J 511 1.98 -0.42 12.01
C LYS J 511 2.44 1.02 11.85
N VAL J 512 3.74 1.25 12.02
CA VAL J 512 4.29 2.57 11.78
C VAL J 512 4.13 2.92 10.30
N SER J 513 3.76 4.17 10.04
CA SER J 513 3.60 4.63 8.67
C SER J 513 4.94 4.56 7.93
N PRO J 514 4.91 4.46 6.60
CA PRO J 514 6.17 4.27 5.85
C PRO J 514 7.21 5.35 6.10
N SER J 515 6.79 6.60 6.29
CA SER J 515 7.72 7.69 6.55
C SER J 515 7.99 7.89 8.03
N MET J 516 7.46 7.03 8.89
CA MET J 516 7.64 7.08 10.35
C MET J 516 7.05 8.35 10.96
N CYS J 517 6.23 9.08 10.21
CA CYS J 517 5.64 10.31 10.74
C CYS J 517 4.51 10.00 11.70
N GLY J 518 3.86 8.85 11.56
CA GLY J 518 2.76 8.48 12.42
C GLY J 518 2.57 6.97 12.45
N VAL J 519 1.62 6.54 13.28
CA VAL J 519 1.32 5.13 13.51
C VAL J 519 -0.16 4.87 13.24
N ILE J 520 -0.46 3.73 12.63
CA ILE J 520 -1.84 3.29 12.42
C ILE J 520 -2.20 2.35 13.54
N VAL J 521 -3.32 2.62 14.20
CA VAL J 521 -3.84 1.76 15.26
C VAL J 521 -5.26 1.36 14.90
N LYS J 522 -5.54 0.07 14.98
CA LYS J 522 -6.88 -0.46 14.84
C LYS J 522 -7.38 -0.90 16.20
N GLN J 523 -8.57 -0.46 16.57
CA GLN J 523 -9.09 -0.63 17.92
C GLN J 523 -10.25 -1.61 17.91
N TYR J 524 -10.47 -2.26 19.05
CA TYR J 524 -11.53 -3.25 19.16
C TYR J 524 -12.91 -2.60 19.05
N ASN J 525 -13.13 -1.52 19.80
CA ASN J 525 -14.43 -0.86 19.84
C ASN J 525 -14.58 0.24 18.78
N LYS J 526 -13.53 0.51 18.00
CA LYS J 526 -13.59 1.50 16.93
C LYS J 526 -13.81 0.79 15.60
N LYS J 527 -14.94 1.09 14.96
CA LYS J 527 -15.23 0.50 13.65
C LYS J 527 -14.39 1.10 12.53
N TRP J 528 -13.66 2.18 12.80
CA TRP J 528 -12.82 2.82 11.81
C TRP J 528 -11.38 2.86 12.29
N PRO J 529 -10.40 2.83 11.37
CA PRO J 529 -9.01 2.95 11.78
C PRO J 529 -8.73 4.32 12.39
N GLN J 530 -7.86 4.35 13.39
CA GLN J 530 -7.44 5.60 14.00
C GLN J 530 -6.17 6.11 13.32
N PHE J 531 -5.57 7.14 13.89
CA PHE J 531 -4.33 7.70 13.38
C PHE J 531 -3.73 8.61 14.44
N TYR J 532 -2.43 8.49 14.65
CA TYR J 532 -1.69 9.32 15.59
C TYR J 532 -0.50 9.93 14.89
N ALA J 533 -0.29 11.23 15.07
CA ALA J 533 0.79 11.96 14.43
C ALA J 533 1.85 12.32 15.46
N ALA J 534 2.99 12.80 14.96
CA ALA J 534 4.11 13.17 15.80
C ALA J 534 3.95 14.61 16.30
N VAL J 535 4.39 14.85 17.53
CA VAL J 535 4.30 16.16 18.16
C VAL J 535 5.68 16.57 18.64
N GLN J 536 5.84 17.88 18.82
CA GLN J 536 7.10 18.46 19.30
C GLN J 536 6.80 19.38 20.47
N LYS J 537 7.54 19.18 21.58
CA LYS J 537 7.25 19.92 22.80
C LYS J 537 7.74 21.37 22.73
N ASN J 538 8.88 21.60 22.10
CA ASN J 538 9.48 22.94 22.06
C ASN J 538 9.10 23.67 20.77
N TYR J 539 7.80 23.90 20.62
CA TYR J 539 7.30 24.65 19.48
C TYR J 539 7.41 26.15 19.65
N ALA J 540 7.71 26.62 20.86
CA ALA J 540 7.86 28.05 21.12
C ALA J 540 9.24 28.58 20.79
N ASP J 541 10.20 27.71 20.50
CA ASP J 541 11.57 28.14 20.20
C ASP J 541 11.68 28.46 18.71
N PRO J 542 11.92 29.72 18.33
CA PRO J 542 11.96 30.05 16.89
C PRO J 542 13.24 29.65 16.19
N GLU J 543 14.33 29.39 16.92
CA GLU J 543 15.62 29.14 16.28
C GLU J 543 15.69 27.77 15.61
N LYS J 544 14.77 26.86 15.92
CA LYS J 544 14.81 25.50 15.40
C LYS J 544 14.06 25.35 14.08
N ASP J 545 13.48 26.43 13.54
CA ASP J 545 12.72 26.33 12.31
C ASP J 545 13.61 25.99 11.11
N SER J 546 14.89 26.39 11.16
CA SER J 546 15.79 26.10 10.05
C SER J 546 16.03 24.60 9.91
N ILE J 547 16.25 23.91 11.03
CA ILE J 547 16.51 22.46 10.97
C ILE J 547 15.25 21.70 10.59
N ASN J 548 14.12 22.06 11.19
CA ASN J 548 12.90 21.29 10.98
C ASN J 548 12.45 21.31 9.53
N ALA J 549 12.52 22.47 8.88
CA ALA J 549 12.12 22.56 7.47
C ALA J 549 13.00 21.70 6.59
N THR J 550 14.30 21.66 6.88
CA THR J 550 15.21 20.81 6.10
C THR J 550 14.94 19.33 6.36
N ALA J 551 14.62 18.97 7.60
CA ALA J 551 14.36 17.57 7.93
C ALA J 551 13.14 17.04 7.19
N LEU J 552 12.05 17.81 7.20
CA LEU J 552 10.86 17.40 6.45
C LEU J 552 11.07 17.49 4.95
N ALA J 553 12.02 18.31 4.49
CA ALA J 553 12.32 18.39 3.08
C ALA J 553 12.87 17.08 2.54
N PHE J 554 13.78 16.45 3.30
CA PHE J 554 14.37 15.19 2.87
C PHE J 554 13.41 14.02 3.03
N GLY J 555 12.37 14.16 3.87
CA GLY J 555 11.40 13.08 4.02
C GLY J 555 10.70 12.74 2.71
N TYR J 556 10.37 13.76 1.92
CA TYR J 556 9.75 13.51 0.63
C TYR J 556 10.75 13.00 -0.40
N VAL J 557 12.05 13.34 -0.25
CA VAL J 557 13.04 12.96 -1.23
C VAL J 557 13.13 11.44 -1.35
N LYS J 558 13.12 10.74 -0.21
CA LYS J 558 13.12 9.28 -0.25
C LYS J 558 11.80 8.74 -0.77
N SER J 559 10.68 9.41 -0.47
CA SER J 559 9.38 8.89 -0.84
C SER J 559 9.19 8.87 -2.36
N LEU J 560 9.62 9.94 -3.04
CA LEU J 560 9.47 9.98 -4.50
C LEU J 560 10.33 8.92 -5.17
N HIS J 561 11.55 8.72 -4.65
CA HIS J 561 12.44 7.71 -5.23
C HIS J 561 11.86 6.31 -5.07
N LYS J 562 11.08 6.07 -4.02
CA LYS J 562 10.43 4.80 -3.80
C LYS J 562 9.00 4.76 -4.33
N GLN J 563 8.55 5.83 -4.99
CA GLN J 563 7.21 5.91 -5.58
C GLN J 563 6.12 5.70 -4.53
N ILE J 564 6.33 6.27 -3.35
CA ILE J 564 5.36 6.21 -2.26
C ILE J 564 4.51 7.46 -2.29
N SER J 565 3.21 7.31 -1.97
CA SER J 565 2.31 8.46 -1.95
C SER J 565 2.73 9.47 -0.88
N ALA J 566 3.20 8.98 0.27
CA ALA J 566 3.64 9.84 1.37
C ALA J 566 2.52 10.76 1.86
N GLU J 567 1.30 10.23 1.91
CA GLU J 567 0.18 10.98 2.48
C GLU J 567 0.31 11.11 3.99
N ASP J 568 1.02 10.17 4.63
CA ASP J 568 1.24 10.25 6.07
C ASP J 568 2.11 11.46 6.43
N LEU J 569 3.13 11.74 5.62
CA LEU J 569 4.04 12.85 5.93
C LEU J 569 3.34 14.19 5.77
N THR J 570 2.42 14.29 4.81
CA THR J 570 1.73 15.56 4.57
C THR J 570 0.90 15.97 5.78
N ILE J 571 0.22 15.02 6.43
CA ILE J 571 -0.60 15.34 7.59
C ILE J 571 0.27 15.86 8.74
N ALA J 572 1.42 15.22 8.97
CA ALA J 572 2.28 15.61 10.08
C ALA J 572 2.84 17.02 9.91
N ALA J 573 3.20 17.39 8.67
CA ALA J 573 3.74 18.72 8.44
C ALA J 573 2.72 19.81 8.73
N LYS J 574 1.46 19.57 8.34
CA LYS J 574 0.43 20.60 8.51
C LYS J 574 0.14 20.88 9.98
N THR J 575 0.14 19.84 10.82
CA THR J 575 -0.18 20.05 12.23
C THR J 575 0.82 20.98 12.91
N HIS J 576 2.11 20.80 12.61
CA HIS J 576 3.13 21.69 13.17
C HIS J 576 2.95 23.11 12.68
N ILE J 577 2.65 23.28 11.38
CA ILE J 577 2.43 24.62 10.83
C ILE J 577 1.21 25.27 11.48
N LEU J 578 0.16 24.49 11.73
CA LEU J 578 -1.05 25.05 12.33
C LEU J 578 -0.75 25.60 13.73
N ARG J 579 0.05 24.89 14.52
CA ARG J 579 0.40 25.38 15.84
C ARG J 579 1.25 26.64 15.77
N ILE J 580 2.08 26.77 14.74
CA ILE J 580 2.87 27.99 14.56
C ILE J 580 1.96 29.17 14.24
N SER J 581 1.00 28.97 13.34
CA SER J 581 0.13 30.05 12.91
C SER J 581 -0.79 30.55 14.02
N PHE J 582 -1.06 29.71 15.03
CA PHE J 582 -1.93 30.14 16.13
C PHE J 582 -1.30 31.27 16.93
N LEU J 583 0.02 31.27 17.07
CA LEU J 583 0.71 32.31 17.83
C LEU J 583 1.13 33.47 16.94
N ASP J 584 1.86 33.19 15.86
CA ASP J 584 2.35 34.22 14.95
C ASP J 584 2.08 33.76 13.52
N ARG J 585 1.19 34.47 12.83
CA ARG J 585 0.86 34.11 11.46
C ARG J 585 1.99 34.45 10.50
N LYS J 586 2.76 35.50 10.79
CA LYS J 586 3.86 35.91 9.92
C LYS J 586 4.94 34.83 9.88
N ARG J 587 5.24 34.22 11.03
CA ARG J 587 6.32 33.23 11.09
C ARG J 587 6.01 32.01 10.25
N ALA J 588 4.74 31.56 10.24
CA ALA J 588 4.39 30.33 9.55
C ALA J 588 4.59 30.44 8.04
N LYS J 589 4.40 31.64 7.47
CA LYS J 589 4.55 31.80 6.03
C LYS J 589 5.99 31.55 5.59
N GLU J 590 6.97 32.06 6.37
CA GLU J 590 8.36 31.85 6.02
C GLU J 590 8.77 30.39 6.17
N PHE J 591 8.10 29.64 7.04
CA PHE J 591 8.41 28.22 7.21
C PHE J 591 8.16 27.44 5.93
N ILE J 592 7.07 27.76 5.22
CA ILE J 592 6.78 27.08 3.96
C ILE J 592 7.85 27.39 2.92
N THR J 593 8.25 28.65 2.81
CA THR J 593 9.19 29.05 1.77
C THR J 593 10.54 28.35 1.94
N THR J 594 11.05 28.29 3.16
CA THR J 594 12.33 27.61 3.40
C THR J 594 12.20 26.11 3.18
N LEU J 595 11.06 25.54 3.57
CA LEU J 595 10.89 24.08 3.49
C LEU J 595 10.92 23.61 2.04
N LEU J 596 10.12 24.25 1.17
CA LEU J 596 10.06 23.82 -0.22
C LEU J 596 11.33 24.16 -0.99
N LYS J 597 12.10 25.16 -0.53
CA LYS J 597 13.34 25.51 -1.21
C LYS J 597 14.35 24.37 -1.14
N SER J 598 14.42 23.68 0.01
CA SER J 598 15.38 22.60 0.18
C SER J 598 15.07 21.41 -0.73
N LEU J 599 13.82 21.26 -1.14
CA LEU J 599 13.48 20.17 -2.07
C LEU J 599 14.23 20.33 -3.38
N TYR J 600 14.30 21.56 -3.91
CA TYR J 600 14.98 21.79 -5.17
C TYR J 600 16.47 21.48 -5.06
N SER J 601 17.10 21.89 -3.95
CA SER J 601 18.52 21.61 -3.77
C SER J 601 18.78 20.11 -3.63
N PHE J 602 17.90 19.39 -2.93
CA PHE J 602 18.09 17.96 -2.72
C PHE J 602 18.01 17.20 -4.02
N PHE J 603 17.08 17.56 -4.89
CA PHE J 603 16.85 16.86 -6.15
C PHE J 603 17.71 17.40 -7.29
N ASN J 604 18.61 18.33 -7.01
CA ASN J 604 19.50 18.92 -8.02
C ASN J 604 18.71 19.57 -9.15
N ILE J 605 17.62 20.24 -8.78
CA ILE J 605 16.83 21.06 -9.71
C ILE J 605 16.86 22.50 -9.21
N SER J 606 17.14 23.44 -10.10
CA SER J 606 17.34 24.83 -9.71
C SER J 606 16.40 25.76 -10.45
N PRO J 607 15.48 26.44 -9.75
CA PRO J 607 14.61 27.42 -10.42
C PRO J 607 15.32 28.68 -10.88
N ASP J 608 16.60 28.84 -10.55
CA ASP J 608 17.40 29.96 -11.04
C ASP J 608 18.32 29.56 -12.18
N ALA J 609 18.11 28.39 -12.77
CA ALA J 609 18.95 27.88 -13.85
C ALA J 609 18.58 28.55 -15.16
N PRO J 610 19.40 28.39 -16.20
CA PRO J 610 19.03 28.87 -17.53
C PRO J 610 17.73 28.24 -18.02
N LYS J 611 17.22 28.78 -19.13
CA LYS J 611 15.90 28.41 -19.63
C LYS J 611 15.83 26.99 -20.16
N GLU J 612 16.98 26.38 -20.49
CA GLU J 612 16.95 25.02 -21.03
C GLU J 612 16.39 24.02 -20.03
N ILE J 613 16.81 24.12 -18.77
CA ILE J 613 16.31 23.21 -17.73
C ILE J 613 14.84 23.49 -17.45
N MET J 614 14.37 24.71 -17.76
CA MET J 614 13.01 25.09 -17.38
C MET J 614 11.97 24.26 -18.14
N ASP J 615 12.29 23.88 -19.38
CA ASP J 615 11.40 23.00 -20.13
C ASP J 615 11.28 21.64 -19.45
N LYS J 616 12.39 21.13 -18.91
CA LYS J 616 12.36 19.86 -18.19
C LYS J 616 11.49 19.93 -16.93
N ILE J 617 11.42 21.10 -16.30
CA ILE J 617 10.65 21.24 -15.07
C ILE J 617 9.16 21.04 -15.33
N ILE J 618 8.65 21.61 -16.43
CA ILE J 618 7.21 21.59 -16.68
C ILE J 618 6.72 20.16 -16.86
N THR J 619 7.48 19.33 -17.57
CA THR J 619 7.11 17.94 -17.79
C THR J 619 7.39 17.05 -16.59
N SER J 620 8.02 17.57 -15.54
CA SER J 620 8.41 16.75 -14.41
C SER J 620 7.20 16.34 -13.58
N ARG J 621 7.17 15.07 -13.19
CA ARG J 621 6.15 14.59 -12.26
C ARG J 621 6.14 15.32 -10.92
N PRO J 622 7.27 15.67 -10.29
CA PRO J 622 7.19 16.23 -8.92
C PRO J 622 6.28 17.43 -8.76
N LEU J 623 6.14 18.29 -9.77
CA LEU J 623 5.26 19.46 -9.61
C LEU J 623 3.82 19.03 -9.36
N GLN J 624 3.43 17.85 -9.83
CA GLN J 624 2.12 17.32 -9.48
C GLN J 624 1.99 17.01 -8.00
N LYS J 625 3.11 16.90 -7.29
CA LYS J 625 3.11 16.58 -5.86
C LYS J 625 3.70 17.68 -4.99
N ILE J 626 4.81 18.30 -5.41
CA ILE J 626 5.41 19.34 -4.57
C ILE J 626 4.50 20.57 -4.53
N MET J 627 3.84 20.88 -5.64
CA MET J 627 2.85 21.95 -5.62
C MET J 627 1.61 21.53 -4.82
N LEU J 628 1.30 20.23 -4.81
CA LEU J 628 0.21 19.74 -3.97
C LEU J 628 0.50 19.91 -2.49
N LEU J 629 1.78 20.00 -2.12
CA LEU J 629 2.13 20.18 -0.71
C LEU J 629 1.58 21.49 -0.18
N GLN J 630 1.87 22.60 -0.86
CA GLN J 630 1.32 23.88 -0.44
C GLN J 630 -0.19 23.96 -0.67
N LEU J 631 -0.74 23.12 -1.56
CA LEU J 631 -2.19 23.05 -1.71
C LEU J 631 -2.86 22.57 -0.43
N GLU J 632 -2.17 21.73 0.35
CA GLU J 632 -2.69 21.28 1.63
C GLU J 632 -2.10 22.05 2.80
N LEU J 633 -0.83 22.44 2.73
CA LEU J 633 -0.19 23.15 3.82
C LEU J 633 -0.65 24.61 3.92
N GLY J 634 -1.28 25.14 2.88
CA GLY J 634 -1.82 26.49 2.89
C GLY J 634 -3.33 26.58 2.85
N SER J 635 -4.06 25.50 3.15
CA SER J 635 -5.50 25.53 3.03
C SER J 635 -6.15 26.39 4.11
N CYS J 636 -5.62 26.33 5.34
CA CYS J 636 -6.24 27.07 6.44
C CYS J 636 -6.19 28.57 6.21
N PHE J 637 -5.18 29.06 5.49
CA PHE J 637 -5.04 30.49 5.28
C PHE J 637 -6.07 30.99 4.27
N SER J 638 -7.20 31.48 4.79
CA SER J 638 -8.26 31.99 3.93
C SER J 638 -7.83 33.28 3.25
N GLN J 639 -8.32 33.48 2.02
CA GLN J 639 -8.03 34.66 1.23
C GLN J 639 -6.53 34.83 1.00
N GLU J 640 -5.80 33.72 0.88
CA GLU J 640 -4.37 33.75 0.65
C GLU J 640 -4.06 33.10 -0.70
N ASN J 641 -3.02 33.61 -1.36
CA ASN J 641 -2.70 33.24 -2.73
C ASN J 641 -1.59 32.19 -2.81
N ILE J 642 -1.18 31.60 -1.69
CA ILE J 642 -0.17 30.55 -1.74
C ILE J 642 -0.72 29.32 -2.44
N GLU J 643 -1.92 28.89 -2.06
CA GLU J 643 -2.55 27.75 -2.71
C GLU J 643 -3.08 28.11 -4.09
N GLU J 644 -3.57 29.34 -4.24
CA GLU J 644 -4.11 29.78 -5.52
C GLU J 644 -3.03 29.81 -6.61
N MET J 645 -1.83 30.28 -6.25
CA MET J 645 -0.73 30.33 -7.21
C MET J 645 -0.34 28.93 -7.68
N ALA J 646 -0.32 27.96 -6.75
CA ALA J 646 0.04 26.61 -7.14
C ALA J 646 -1.05 25.96 -8.00
N ARG J 647 -2.31 26.21 -7.66
CA ARG J 647 -3.41 25.56 -8.39
C ARG J 647 -3.49 26.05 -9.83
N VAL J 648 -3.32 27.35 -10.06
CA VAL J 648 -3.42 27.86 -11.42
C VAL J 648 -2.30 27.30 -12.30
N ILE J 649 -1.09 27.21 -11.76
CA ILE J 649 -0.01 26.56 -12.49
C ILE J 649 -0.30 25.09 -12.69
N LEU J 650 -0.81 24.41 -11.64
CA LEU J 650 -1.15 23.00 -11.75
C LEU J 650 -2.27 22.79 -12.77
N TYR J 651 -3.29 23.64 -12.75
CA TYR J 651 -4.36 23.52 -13.72
C TYR J 651 -3.89 23.91 -15.12
N LEU J 652 -2.95 24.85 -15.22
CA LEU J 652 -2.35 25.15 -16.51
C LEU J 652 -1.64 23.93 -17.08
N LYS J 653 -1.04 23.11 -16.21
CA LYS J 653 -0.48 21.84 -16.65
C LYS J 653 -1.55 20.94 -17.24
N ASN J 654 -2.73 20.89 -16.60
CA ASN J 654 -3.86 20.20 -17.19
C ASN J 654 -4.29 20.88 -18.50
N VAL J 655 -4.28 22.21 -18.52
CA VAL J 655 -4.51 22.93 -19.76
C VAL J 655 -3.42 22.60 -20.77
N LEU J 656 -2.18 22.43 -20.30
CA LEU J 656 -1.09 22.03 -21.20
C LEU J 656 -1.35 20.66 -21.81
N PHE J 657 -1.81 19.71 -21.00
CA PHE J 657 -2.09 18.37 -21.51
C PHE J 657 -3.25 18.36 -22.50
N ALA J 658 -4.07 19.41 -22.52
CA ALA J 658 -5.23 19.43 -23.39
C ALA J 658 -4.83 19.72 -24.84
N PHE J 659 -4.22 20.88 -25.07
CA PHE J 659 -3.90 21.29 -26.44
C PHE J 659 -2.68 20.55 -26.98
N ASN J 660 -1.54 20.66 -26.29
CA ASN J 660 -0.33 19.99 -26.74
C ASN J 660 -0.43 18.48 -26.61
N GLY J 661 -1.30 17.97 -25.73
CA GLY J 661 -1.55 16.55 -25.70
C GLY J 661 -2.20 16.04 -26.97
N VAL J 662 -3.02 16.87 -27.62
CA VAL J 662 -3.68 16.48 -28.85
C VAL J 662 -3.02 17.10 -30.08
N ALA J 663 -2.20 18.14 -29.91
CA ALA J 663 -1.49 18.72 -31.04
C ALA J 663 -0.55 17.71 -31.67
N ARG J 664 0.17 16.95 -30.83
CA ARG J 664 0.98 15.85 -31.35
C ARG J 664 0.11 14.78 -32.01
N ASN J 665 -1.02 14.45 -31.37
CA ASN J 665 -1.91 13.44 -31.93
C ASN J 665 -2.51 13.90 -33.26
N PHE J 666 -2.92 15.17 -33.33
CA PHE J 666 -3.51 15.68 -34.56
C PHE J 666 -2.49 15.76 -35.70
N HIS J 667 -1.22 16.01 -35.37
CA HIS J 667 -0.20 16.11 -36.41
C HIS J 667 -0.05 14.79 -37.17
N PHE J 668 -0.04 13.66 -36.45
CA PHE J 668 0.08 12.36 -37.11
C PHE J 668 -1.14 12.02 -37.97
N ALA J 669 -2.29 12.61 -37.68
CA ALA J 669 -3.48 12.36 -38.50
C ALA J 669 -3.37 12.96 -39.88
N ILE J 670 -2.50 13.96 -40.07
CA ILE J 670 -2.33 14.57 -41.38
C ILE J 670 -1.71 13.57 -42.36
N GLU J 671 -0.67 12.85 -41.91
CA GLU J 671 0.00 11.90 -42.78
C GLU J 671 -0.90 10.70 -43.11
N GLN J 672 -1.76 10.31 -42.17
CA GLN J 672 -2.63 9.16 -42.41
C GLN J 672 -3.62 9.41 -43.54
N ILE J 673 -3.93 10.68 -43.81
CA ILE J 673 -4.89 11.01 -44.86
C ILE J 673 -4.31 10.67 -46.23
N SER J 674 -3.08 11.07 -46.48
CA SER J 674 -2.49 10.92 -47.82
C SER J 674 -2.24 9.45 -48.16
N ASN J 675 -1.66 8.70 -47.22
CA ASN J 675 -1.28 7.33 -47.50
C ASN J 675 -2.46 6.38 -47.53
N ASN J 676 -3.59 6.75 -46.95
CA ASN J 676 -4.78 5.91 -46.90
C ASN J 676 -5.88 6.43 -47.82
N SER J 677 -5.51 7.16 -48.88
CA SER J 677 -6.46 7.71 -49.82
C SER J 677 -6.71 6.80 -51.01
N ASN J 678 -6.09 5.62 -51.05
CA ASN J 678 -6.26 4.70 -52.17
C ASN J 678 -7.42 3.73 -51.98
N GLN J 679 -8.04 3.70 -50.80
CA GLN J 679 -9.18 2.85 -50.52
C GLN J 679 -10.24 3.68 -49.82
N GLN J 680 -11.23 4.14 -50.58
CA GLN J 680 -12.28 5.00 -50.03
C GLN J 680 -13.52 4.22 -49.59
N GLN J 681 -13.81 3.10 -50.22
CA GLN J 681 -15.02 2.34 -49.94
C GLN J 681 -14.86 1.33 -48.82
N ASN J 682 -13.66 1.19 -48.25
CA ASN J 682 -13.44 0.23 -47.19
C ASN J 682 -14.20 0.64 -45.94
N PRO J 683 -14.68 -0.34 -45.16
CA PRO J 683 -15.44 -0.01 -43.93
C PRO J 683 -14.58 0.49 -42.79
N LYS J 684 -13.26 0.56 -42.96
CA LYS J 684 -12.36 1.08 -41.93
C LYS J 684 -12.10 2.57 -42.07
N LEU J 685 -12.08 3.09 -43.30
CA LEU J 685 -11.84 4.52 -43.49
C LEU J 685 -13.01 5.36 -42.99
N PHE J 686 -14.24 4.86 -43.13
CA PHE J 686 -15.41 5.64 -42.72
C PHE J 686 -15.38 5.92 -41.22
N GLN J 687 -15.03 4.93 -40.41
CA GLN J 687 -14.85 5.18 -38.99
C GLN J 687 -13.63 6.04 -38.72
N THR J 688 -12.58 5.89 -39.54
CA THR J 688 -11.41 6.76 -39.41
C THR J 688 -11.77 8.21 -39.73
N ILE J 689 -12.56 8.42 -40.79
CA ILE J 689 -12.95 9.78 -41.17
C ILE J 689 -13.83 10.39 -40.08
N PHE J 690 -14.77 9.62 -39.55
CA PHE J 690 -15.66 10.16 -38.51
C PHE J 690 -14.88 10.57 -37.28
N SER J 691 -13.90 9.77 -36.86
CA SER J 691 -13.13 10.09 -35.67
C SER J 691 -12.26 11.33 -35.85
N LYS J 692 -11.86 11.64 -37.08
CA LYS J 692 -11.00 12.80 -37.30
C LYS J 692 -11.69 14.10 -36.90
N GLN J 693 -12.94 14.28 -37.31
CA GLN J 693 -13.68 15.49 -37.01
C GLN J 693 -14.40 15.45 -35.69
N ASP J 694 -14.51 14.28 -35.06
CA ASP J 694 -15.12 14.20 -33.74
C ASP J 694 -14.16 14.66 -32.64
N LEU J 695 -12.86 14.40 -32.80
CA LEU J 695 -11.89 14.74 -31.78
C LEU J 695 -11.81 16.24 -31.55
N ILE J 696 -11.81 17.03 -32.62
CA ILE J 696 -11.72 18.48 -32.50
C ILE J 696 -12.94 19.07 -31.81
N HIS J 697 -14.08 18.37 -31.86
CA HIS J 697 -15.28 18.89 -31.21
C HIS J 697 -15.12 18.95 -29.69
N SER J 698 -14.48 17.93 -29.10
CA SER J 698 -14.35 17.88 -27.65
C SER J 698 -13.40 18.93 -27.09
N LEU J 699 -12.58 19.56 -27.93
CA LEU J 699 -11.69 20.61 -27.47
C LEU J 699 -12.43 21.92 -27.21
N ILE J 700 -13.62 22.09 -27.79
CA ILE J 700 -14.36 23.35 -27.64
C ILE J 700 -14.69 23.66 -26.19
N PRO J 701 -15.21 22.73 -25.38
CA PRO J 701 -15.44 23.06 -23.96
C PRO J 701 -14.17 23.45 -23.22
N VAL J 702 -13.03 22.86 -23.58
CA VAL J 702 -11.77 23.24 -22.95
C VAL J 702 -11.40 24.68 -23.32
N ALA J 703 -11.57 25.05 -24.58
CA ALA J 703 -11.19 26.39 -25.03
C ALA J 703 -12.00 27.47 -24.33
N LYS J 704 -13.24 27.17 -23.93
CA LYS J 704 -14.05 28.15 -23.22
C LYS J 704 -13.41 28.53 -21.89
N TRP J 705 -12.90 27.55 -21.15
CA TRP J 705 -12.19 27.86 -19.92
C TRP J 705 -10.83 28.49 -20.20
N PHE J 706 -10.22 28.16 -21.35
CA PHE J 706 -8.96 28.78 -21.72
C PHE J 706 -9.12 30.29 -21.93
N VAL J 707 -10.18 30.70 -22.63
CA VAL J 707 -10.45 32.13 -22.78
C VAL J 707 -10.91 32.73 -21.46
N LYS J 708 -11.76 32.01 -20.72
CA LYS J 708 -12.26 32.50 -19.45
C LYS J 708 -11.15 32.70 -18.42
N PHE J 709 -10.00 32.04 -18.60
CA PHE J 709 -8.90 32.19 -17.65
C PHE J 709 -8.11 33.47 -17.90
N ILE J 710 -7.78 33.75 -19.16
CA ILE J 710 -6.97 34.92 -19.48
C ILE J 710 -7.73 36.22 -19.19
N THR J 711 -9.06 36.17 -19.19
CA THR J 711 -9.83 37.36 -18.87
C THR J 711 -9.74 37.72 -17.40
N TYR J 712 -9.64 36.72 -16.53
CA TYR J 712 -9.57 36.99 -15.09
C TYR J 712 -8.31 37.78 -14.74
N LEU J 713 -7.17 37.40 -15.31
CA LEU J 713 -5.94 38.12 -15.04
C LEU J 713 -5.97 39.52 -15.63
N THR J 714 -6.58 39.68 -16.81
CA THR J 714 -6.71 41.01 -17.41
C THR J 714 -7.67 41.88 -16.61
N GLN J 715 -8.72 41.29 -16.04
CA GLN J 715 -9.63 42.05 -15.20
C GLN J 715 -8.93 42.59 -13.97
N GLU J 716 -8.06 41.79 -13.36
CA GLU J 716 -7.33 42.24 -12.17
C GLU J 716 -6.35 43.36 -12.48
N ILE J 717 -5.92 43.50 -13.74
CA ILE J 717 -5.02 44.59 -14.10
C ILE J 717 -5.71 45.93 -13.89
N LEU J 718 -6.96 46.05 -14.34
CA LEU J 718 -7.70 47.30 -14.19
C LEU J 718 -7.98 47.61 -12.73
N ILE J 719 -8.28 46.59 -11.93
CA ILE J 719 -8.60 46.81 -10.53
C ILE J 719 -7.37 47.26 -9.76
N LEU J 720 -6.22 46.65 -10.03
CA LEU J 720 -5.02 46.93 -9.24
C LEU J 720 -4.50 48.35 -9.47
N ILE J 721 -4.76 48.93 -10.64
CA ILE J 721 -4.23 50.26 -10.95
C ILE J 721 -4.80 51.29 -9.98
N ASN J 722 -6.10 51.24 -9.71
CA ASN J 722 -6.71 52.23 -8.84
C ASN J 722 -6.17 52.13 -7.41
N ASP J 723 -6.04 50.91 -6.89
CA ASP J 723 -5.62 50.71 -5.49
C ASP J 723 -4.43 49.75 -5.47
N PRO J 724 -3.21 50.28 -5.58
CA PRO J 724 -2.02 49.41 -5.55
C PRO J 724 -1.68 48.88 -4.16
N THR J 725 -2.32 49.39 -3.10
CA THR J 725 -1.99 49.02 -1.74
C THR J 725 -2.82 47.85 -1.22
N ASN J 726 -3.63 47.23 -2.08
CA ASN J 726 -4.48 46.11 -1.66
C ASN J 726 -3.66 44.82 -1.68
N LYS J 727 -3.41 44.26 -0.50
CA LYS J 727 -2.63 43.03 -0.39
C LYS J 727 -3.44 41.79 -0.76
N GLU J 728 -4.76 41.87 -0.76
CA GLU J 728 -5.59 40.71 -1.07
C GLU J 728 -5.57 40.34 -2.54
N TYR J 729 -5.00 41.19 -3.41
CA TYR J 729 -4.94 40.94 -4.84
C TYR J 729 -3.51 40.83 -5.32
N THR J 730 -2.62 40.26 -4.51
CA THR J 730 -1.22 40.10 -4.87
C THR J 730 -0.97 38.87 -5.73
N LEU J 731 -1.99 38.06 -6.00
CA LEU J 731 -1.81 36.89 -6.83
C LEU J 731 -1.44 37.25 -8.26
N VAL J 732 -1.89 38.42 -8.73
CA VAL J 732 -1.64 38.82 -10.11
C VAL J 732 -0.16 39.00 -10.38
N HIS J 733 0.62 39.37 -9.36
CA HIS J 733 2.05 39.58 -9.54
C HIS J 733 2.76 38.26 -9.84
N GLY J 734 2.44 37.21 -9.10
CA GLY J 734 3.14 35.94 -9.27
C GLY J 734 2.88 35.28 -10.61
N ILE J 735 1.65 35.41 -11.12
CA ILE J 735 1.27 34.72 -12.35
C ILE J 735 2.14 35.19 -13.51
N PHE J 736 2.30 36.51 -13.65
CA PHE J 736 3.16 37.03 -14.70
C PHE J 736 4.63 36.81 -14.40
N GLY J 737 4.99 36.74 -13.11
CA GLY J 737 6.39 36.57 -12.75
C GLY J 737 6.94 35.21 -13.09
N ALA J 738 6.09 34.19 -13.15
CA ALA J 738 6.54 32.84 -13.49
C ALA J 738 7.16 32.83 -14.88
N LYS J 739 8.36 32.25 -14.98
CA LYS J 739 9.12 32.36 -16.22
C LYS J 739 8.67 31.34 -17.26
N MET J 740 8.39 30.10 -16.84
CA MET J 740 7.96 29.10 -17.81
C MET J 740 6.52 29.29 -18.23
N SER J 741 5.69 29.89 -17.37
CA SER J 741 4.29 30.11 -17.73
C SER J 741 4.17 31.05 -18.92
N ARG J 742 4.99 32.10 -18.96
CA ARG J 742 4.99 33.00 -20.10
C ARG J 742 5.40 32.27 -21.37
N THR J 743 6.42 31.41 -21.29
CA THR J 743 6.79 30.58 -22.43
C THR J 743 5.74 29.52 -22.71
N LEU J 744 5.12 28.96 -21.66
CA LEU J 744 4.15 27.90 -21.85
C LEU J 744 2.93 28.39 -22.61
N ILE J 745 2.43 29.57 -22.24
CA ILE J 745 1.29 30.16 -22.96
C ILE J 745 1.70 30.51 -24.39
N LEU J 746 2.92 31.01 -24.58
CA LEU J 746 3.39 31.30 -25.92
C LEU J 746 3.46 30.04 -26.76
N SER J 747 3.90 28.92 -26.17
CA SER J 747 3.88 27.65 -26.88
C SER J 747 2.45 27.23 -27.21
N ILE J 748 1.52 27.44 -26.27
CA ILE J 748 0.12 27.14 -26.53
C ILE J 748 -0.40 28.02 -27.66
N LEU J 749 -0.05 29.31 -27.63
CA LEU J 749 -0.44 30.20 -28.72
C LEU J 749 0.26 29.83 -30.03
N ASN J 750 1.48 29.29 -29.94
CA ASN J 750 2.19 28.86 -31.14
C ASN J 750 1.49 27.68 -31.80
N GLU J 751 1.17 26.64 -31.03
CA GLU J 751 0.50 25.48 -31.59
C GLU J 751 -0.91 25.82 -32.03
N ILE J 752 -1.57 26.76 -31.34
CA ILE J 752 -2.88 27.22 -31.77
C ILE J 752 -2.79 27.83 -33.17
N LYS J 753 -1.77 28.66 -33.40
CA LYS J 753 -1.54 29.18 -34.74
C LYS J 753 -1.21 28.06 -35.72
N LYS J 754 -0.37 27.11 -35.29
CA LYS J 754 -0.02 25.99 -36.17
C LYS J 754 -1.24 25.14 -36.49
N VAL J 755 -2.09 24.85 -35.49
CA VAL J 755 -3.28 24.05 -35.73
C VAL J 755 -4.22 24.76 -36.69
N THR J 756 -4.46 26.05 -36.46
CA THR J 756 -5.34 26.81 -37.34
C THR J 756 -4.75 26.90 -38.74
N GLN J 757 -3.44 27.13 -38.85
CA GLN J 757 -2.80 27.15 -40.16
C GLN J 757 -2.89 25.81 -40.86
N ILE J 758 -2.69 24.71 -40.11
CA ILE J 758 -2.81 23.38 -40.69
C ILE J 758 -4.25 23.10 -41.10
N VAL J 759 -5.21 23.46 -40.24
CA VAL J 759 -6.62 23.26 -40.58
C VAL J 759 -6.99 24.08 -41.82
N ALA J 760 -6.53 25.33 -41.87
CA ALA J 760 -6.73 26.12 -43.08
C ALA J 760 -6.01 25.50 -44.27
N LYS J 761 -4.79 25.00 -44.06
CA LYS J 761 -4.05 24.36 -45.14
C LYS J 761 -4.69 23.03 -45.53
N PHE J 762 -5.23 22.30 -44.56
CA PHE J 762 -5.82 20.98 -44.78
C PHE J 762 -7.21 20.95 -44.17
N PRO J 763 -8.19 21.54 -44.84
CA PRO J 763 -9.57 21.51 -44.33
C PRO J 763 -10.27 20.21 -44.72
N GLU J 764 -11.45 20.01 -44.14
CA GLU J 764 -12.29 18.86 -44.44
C GLU J 764 -13.15 19.18 -45.65
N THR J 765 -13.05 18.35 -46.69
CA THR J 765 -13.75 18.59 -47.95
C THR J 765 -14.77 17.52 -48.30
N SER J 766 -14.58 16.28 -47.85
CA SER J 766 -15.51 15.20 -48.21
C SER J 766 -16.90 15.47 -47.65
N TYR J 767 -16.98 15.90 -46.40
CA TYR J 767 -18.26 16.12 -45.73
C TYR J 767 -18.32 17.55 -45.20
N PRO J 768 -19.05 18.45 -45.86
CA PRO J 768 -19.17 19.82 -45.36
C PRO J 768 -19.81 19.92 -44.00
N ILE J 769 -20.68 18.97 -43.63
CA ILE J 769 -21.38 19.04 -42.35
C ILE J 769 -20.40 18.90 -41.19
N LEU J 770 -19.27 18.22 -41.40
CA LEU J 770 -18.28 18.04 -40.35
C LEU J 770 -17.36 19.24 -40.16
N ASN J 771 -17.50 20.26 -41.00
CA ASN J 771 -16.65 21.45 -40.91
C ASN J 771 -17.06 22.38 -39.77
N GLU J 772 -18.17 22.11 -39.09
CA GLU J 772 -18.63 23.00 -38.02
C GLU J 772 -17.61 23.08 -36.90
N SER J 773 -17.07 21.94 -36.49
CA SER J 773 -16.06 21.94 -35.42
C SER J 773 -14.81 22.70 -35.84
N SER J 774 -14.34 22.49 -37.08
CA SER J 774 -13.20 23.22 -37.58
C SER J 774 -13.50 24.71 -37.70
N THR J 775 -14.68 25.05 -38.21
CA THR J 775 -15.06 26.46 -38.34
C THR J 775 -15.22 27.12 -36.98
N PHE J 776 -15.82 26.41 -36.02
CA PHE J 776 -16.02 26.97 -34.69
C PHE J 776 -14.69 27.29 -34.01
N LEU J 777 -13.65 26.50 -34.30
CA LEU J 777 -12.34 26.77 -33.71
C LEU J 777 -11.80 28.11 -34.18
N LYS J 778 -11.97 28.42 -35.46
CA LYS J 778 -11.57 29.75 -35.96
C LYS J 778 -12.41 30.85 -35.35
N LEU J 779 -13.72 30.61 -35.21
CA LEU J 779 -14.62 31.66 -34.72
C LEU J 779 -14.34 32.01 -33.27
N VAL J 780 -14.11 31.01 -32.42
CA VAL J 780 -13.94 31.28 -30.99
C VAL J 780 -12.68 32.10 -30.74
N LEU J 781 -11.65 31.92 -31.58
CA LEU J 781 -10.44 32.73 -31.43
C LEU J 781 -10.67 34.17 -31.86
N SER J 782 -11.34 34.37 -32.99
CA SER J 782 -11.59 35.72 -33.48
C SER J 782 -12.60 36.46 -32.61
N GLU J 783 -13.59 35.76 -32.08
CA GLU J 783 -14.66 36.37 -31.29
C GLU J 783 -14.26 36.59 -29.84
N SER J 784 -13.04 36.24 -29.44
CA SER J 784 -12.61 36.46 -28.07
C SER J 784 -12.60 37.95 -27.76
N PRO J 785 -12.99 38.35 -26.55
CA PRO J 785 -13.05 39.78 -26.23
C PRO J 785 -11.70 40.48 -26.30
N VAL J 786 -10.59 39.75 -26.10
CA VAL J 786 -9.25 40.31 -26.19
C VAL J 786 -8.48 39.56 -27.26
N ASP J 787 -7.81 40.31 -28.13
CA ASP J 787 -7.06 39.70 -29.22
C ASP J 787 -5.85 38.94 -28.66
N PHE J 788 -5.63 37.73 -29.18
CA PHE J 788 -4.53 36.91 -28.69
C PHE J 788 -3.18 37.48 -29.09
N GLU J 789 -3.09 38.08 -30.28
CA GLU J 789 -1.83 38.65 -30.73
C GLU J 789 -1.38 39.79 -29.81
N LYS J 790 -2.31 40.65 -29.41
CA LYS J 790 -1.98 41.71 -28.47
C LYS J 790 -1.59 41.13 -27.12
N PHE J 791 -2.27 40.06 -26.68
CA PHE J 791 -1.92 39.43 -25.42
C PHE J 791 -0.63 38.61 -25.54
N GLU J 792 -0.31 38.12 -26.75
CA GLU J 792 0.94 37.40 -26.94
C GLU J 792 2.14 38.30 -26.69
N THR J 793 2.10 39.53 -27.23
CA THR J 793 3.21 40.46 -27.03
C THR J 793 3.31 40.90 -25.57
N PHE J 794 2.21 40.82 -24.82
CA PHE J 794 2.24 41.24 -23.42
C PHE J 794 3.21 40.40 -22.60
N LEU J 795 3.11 39.07 -22.71
CA LEU J 795 3.98 38.21 -21.92
C LEU J 795 5.41 38.18 -22.47
N VAL J 796 5.57 38.37 -23.78
CA VAL J 796 6.91 38.35 -24.38
C VAL J 796 7.74 39.50 -23.84
N ASP J 797 7.15 40.69 -23.74
CA ASP J 797 7.90 41.85 -23.26
C ASP J 797 8.26 41.70 -21.78
N VAL J 798 7.43 41.01 -21.01
CA VAL J 798 7.72 40.81 -19.58
C VAL J 798 8.98 39.97 -19.40
N ASN J 799 9.14 38.95 -20.25
CA ASN J 799 10.30 38.06 -20.14
C ASN J 799 11.60 38.84 -20.36
N ASN J 800 11.65 39.68 -21.39
CA ASN J 800 12.87 40.41 -21.69
C ASN J 800 13.23 41.39 -20.58
N LYS J 801 12.21 42.08 -20.04
CA LYS J 801 12.47 43.04 -18.97
C LYS J 801 12.91 42.34 -17.68
N PHE J 802 12.39 41.14 -17.43
CA PHE J 802 12.75 40.40 -16.23
C PHE J 802 14.08 39.68 -16.36
N ILE J 803 14.67 39.62 -17.54
CA ILE J 803 15.99 39.03 -17.72
C ILE J 803 17.08 40.06 -17.54
N ALA J 804 16.89 41.26 -18.09
CA ALA J 804 17.89 42.32 -17.92
C ALA J 804 18.01 42.73 -16.46
N LEU J 805 16.92 42.64 -15.69
CA LEU J 805 17.00 42.97 -14.26
C LEU J 805 17.90 42.00 -13.51
N CYS J 806 17.96 40.73 -13.95
CA CYS J 806 18.85 39.77 -13.33
C CYS J 806 20.31 40.17 -13.51
N GLU J 807 20.68 40.66 -14.70
CA GLU J 807 22.04 41.11 -14.93
C GLU J 807 22.34 42.39 -14.17
N GLN J 808 21.33 43.23 -13.94
CA GLN J 808 21.55 44.46 -13.18
C GLN J 808 21.98 44.16 -11.75
N GLN J 809 21.34 43.18 -11.10
CA GLN J 809 21.74 42.74 -9.78
C GLN J 809 21.49 41.23 -9.69
N PRO J 810 22.50 40.45 -9.30
CA PRO J 810 22.31 38.99 -9.21
C PRO J 810 21.49 38.61 -7.98
N SER J 811 20.46 37.79 -8.19
CA SER J 811 19.61 37.34 -7.11
C SER J 811 18.91 36.07 -7.53
N GLN J 812 18.83 35.10 -6.63
CA GLN J 812 18.14 33.84 -6.91
C GLN J 812 16.82 33.69 -6.16
N GLU J 813 16.59 34.51 -5.13
CA GLU J 813 15.32 34.43 -4.41
C GLU J 813 14.17 34.99 -5.24
N ARG J 814 14.45 35.89 -6.17
CA ARG J 814 13.39 36.43 -7.01
C ARG J 814 12.77 35.37 -7.91
N GLU J 815 13.58 34.37 -8.32
CA GLU J 815 13.03 33.26 -9.08
C GLU J 815 12.02 32.47 -8.25
N PHE J 816 12.34 32.24 -6.98
CA PHE J 816 11.39 31.60 -6.07
C PHE J 816 10.18 32.49 -5.82
N SER J 817 10.42 33.80 -5.67
CA SER J 817 9.33 34.72 -5.35
C SER J 817 8.32 34.81 -6.48
N LEU J 818 8.78 34.83 -7.73
CA LEU J 818 7.87 34.94 -8.87
C LEU J 818 7.15 33.63 -9.15
N LEU J 819 7.61 32.51 -8.61
CA LEU J 819 7.02 31.21 -8.88
C LEU J 819 6.15 30.70 -7.76
N VAL J 820 6.58 30.86 -6.50
CA VAL J 820 5.91 30.28 -5.35
C VAL J 820 5.32 31.34 -4.44
N LYS J 821 6.14 32.30 -4.00
CA LYS J 821 5.66 33.33 -3.07
C LYS J 821 4.58 34.19 -3.70
N ALA J 822 4.61 34.36 -5.03
CA ALA J 822 3.69 35.22 -5.75
C ALA J 822 3.74 36.65 -5.23
N GLU J 823 4.92 37.08 -4.78
CA GLU J 823 5.14 38.40 -4.23
C GLU J 823 6.49 38.92 -4.69
N ILE J 824 6.70 40.22 -4.52
CA ILE J 824 7.96 40.88 -4.84
C ILE J 824 8.61 41.32 -3.53
N PRO J 825 9.90 41.03 -3.32
CA PRO J 825 10.52 41.41 -2.05
C PRO J 825 10.53 42.91 -1.89
N PRO J 826 10.50 43.40 -0.64
CA PRO J 826 10.50 44.86 -0.43
C PRO J 826 11.72 45.56 -1.01
N GLU J 827 12.85 44.86 -1.10
CA GLU J 827 14.05 45.46 -1.69
C GLU J 827 13.85 45.76 -3.18
N TYR J 828 12.89 45.12 -3.82
CA TYR J 828 12.58 45.35 -5.23
C TYR J 828 11.22 46.05 -5.39
N ALA J 829 10.93 46.99 -4.49
CA ALA J 829 9.65 47.69 -4.55
C ALA J 829 9.49 48.49 -5.83
N LYS J 830 10.60 48.97 -6.40
CA LYS J 830 10.53 49.71 -7.66
C LYS J 830 10.06 48.82 -8.82
N VAL J 831 10.39 47.53 -8.76
CA VAL J 831 9.99 46.61 -9.83
C VAL J 831 8.47 46.44 -9.85
N GLY J 832 7.84 46.43 -8.67
CA GLY J 832 6.40 46.25 -8.62
C GLY J 832 5.63 47.37 -9.31
N ASP J 833 6.16 48.59 -9.24
CA ASP J 833 5.48 49.73 -9.86
C ASP J 833 5.47 49.61 -11.38
N PHE J 834 6.44 48.92 -11.96
CA PHE J 834 6.51 48.80 -13.41
C PHE J 834 5.34 47.99 -13.95
N LEU J 835 4.92 46.94 -13.24
CA LEU J 835 3.82 46.10 -13.71
C LEU J 835 2.53 46.90 -13.82
N LEU J 836 2.26 47.75 -12.83
CA LEU J 836 1.02 48.53 -12.83
C LEU J 836 0.97 49.50 -14.00
N GLN J 837 2.06 50.22 -14.26
CA GLN J 837 2.05 51.29 -15.25
C GLN J 837 2.05 50.74 -16.67
N TYR J 838 2.87 49.73 -16.96
CA TYR J 838 3.06 49.29 -18.33
C TYR J 838 1.88 48.47 -18.85
N ALA J 839 1.22 47.72 -17.98
CA ALA J 839 0.16 46.82 -18.43
C ALA J 839 -1.04 47.59 -18.98
N ASN J 840 -1.27 48.82 -18.52
CA ASN J 840 -2.45 49.57 -18.94
C ASN J 840 -2.37 49.93 -20.42
N ASN J 841 -1.23 50.42 -20.89
CA ASN J 841 -1.12 50.92 -22.24
C ASN J 841 -0.79 49.83 -23.26
N ALA J 842 -0.41 48.63 -22.81
CA ALA J 842 0.09 47.61 -23.74
C ALA J 842 -1.05 46.91 -24.47
N VAL J 843 -1.93 46.23 -23.73
CA VAL J 843 -2.96 45.39 -24.33
C VAL J 843 -4.36 45.99 -24.18
N ILE J 844 -4.65 46.66 -23.07
CA ILE J 844 -6.00 47.17 -22.84
C ILE J 844 -6.40 48.20 -23.90
N SER J 845 -5.42 48.86 -24.51
CA SER J 845 -5.71 49.86 -25.53
C SER J 845 -6.40 49.27 -26.75
N HIS J 846 -6.28 47.96 -26.97
CA HIS J 846 -6.88 47.30 -28.12
C HIS J 846 -8.10 46.46 -27.75
N ALA J 847 -8.61 46.59 -26.52
CA ALA J 847 -9.76 45.83 -26.07
C ALA J 847 -10.80 46.77 -25.47
N ASN J 848 -11.96 46.21 -25.17
CA ASN J 848 -13.06 46.95 -24.58
C ASN J 848 -12.87 46.99 -23.06
N ALA J 849 -12.55 48.16 -22.52
CA ALA J 849 -12.33 48.28 -21.08
C ALA J 849 -13.62 48.03 -20.30
N ALA J 850 -14.74 48.58 -20.77
CA ALA J 850 -16.00 48.44 -20.03
C ALA J 850 -16.48 46.99 -20.02
N ALA J 851 -16.28 46.27 -21.13
CA ALA J 851 -16.78 44.90 -21.21
C ALA J 851 -16.03 43.95 -20.30
N VAL J 852 -14.70 44.06 -20.25
CA VAL J 852 -13.90 43.11 -19.48
C VAL J 852 -14.16 43.26 -17.98
N TYR J 853 -14.40 44.49 -17.51
CA TYR J 853 -14.64 44.69 -16.09
C TYR J 853 -15.92 43.99 -15.63
N PHE J 854 -16.97 44.09 -16.43
CA PHE J 854 -18.26 43.49 -16.08
C PHE J 854 -18.44 42.08 -16.64
N ALA J 855 -17.42 41.52 -17.29
CA ALA J 855 -17.53 40.18 -17.85
C ALA J 855 -17.70 39.15 -16.74
N ASP J 856 -18.45 38.10 -17.04
CA ASP J 856 -18.75 37.05 -16.08
C ASP J 856 -17.67 35.98 -16.14
N THR J 857 -16.64 36.15 -15.32
CA THR J 857 -15.57 35.18 -15.20
C THR J 857 -15.70 34.32 -13.93
N SER J 858 -16.85 34.38 -13.26
CA SER J 858 -17.06 33.60 -12.05
C SER J 858 -17.20 32.11 -12.40
N GLY J 859 -16.93 31.27 -11.41
CA GLY J 859 -17.00 29.84 -11.60
C GLY J 859 -15.74 29.21 -12.16
N LEU J 860 -14.60 29.91 -12.08
CA LEU J 860 -13.34 29.36 -12.59
C LEU J 860 -12.82 28.20 -11.76
N LYS J 861 -13.38 27.96 -10.57
CA LYS J 861 -12.93 26.89 -9.68
C LYS J 861 -11.45 27.04 -9.35
N ILE J 862 -11.04 28.27 -9.05
CA ILE J 862 -9.63 28.52 -8.71
C ILE J 862 -9.42 28.47 -7.21
N SER J 863 -10.29 29.14 -6.46
CA SER J 863 -10.16 29.17 -5.00
C SER J 863 -10.77 27.91 -4.39
N ASN J 864 -10.25 27.53 -3.21
CA ASN J 864 -10.76 26.36 -2.52
C ASN J 864 -12.16 26.59 -1.97
N SER J 865 -12.52 27.85 -1.69
CA SER J 865 -13.82 28.16 -1.12
C SER J 865 -14.95 27.73 -2.04
N GLU J 866 -14.70 27.70 -3.35
CA GLU J 866 -15.70 27.30 -4.33
C GLU J 866 -15.48 25.87 -4.84
N PHE J 867 -14.73 25.07 -4.10
CA PHE J 867 -14.63 23.63 -4.35
C PHE J 867 -15.48 22.82 -3.38
N PHE J 868 -15.28 23.03 -2.08
CA PHE J 868 -16.05 22.33 -1.06
C PHE J 868 -17.30 23.14 -0.72
N ASN J 869 -18.32 22.43 -0.24
CA ASN J 869 -19.55 23.09 0.15
C ASN J 869 -19.33 23.97 1.37
N PRO J 870 -20.06 25.09 1.47
CA PRO J 870 -19.82 26.02 2.59
C PRO J 870 -20.16 25.44 3.95
N GLU J 871 -20.94 24.36 4.02
CA GLU J 871 -21.28 23.77 5.31
C GLU J 871 -20.05 23.23 6.02
N ILE J 872 -19.13 22.62 5.28
CA ILE J 872 -17.97 21.96 5.85
C ILE J 872 -16.68 22.75 5.67
N PHE J 873 -16.72 23.90 4.99
CA PHE J 873 -15.52 24.68 4.72
C PHE J 873 -15.17 25.51 5.95
N HIS J 874 -14.76 24.82 7.00
CA HIS J 874 -14.32 25.43 8.24
C HIS J 874 -13.66 24.36 9.11
N LEU J 875 -12.90 24.81 10.10
CA LEU J 875 -12.30 23.88 11.06
C LEU J 875 -13.39 23.27 11.92
N LEU J 876 -13.35 21.95 12.09
CA LEU J 876 -14.40 21.24 12.80
C LEU J 876 -14.00 20.81 14.21
N GLN J 877 -12.72 20.56 14.44
CA GLN J 877 -12.26 20.11 15.76
C GLN J 877 -11.05 20.91 16.19
N PRO J 878 -10.84 21.05 17.50
CA PRO J 878 -9.65 21.77 17.99
C PRO J 878 -8.37 21.03 17.62
N LEU J 879 -7.28 21.79 17.53
CA LEU J 879 -5.98 21.22 17.20
C LEU J 879 -5.51 20.18 18.21
N GLU J 880 -5.98 20.26 19.45
CA GLU J 880 -5.61 19.26 20.45
C GLU J 880 -6.15 17.88 20.08
N GLU J 881 -7.37 17.84 19.55
CA GLU J 881 -7.97 16.57 19.14
C GLU J 881 -7.33 15.98 17.90
N GLY J 882 -6.45 16.73 17.22
CA GLY J 882 -5.77 16.25 16.03
C GLY J 882 -6.34 16.87 14.77
N LEU J 883 -5.77 16.44 13.65
CA LEU J 883 -6.18 16.94 12.34
C LEU J 883 -7.07 15.98 11.58
N ILE J 884 -6.99 14.68 11.85
CA ILE J 884 -7.81 13.68 11.18
C ILE J 884 -9.14 13.58 11.92
N ILE J 885 -10.22 13.46 11.15
CA ILE J 885 -11.58 13.46 11.70
C ILE J 885 -12.28 12.18 11.29
N ASP J 886 -12.89 11.50 12.25
CA ASP J 886 -13.73 10.35 11.95
C ASP J 886 -15.01 10.79 11.27
N THR J 887 -15.54 9.92 10.40
CA THR J 887 -16.74 10.27 9.64
C THR J 887 -17.94 10.46 10.54
N ASP J 888 -18.01 9.72 11.66
CA ASP J 888 -19.18 9.78 12.53
C ASP J 888 -19.40 11.18 13.11
N LYS J 889 -18.37 12.02 13.17
CA LYS J 889 -18.52 13.36 13.71
C LYS J 889 -19.01 14.37 12.68
N LEU J 890 -19.09 13.98 11.41
CA LEU J 890 -19.55 14.90 10.38
C LEU J 890 -21.06 15.12 10.49
N PRO J 891 -21.56 16.24 9.95
CA PRO J 891 -23.01 16.46 9.96
C PRO J 891 -23.74 15.41 9.14
N ILE J 892 -25.01 15.17 9.52
CA ILE J 892 -25.77 14.09 8.92
C ILE J 892 -25.89 14.30 7.42
N LYS J 893 -26.16 15.53 6.99
CA LYS J 893 -26.22 15.83 5.56
C LYS J 893 -24.84 15.91 4.92
N ASN J 894 -23.78 15.90 5.71
CA ASN J 894 -22.42 16.02 5.21
C ASN J 894 -21.59 14.78 5.50
N ARG J 895 -22.24 13.61 5.56
CA ARG J 895 -21.56 12.35 5.85
C ARG J 895 -21.35 11.50 4.60
N THR J 896 -21.52 12.08 3.41
CA THR J 896 -21.29 11.37 2.16
C THR J 896 -20.37 12.20 1.27
N SER J 897 -19.69 11.50 0.36
CA SER J 897 -18.80 12.19 -0.57
C SER J 897 -19.56 13.03 -1.59
N LYS J 898 -20.85 12.79 -1.76
CA LYS J 898 -21.63 13.58 -2.72
C LYS J 898 -21.84 15.01 -2.23
N SER J 899 -21.96 15.21 -0.93
CA SER J 899 -22.19 16.53 -0.35
C SER J 899 -20.91 17.27 -0.03
N PHE J 900 -19.75 16.70 -0.31
CA PHE J 900 -18.49 17.34 0.06
C PHE J 900 -18.14 18.50 -0.85
N SER J 901 -18.42 18.38 -2.15
CA SER J 901 -17.95 19.36 -3.13
C SER J 901 -19.11 19.86 -3.99
N LYS J 902 -18.81 20.88 -4.79
CA LYS J 902 -19.76 21.40 -5.77
C LYS J 902 -19.72 20.53 -7.01
N LEU J 903 -20.78 19.76 -7.24
CA LEU J 903 -20.89 18.88 -8.39
C LEU J 903 -21.63 19.56 -9.54
N LEU J 904 -21.03 20.64 -10.04
CA LEU J 904 -21.62 21.47 -11.09
C LEU J 904 -20.81 21.49 -12.38
N TYR J 905 -19.49 21.62 -12.29
CA TYR J 905 -18.64 21.74 -13.47
C TYR J 905 -17.62 20.62 -13.51
N ASP J 906 -17.15 20.31 -14.70
CA ASP J 906 -16.11 19.31 -14.90
C ASP J 906 -14.74 19.94 -14.80
N ASP J 907 -13.73 19.11 -14.53
CA ASP J 907 -12.40 19.60 -14.23
C ASP J 907 -11.34 19.25 -15.27
N VAL J 908 -11.60 18.30 -16.16
CA VAL J 908 -10.63 17.91 -17.19
C VAL J 908 -10.98 18.53 -18.54
N THR J 909 -12.20 18.31 -19.02
CA THR J 909 -12.63 18.89 -20.28
C THR J 909 -13.30 20.25 -20.11
N CYS J 910 -13.49 20.71 -18.87
CA CYS J 910 -14.03 22.03 -18.58
C CYS J 910 -15.40 22.22 -19.23
N ASP J 911 -16.29 21.26 -18.99
CA ASP J 911 -17.63 21.29 -19.55
C ASP J 911 -18.67 21.22 -18.44
N LYS J 912 -19.83 21.82 -18.68
CA LYS J 912 -20.91 21.80 -17.72
C LYS J 912 -21.45 20.37 -17.56
N LEU J 913 -21.77 20.01 -16.33
CA LEU J 913 -22.28 18.68 -16.03
C LEU J 913 -23.82 18.71 -16.01
N SER J 914 -24.43 17.91 -16.86
CA SER J 914 -25.88 17.82 -16.92
C SER J 914 -26.40 16.90 -15.81
N VAL J 915 -27.73 16.86 -15.68
CA VAL J 915 -28.34 16.01 -14.66
C VAL J 915 -28.11 14.54 -14.95
N SER J 916 -28.11 14.15 -16.23
CA SER J 916 -27.93 12.75 -16.58
C SER J 916 -26.55 12.25 -16.15
N GLU J 917 -25.51 13.05 -16.39
CA GLU J 917 -24.16 12.64 -16.02
C GLU J 917 -23.95 12.66 -14.51
N ILE J 918 -24.72 13.47 -13.78
CA ILE J 918 -24.61 13.49 -12.33
C ILE J 918 -25.21 12.22 -11.74
N SER J 919 -26.38 11.80 -12.24
CA SER J 919 -27.15 10.74 -11.61
C SER J 919 -26.71 9.33 -12.01
N ASP J 920 -25.89 9.19 -13.04
CA ASP J 920 -25.54 7.85 -13.51
C ASP J 920 -24.48 7.17 -12.64
N GLY J 921 -23.84 7.91 -11.74
CA GLY J 921 -22.85 7.32 -10.86
C GLY J 921 -21.57 6.88 -11.53
N LYS J 922 -21.27 7.42 -12.71
CA LYS J 922 -20.06 7.07 -13.45
C LYS J 922 -18.99 8.14 -13.36
N LEU J 923 -19.16 9.13 -12.48
CA LEU J 923 -18.20 10.21 -12.29
C LEU J 923 -17.27 9.90 -11.12
N LYS J 924 -16.10 10.52 -11.15
CA LYS J 924 -15.03 10.23 -10.20
C LYS J 924 -14.65 11.48 -9.42
N ARG J 925 -14.14 11.27 -8.22
CA ARG J 925 -13.69 12.35 -7.34
C ARG J 925 -12.25 12.10 -6.93
N CYS J 926 -11.47 13.18 -6.82
CA CYS J 926 -10.08 13.10 -6.40
C CYS J 926 -10.00 13.21 -4.89
N SER J 927 -9.32 12.24 -4.26
CA SER J 927 -9.19 12.23 -2.81
C SER J 927 -8.22 13.28 -2.28
N ARG J 928 -7.49 13.98 -3.16
CA ARG J 928 -6.48 14.94 -2.74
C ARG J 928 -6.99 16.37 -2.76
N CYS J 929 -7.45 16.84 -3.94
CA CYS J 929 -7.85 18.22 -4.12
C CYS J 929 -9.36 18.41 -4.15
N GLY J 930 -10.14 17.33 -4.04
CA GLY J 930 -11.58 17.46 -4.07
C GLY J 930 -12.18 17.61 -5.45
N SER J 931 -11.38 17.50 -6.51
CA SER J 931 -11.88 17.66 -7.85
C SER J 931 -12.85 16.53 -8.21
N VAL J 932 -13.80 16.85 -9.08
CA VAL J 932 -14.80 15.89 -9.55
C VAL J 932 -14.74 15.86 -11.07
N THR J 933 -14.62 14.66 -11.64
CA THR J 933 -14.52 14.51 -13.08
C THR J 933 -15.11 13.18 -13.51
N ARG J 934 -15.77 13.18 -14.67
CA ARG J 934 -16.32 11.98 -15.28
C ARG J 934 -15.39 11.44 -16.37
N ALA J 935 -14.08 11.62 -16.20
CA ALA J 935 -13.13 11.18 -17.21
C ALA J 935 -13.01 9.66 -17.21
N GLY J 936 -12.56 9.13 -18.34
CA GLY J 936 -12.35 7.70 -18.48
C GLY J 936 -13.59 6.88 -18.76
N ASN J 937 -14.71 7.53 -19.08
CA ASN J 937 -15.96 6.83 -19.36
C ASN J 937 -16.52 7.32 -20.68
N ILE J 938 -17.33 6.46 -21.30
CA ILE J 938 -17.96 6.81 -22.57
C ILE J 938 -18.94 7.95 -22.36
N ILE J 939 -18.89 8.94 -23.26
CA ILE J 939 -19.74 10.12 -23.15
C ILE J 939 -21.09 9.83 -23.77
N SER J 940 -22.10 10.55 -23.31
CA SER J 940 -23.44 10.38 -23.84
C SER J 940 -23.54 10.92 -25.26
N SER J 941 -24.57 10.47 -25.99
CA SER J 941 -24.71 10.83 -27.38
C SER J 941 -25.00 12.32 -27.57
N ASP J 942 -25.64 12.96 -26.59
CA ASP J 942 -25.96 14.37 -26.72
C ASP J 942 -24.71 15.25 -26.71
N LYS J 943 -23.61 14.75 -26.16
CA LYS J 943 -22.36 15.50 -26.14
C LYS J 943 -21.51 15.29 -27.39
N THR J 944 -21.94 14.41 -28.29
CA THR J 944 -21.20 14.14 -29.51
C THR J 944 -21.61 15.10 -30.62
N ILE J 945 -20.92 15.01 -31.76
CA ILE J 945 -21.25 15.87 -32.89
C ILE J 945 -22.63 15.53 -33.43
N VAL J 946 -22.96 14.25 -33.50
CA VAL J 946 -24.27 13.79 -33.94
C VAL J 946 -24.74 12.70 -32.98
N PRO J 947 -25.99 12.74 -32.51
CA PRO J 947 -26.48 11.68 -31.61
C PRO J 947 -26.40 10.31 -32.26
N THR J 948 -25.60 9.43 -31.67
CA THR J 948 -25.40 8.10 -32.19
C THR J 948 -25.02 7.16 -31.05
N SER J 949 -25.17 5.87 -31.29
CA SER J 949 -24.86 4.84 -30.30
C SER J 949 -23.43 4.32 -30.44
N ILE J 950 -22.64 4.86 -31.36
CA ILE J 950 -21.27 4.41 -31.53
C ILE J 950 -20.44 4.84 -30.34
N GLN J 951 -19.69 3.90 -29.77
CA GLN J 951 -18.84 4.17 -28.62
C GLN J 951 -17.43 4.52 -29.09
N THR J 952 -16.94 5.68 -28.66
CA THR J 952 -15.60 6.15 -29.00
C THR J 952 -14.83 6.42 -27.72
N LYS J 953 -13.59 5.92 -27.66
CA LYS J 953 -12.74 6.13 -26.49
C LYS J 953 -12.07 7.50 -26.60
N ARG J 954 -12.54 8.44 -25.80
CA ARG J 954 -12.04 9.81 -25.86
C ARG J 954 -10.84 9.98 -24.92
N TRP J 955 -10.14 11.10 -25.09
CA TRP J 955 -8.92 11.44 -24.36
C TRP J 955 -9.06 11.41 -22.85
N PRO J 956 -10.26 11.64 -22.25
CA PRO J 956 -10.41 11.46 -20.80
C PRO J 956 -9.95 10.11 -20.26
N THR J 957 -9.68 9.15 -21.15
CA THR J 957 -9.19 7.84 -20.71
C THR J 957 -7.75 7.89 -20.18
N MET J 958 -7.04 9.00 -20.36
CA MET J 958 -5.71 9.12 -19.77
C MET J 958 -5.76 9.22 -18.25
N TYR J 959 -6.81 9.86 -17.72
CA TYR J 959 -6.95 10.09 -16.30
C TYR J 959 -7.90 9.10 -15.63
N THR J 960 -7.92 7.85 -16.08
CA THR J 960 -8.81 6.85 -15.48
C THR J 960 -8.45 6.61 -14.02
N ARG J 961 -7.16 6.51 -13.71
CA ARG J 961 -6.71 6.16 -12.36
C ARG J 961 -5.99 7.29 -11.65
N LEU J 962 -5.35 8.20 -12.38
CA LEU J 962 -4.58 9.28 -11.79
C LEU J 962 -5.28 10.61 -12.08
N CYS J 963 -5.47 11.42 -11.05
CA CYS J 963 -6.10 12.72 -11.21
C CYS J 963 -5.10 13.73 -11.80
N ILE J 964 -5.54 14.98 -11.92
CA ILE J 964 -4.68 16.02 -12.46
C ILE J 964 -3.54 16.34 -11.50
N CYS J 965 -3.79 16.25 -10.19
CA CYS J 965 -2.80 16.55 -9.16
C CYS J 965 -2.05 15.32 -8.69
N SER J 966 -1.91 14.31 -9.55
CA SER J 966 -1.29 13.02 -9.23
C SER J 966 -2.02 12.25 -8.14
N GLY J 967 -3.22 12.70 -7.76
CA GLY J 967 -4.02 11.94 -6.82
C GLY J 967 -4.78 10.81 -7.49
N MET J 968 -5.31 9.93 -6.66
CA MET J 968 -6.05 8.78 -7.17
C MET J 968 -7.52 9.13 -7.37
N LEU J 969 -8.10 8.61 -8.44
CA LEU J 969 -9.51 8.80 -8.76
C LEU J 969 -10.28 7.54 -8.42
N PHE J 970 -11.45 7.70 -7.80
CA PHE J 970 -12.27 6.59 -7.38
C PHE J 970 -13.72 6.84 -7.79
N GLU J 971 -14.46 5.74 -7.96
CA GLU J 971 -15.86 5.84 -8.30
C GLU J 971 -16.65 6.50 -7.17
N MET J 972 -17.40 7.54 -7.51
CA MET J 972 -18.14 8.28 -6.50
C MET J 972 -19.34 7.48 -6.02
N ASP J 973 -19.46 7.33 -4.70
CA ASP J 973 -20.57 6.58 -4.14
C ASP J 973 -21.90 7.32 -4.34
N GLY J 974 -22.96 6.56 -4.55
CA GLY J 974 -24.28 7.14 -4.77
C GLY J 974 -25.14 7.17 -3.52
ZN ZN K . 59.72 -37.03 -61.87
ZN ZN L . 58.71 -40.05 -62.29
ZN ZN M . 35.75 10.76 -46.61
ZN ZN N . 34.46 12.12 -44.07
#